data_5NJ4
#
_entry.id   5NJ4
#
_cell.length_a   226.500
_cell.length_b   226.500
_cell.length_c   113.900
_cell.angle_alpha   90.00
_cell.angle_beta   90.00
_cell.angle_gamma   90.00
#
_symmetry.space_group_name_H-M   'P 43 21 2'
#
loop_
_entity.id
_entity.type
_entity.pdbx_description
1 polymer 'Photosynthetic reaction center cytochrome c subunit'
2 polymer 'Reaction center protein H chain'
3 polymer 'Reaction center protein L chain'
4 polymer 'Reaction center protein M chain'
5 non-polymer 'HEME C'
6 non-polymer 'DIACYL GLYCEROL'
7 non-polymer 'SULFATE ION'
8 non-polymer 'LAURYL DIMETHYLAMINE-N-OXIDE'
9 non-polymer HEPTANE-1,2,3-TRIOL
10 non-polymer 'BACTERIOCHLOROPHYLL B'
11 non-polymer 'BACTERIOPHEOPHYTIN B'
12 non-polymer 'FE (II) ION'
13 non-polymer MENAQUINONE-7
14 non-polymer 15-cis-1,2-dihydroneurosporene
15 water water
#
loop_
_entity_poly.entity_id
_entity_poly.type
_entity_poly.pdbx_seq_one_letter_code
_entity_poly.pdbx_strand_id
1 'polypeptide(L)'
;CFEPPPATTTQTGFRGLSMGEVLHPATVKAKKERDAQYPPALAAVKAEGPPVSQVYKNVKVLGNLTEAEFLRTMTAITEW
VSPQEGCTYCHDENNLASEAKYPYVVARRMLEMTRAINTNWTQHVAQTGVTCYTCHRGTPLPPYVRYLEPTLPLNNRETP
THVERVETRSGYVVRLAKYTAYSALNYDPFTMFLANDKRQVRVVPQTALPLVGVSRGKERRPLSDAYATFALMMSISDSL
GTNCTFCHNAQTFESWGKKSTPQRAIAWWGIRMVRDLNMNYLAPLNASLPASRLGRQGEAPQADCRTCHQGVTKPLFGAS
RLKDYPELGPIKAAAK
;
C
2 'polypeptide(L)'
;(FME)YHGALAQHLDIAQLVWYAQWLVIWTVVLLYLRREDRREGYPLVEPLGLVKLAPEDGQVYELPYPKTFVLPHGGTV
TVPRRRPETRELKLAQTDGFEGAPLQPTGNPLVDAVGPASYAERAEVVDATVDGKAKIVPLRVATDFSIAEGDVDPRGLP
VVAADGVEAGTVTDLWVDRSEHYFRYLELSVAGSARTALIPLGFCDVKKDKIVVTSILSEQFANVPRLQSRDQITLREED
KVSAYYAGGLLYATPERAESLL
;
H
3 'polypeptide(L)'
;ALLSFERKYRVRGGTLIGGDLFDFWVGPYFVGFFGVSAIFFIFLGVSLIGYAASQGPTWDPFAISINPPDLKYGLGAAPL
LEGGFWQAITVCALGAFISWMLREVEISRKLGIGWHVPLAFCVPIFMFCVLQVFRPLLLGSWGHAFPYGILSHLDWVNNF
GYQYLNWHYNPGHMSSVSFLFVNAMALGLHGGLILSVANPGDGDKVKTAEHENQYFRDVVGYSIGALSIHRLGLFLASNI
FLTGAFGTIASGPFWTRGWPEWWGWWLDIPFWS
;
L
4 'polypeptide(L)'
;ADYQTIYTQIQARGPHITVSGEWGDNDRVGKPFYSYWLGKIGDAQIGPIYLGASGIAAFAFGSTAILIILFNMAAEVHFD
PLQFFRQFFWLGLYPPKAQYGMGIPPLHDGGWWLMAGLFMTLSLGSWWIRVYSRARALGLGTHIAWNFAAAIFFVLCIGC
IHPTLVGSWSEGVPFGIWPHIDWLTAFSIRYGNFYYCPWHGFSIGFAYGCGLLFAAHGATILAVARFGGDREIEQITDRG
TAVERAALFWRWTIGFNATIESVHRWGWFFSLMVMVSASVGILLTGTFVDNWYLWCVKHGAAPDYPAYLPATPDPASLPG
APK
;
M
#
loop_
_chem_comp.id
_chem_comp.type
_chem_comp.name
_chem_comp.formula
BCB non-polymer 'BACTERIOCHLOROPHYLL B' 'C55 H72 Mg N4 O6 2'
BPB non-polymer 'BACTERIOPHEOPHYTIN B' 'C55 H74 N4 O6'
DGA non-polymer 'DIACYL GLYCEROL' 'C39 H76 O5'
FE2 non-polymer 'FE (II) ION' 'Fe 2'
HEC non-polymer 'HEME C' 'C34 H34 Fe N4 O4'
HTO non-polymer HEPTANE-1,2,3-TRIOL 'C7 H16 O3'
LDA non-polymer 'LAURYL DIMETHYLAMINE-N-OXIDE' 'C14 H31 N O'
MQ7 non-polymer MENAQUINONE-7 'C46 H64 O2'
NS5 non-polymer 15-cis-1,2-dihydroneurosporene 'C40 H60'
SO4 non-polymer 'SULFATE ION' 'O4 S -2'
#
# COMPACT_ATOMS: atom_id res chain seq x y z
N CYS A 1 -5.07 9.35 21.27
CA CYS A 1 -4.73 8.71 19.97
C CYS A 1 -5.86 7.79 19.46
N PHE A 2 -6.35 6.88 20.32
CA PHE A 2 -7.27 5.79 19.92
C PHE A 2 -8.58 5.75 20.72
N GLU A 3 -9.54 4.93 20.25
CA GLU A 3 -10.87 4.79 20.86
C GLU A 3 -11.13 3.32 21.21
N PRO A 4 -11.32 3.00 22.51
CA PRO A 4 -11.43 1.58 22.87
C PRO A 4 -12.68 0.86 22.32
N PRO A 5 -12.57 -0.45 22.04
CA PRO A 5 -13.71 -1.24 21.58
C PRO A 5 -14.71 -1.53 22.72
N PRO A 6 -15.91 -2.03 22.41
CA PRO A 6 -16.35 -2.36 21.05
C PRO A 6 -16.87 -1.16 20.25
N ALA A 7 -16.99 -1.36 18.96
CA ALA A 7 -17.61 -0.42 18.06
C ALA A 7 -18.99 -0.96 17.72
N THR A 8 -19.94 -0.06 17.53
CA THR A 8 -21.26 -0.39 17.00
C THR A 8 -21.17 -0.23 15.47
N THR A 9 -21.68 -1.21 14.74
CA THR A 9 -21.68 -1.18 13.26
C THR A 9 -23.06 -1.47 12.70
N THR A 10 -23.36 -0.91 11.53
CA THR A 10 -24.61 -1.20 10.81
C THR A 10 -24.27 -1.63 9.39
N GLN A 11 -25.29 -2.10 8.69
CA GLN A 11 -25.15 -2.53 7.30
C GLN A 11 -26.05 -1.64 6.43
N THR A 12 -25.48 -1.04 5.39
CA THR A 12 -26.22 -0.18 4.46
C THR A 12 -26.16 -0.64 3.00
N GLY A 13 -25.43 -1.71 2.73
CA GLY A 13 -25.37 -2.29 1.39
C GLY A 13 -25.40 -3.80 1.46
N PHE A 14 -25.35 -4.42 0.29
CA PHE A 14 -25.31 -5.87 0.18
C PHE A 14 -24.12 -6.39 0.97
N ARG A 15 -24.30 -7.54 1.61
CA ARG A 15 -23.24 -8.19 2.35
C ARG A 15 -21.95 -8.32 1.52
N GLY A 16 -20.83 -8.10 2.18
CA GLY A 16 -19.53 -8.15 1.55
C GLY A 16 -19.06 -6.86 0.87
N LEU A 17 -19.83 -5.79 0.96
CA LEU A 17 -19.45 -4.51 0.36
C LEU A 17 -18.83 -3.54 1.36
N SER A 18 -18.77 -3.90 2.63
CA SER A 18 -18.29 -3.03 3.70
C SER A 18 -18.93 -1.64 3.71
N MET A 19 -20.24 -1.63 3.56
CA MET A 19 -21.04 -0.42 3.62
C MET A 19 -21.76 -0.38 4.97
N GLY A 20 -21.60 0.71 5.70
CA GLY A 20 -22.37 0.92 6.91
C GLY A 20 -21.71 1.87 7.87
N GLU A 21 -22.43 2.16 8.96
CA GLU A 21 -21.97 3.07 9.98
C GLU A 21 -21.01 2.37 10.93
N VAL A 22 -20.08 3.16 11.48
CA VAL A 22 -19.15 2.72 12.51
C VAL A 22 -19.19 3.78 13.61
N LEU A 23 -19.63 3.39 14.80
CA LEU A 23 -19.97 4.32 15.87
C LEU A 23 -19.28 3.90 17.16
N HIS A 24 -18.76 4.89 17.88
CA HIS A 24 -18.20 4.71 19.21
C HIS A 24 -19.34 4.97 20.21
N PRO A 25 -19.75 3.94 20.98
CA PRO A 25 -20.90 4.08 21.90
C PRO A 25 -20.86 5.31 22.83
N ALA A 26 -19.70 5.57 23.42
CA ALA A 26 -19.53 6.72 24.32
C ALA A 26 -19.82 8.05 23.63
N THR A 27 -19.42 8.17 22.38
CA THR A 27 -19.69 9.36 21.58
C THR A 27 -21.17 9.50 21.27
N VAL A 28 -21.83 8.37 20.95
CA VAL A 28 -23.26 8.41 20.64
C VAL A 28 -24.05 8.79 21.90
N LYS A 29 -23.64 8.23 23.03
CA LYS A 29 -24.30 8.49 24.31
C LYS A 29 -24.19 9.95 24.71
N ALA A 30 -22.99 10.54 24.58
CA ALA A 30 -22.78 11.96 24.87
C ALA A 30 -23.64 12.89 24.00
N LYS A 31 -23.81 12.53 22.74
CA LYS A 31 -24.69 13.29 21.83
C LYS A 31 -26.15 13.08 22.16
N LYS A 32 -26.50 11.87 22.58
CA LYS A 32 -27.86 11.54 23.03
C LYS A 32 -28.26 12.39 24.25
N GLU A 33 -27.34 12.55 25.21
CA GLU A 33 -27.60 13.31 26.43
C GLU A 33 -27.69 14.82 26.18
N ARG A 34 -26.78 15.34 25.35
CA ARG A 34 -26.87 16.71 24.86
C ARG A 34 -28.24 16.98 24.18
N ASP A 35 -28.68 16.09 23.30
CA ASP A 35 -29.91 16.29 22.54
C ASP A 35 -31.17 16.02 23.36
N ALA A 36 -31.04 15.26 24.46
CA ALA A 36 -32.15 14.95 25.37
C ALA A 36 -32.60 16.17 26.18
N GLN A 37 -31.73 17.18 26.29
CA GLN A 37 -32.11 18.49 26.85
C GLN A 37 -33.29 19.21 26.12
N TYR A 38 -33.69 18.73 24.94
CA TYR A 38 -34.85 19.26 24.23
C TYR A 38 -36.03 19.36 25.21
N PRO A 39 -36.48 20.59 25.56
CA PRO A 39 -37.60 20.69 26.51
C PRO A 39 -38.85 19.99 26.05
N PRO A 40 -39.59 19.38 26.98
CA PRO A 40 -40.82 18.70 26.59
C PRO A 40 -41.88 19.69 26.10
N ALA A 41 -42.85 19.16 25.35
CA ALA A 41 -43.97 19.97 24.90
C ALA A 41 -44.72 20.54 26.11
N LEU A 42 -45.06 21.82 26.02
CA LEU A 42 -45.92 22.44 27.02
C LEU A 42 -47.30 21.83 26.93
N ALA A 43 -47.98 21.74 28.07
CA ALA A 43 -49.33 21.18 28.12
C ALA A 43 -50.25 21.82 27.09
N ALA A 44 -51.14 21.02 26.49
CA ALA A 44 -52.12 21.56 25.55
C ALA A 44 -53.10 22.49 26.26
N VAL A 45 -53.50 23.56 25.58
CA VAL A 45 -54.51 24.49 26.08
C VAL A 45 -55.73 24.39 25.17
N LYS A 46 -56.92 24.56 25.73
CA LYS A 46 -58.12 24.51 24.89
C LYS A 46 -58.28 25.84 24.14
N ALA A 47 -58.68 25.75 22.87
CA ALA A 47 -58.88 26.92 22.02
C ALA A 47 -60.16 27.62 22.44
N GLU A 48 -60.03 28.87 22.91
CA GLU A 48 -61.11 29.59 23.58
C GLU A 48 -61.00 31.08 23.29
N GLY A 49 -62.12 31.69 22.93
CA GLY A 49 -62.16 33.12 22.67
C GLY A 49 -61.86 33.46 21.22
N PRO A 50 -61.75 34.75 20.92
CA PRO A 50 -61.49 35.19 19.55
C PRO A 50 -60.03 34.99 19.12
N PRO A 51 -59.77 34.94 17.79
CA PRO A 51 -58.42 35.01 17.24
C PRO A 51 -57.65 36.22 17.70
N VAL A 52 -56.36 36.05 17.98
CA VAL A 52 -55.51 37.16 18.45
C VAL A 52 -55.28 38.30 17.43
N SER A 53 -55.70 38.12 16.17
CA SER A 53 -55.75 39.24 15.20
C SER A 53 -56.76 40.32 15.64
N GLN A 54 -57.82 39.92 16.34
CA GLN A 54 -58.78 40.86 16.95
C GLN A 54 -58.41 41.31 18.36
N VAL A 55 -57.67 40.50 19.11
CA VAL A 55 -57.29 40.82 20.50
C VAL A 55 -56.03 41.69 20.62
N TYR A 56 -54.97 41.32 19.89
CA TYR A 56 -53.67 42.00 19.98
C TYR A 56 -53.45 42.93 18.79
N LYS A 57 -52.42 43.77 18.88
CA LYS A 57 -52.25 44.89 17.95
C LYS A 57 -51.28 44.67 16.79
N ASN A 58 -50.28 43.79 16.95
CA ASN A 58 -49.20 43.64 15.97
C ASN A 58 -48.83 42.16 15.76
N VAL A 59 -49.84 41.36 15.41
CA VAL A 59 -49.68 39.93 15.14
C VAL A 59 -49.93 39.67 13.67
N LYS A 60 -48.85 39.50 12.90
CA LYS A 60 -48.93 39.26 11.45
C LYS A 60 -48.88 37.79 11.02
N VAL A 61 -48.20 36.93 11.78
CA VAL A 61 -48.02 35.52 11.43
C VAL A 61 -48.94 34.56 12.18
N LEU A 62 -49.07 34.75 13.49
CA LEU A 62 -49.83 33.79 14.32
C LEU A 62 -51.24 34.29 14.67
N GLY A 63 -51.83 35.09 13.78
CA GLY A 63 -53.16 35.69 14.00
C GLY A 63 -54.32 34.74 14.17
N ASN A 64 -54.25 33.57 13.54
CA ASN A 64 -55.28 32.51 13.67
C ASN A 64 -55.41 31.90 15.07
N LEU A 65 -54.38 32.03 15.89
CA LEU A 65 -54.39 31.42 17.24
C LEU A 65 -55.28 32.17 18.23
N THR A 66 -55.83 31.43 19.19
CA THR A 66 -56.49 32.05 20.34
C THR A 66 -55.43 32.53 21.33
N GLU A 67 -55.86 33.27 22.34
CA GLU A 67 -54.96 33.92 23.28
C GLU A 67 -54.10 32.91 24.05
N ALA A 68 -54.73 31.87 24.58
CA ALA A 68 -54.04 30.84 25.35
C ALA A 68 -53.06 30.06 24.48
N GLU A 69 -53.49 29.71 23.27
CA GLU A 69 -52.62 29.07 22.26
C GLU A 69 -51.40 29.93 21.93
N PHE A 70 -51.64 31.20 21.66
CA PHE A 70 -50.60 32.14 21.30
C PHE A 70 -49.57 32.37 22.41
N LEU A 71 -50.05 32.51 23.64
CA LEU A 71 -49.14 32.70 24.78
C LEU A 71 -48.34 31.43 25.07
N ARG A 72 -48.93 30.27 24.78
CA ARG A 72 -48.21 28.99 24.81
C ARG A 72 -47.06 28.98 23.78
N THR A 73 -47.35 29.38 22.54
CA THR A 73 -46.32 29.55 21.51
C THR A 73 -45.17 30.43 22.01
N MET A 74 -45.52 31.56 22.62
CA MET A 74 -44.52 32.53 23.11
C MET A 74 -43.65 32.01 24.27
N THR A 75 -44.25 31.18 25.10
CA THR A 75 -43.50 30.55 26.20
C THR A 75 -42.52 29.51 25.63
N ALA A 76 -42.97 28.74 24.64
CA ALA A 76 -42.15 27.76 23.95
C ALA A 76 -40.98 28.42 23.23
N ILE A 77 -41.27 29.51 22.51
CA ILE A 77 -40.23 30.27 21.80
C ILE A 77 -39.15 30.73 22.79
N THR A 78 -39.59 31.25 23.93
CA THR A 78 -38.68 31.75 24.97
C THR A 78 -37.78 30.62 25.48
N GLU A 79 -38.37 29.48 25.76
CA GLU A 79 -37.63 28.29 26.23
C GLU A 79 -36.58 27.83 25.20
N TRP A 80 -36.98 27.82 23.92
CA TRP A 80 -36.12 27.37 22.82
C TRP A 80 -35.01 28.33 22.41
N VAL A 81 -35.28 29.64 22.42
CA VAL A 81 -34.35 30.65 21.90
C VAL A 81 -33.66 31.45 22.98
N SER A 82 -34.41 31.88 24.00
CA SER A 82 -33.86 32.81 24.98
C SER A 82 -34.33 32.52 26.40
N PRO A 83 -34.12 31.28 26.89
CA PRO A 83 -34.54 30.90 28.24
C PRO A 83 -33.86 31.73 29.34
N GLN A 84 -32.57 32.04 29.15
CA GLN A 84 -31.82 32.85 30.13
C GLN A 84 -32.17 34.36 30.09
N GLU A 85 -32.53 34.89 28.93
CA GLU A 85 -32.81 36.32 28.78
C GLU A 85 -34.27 36.62 29.07
N GLY A 86 -35.17 35.71 28.69
CA GLY A 86 -36.60 35.81 28.98
C GLY A 86 -37.36 36.56 27.91
N CYS A 87 -38.63 36.89 28.20
CA CYS A 87 -39.52 37.58 27.26
C CYS A 87 -38.97 38.92 26.77
N THR A 88 -38.20 39.58 27.64
CA THR A 88 -37.67 40.91 27.34
C THR A 88 -36.54 40.89 26.31
N TYR A 89 -36.04 39.72 25.92
CA TYR A 89 -35.08 39.66 24.82
C TYR A 89 -35.66 40.23 23.53
N CYS A 90 -36.92 39.94 23.25
CA CYS A 90 -37.58 40.43 22.05
C CYS A 90 -38.58 41.57 22.30
N HIS A 91 -38.97 41.80 23.55
CA HIS A 91 -40.05 42.74 23.89
C HIS A 91 -39.65 43.91 24.78
N ASP A 92 -40.31 45.05 24.57
CA ASP A 92 -40.30 46.14 25.54
C ASP A 92 -41.23 45.73 26.66
N GLU A 93 -40.77 45.85 27.91
CA GLU A 93 -41.56 45.47 29.09
C GLU A 93 -42.93 46.16 29.10
N ASN A 94 -42.96 47.42 28.68
CA ASN A 94 -44.14 48.28 28.78
C ASN A 94 -45.00 48.35 27.52
N ASN A 95 -44.53 47.76 26.42
CA ASN A 95 -45.30 47.72 25.18
C ASN A 95 -44.94 46.45 24.38
N LEU A 96 -45.76 45.41 24.55
CA LEU A 96 -45.51 44.13 23.89
C LEU A 96 -45.73 44.14 22.37
N ALA A 97 -46.37 45.16 21.83
CA ALA A 97 -46.51 45.32 20.37
C ALA A 97 -45.39 46.11 19.68
N SER A 98 -44.47 46.68 20.47
CA SER A 98 -43.30 47.40 19.94
C SER A 98 -42.29 46.46 19.26
N GLU A 99 -41.80 46.90 18.09
CA GLU A 99 -40.79 46.19 17.31
C GLU A 99 -39.41 46.83 17.47
N ALA A 100 -39.20 47.58 18.53
CA ALA A 100 -38.01 48.42 18.66
C ALA A 100 -36.70 47.64 18.87
N LYS A 101 -36.81 46.43 19.44
CA LYS A 101 -35.65 45.54 19.60
C LYS A 101 -35.55 44.62 18.38
N TYR A 102 -34.34 44.49 17.85
CA TYR A 102 -34.14 43.76 16.59
C TYR A 102 -34.56 42.27 16.68
N PRO A 103 -34.37 41.62 17.84
CA PRO A 103 -34.82 40.24 17.92
C PRO A 103 -36.31 40.01 17.65
N TYR A 104 -37.14 41.03 17.90
CA TYR A 104 -38.55 40.94 17.53
C TYR A 104 -38.73 40.71 16.03
N VAL A 105 -38.16 41.58 15.20
CA VAL A 105 -38.34 41.48 13.74
C VAL A 105 -37.70 40.23 13.17
N VAL A 106 -36.52 39.88 13.69
CA VAL A 106 -35.83 38.67 13.27
C VAL A 106 -36.69 37.45 13.62
N ALA A 107 -37.22 37.41 14.84
CA ALA A 107 -38.09 36.30 15.29
C ALA A 107 -39.33 36.11 14.42
N ARG A 108 -39.87 37.21 13.90
CA ARG A 108 -41.02 37.16 12.99
C ARG A 108 -40.63 36.43 11.70
N ARG A 109 -39.48 36.80 11.15
CA ARG A 109 -38.98 36.19 9.93
C ARG A 109 -38.64 34.72 10.19
N MET A 110 -38.08 34.43 11.36
CA MET A 110 -37.81 33.05 11.78
C MET A 110 -39.05 32.19 11.91
N LEU A 111 -40.16 32.79 12.35
CA LEU A 111 -41.45 32.10 12.38
C LEU A 111 -41.90 31.71 10.97
N GLU A 112 -41.73 32.62 10.02
CA GLU A 112 -42.08 32.35 8.61
C GLU A 112 -41.15 31.27 8.03
N MET A 113 -39.85 31.41 8.30
CA MET A 113 -38.86 30.44 7.86
C MET A 113 -39.19 29.04 8.37
N THR A 114 -39.43 28.93 9.67
CA THR A 114 -39.74 27.65 10.30
C THR A 114 -41.03 27.04 9.74
N ARG A 115 -42.03 27.87 9.51
CA ARG A 115 -43.26 27.42 8.86
C ARG A 115 -42.99 26.91 7.42
N ALA A 116 -42.14 27.62 6.69
CA ALA A 116 -41.76 27.23 5.32
C ALA A 116 -41.01 25.88 5.30
N ILE A 117 -40.09 25.70 6.25
CA ILE A 117 -39.34 24.45 6.38
C ILE A 117 -40.31 23.28 6.55
N ASN A 118 -41.24 23.41 7.49
CA ASN A 118 -42.19 22.33 7.81
C ASN A 118 -43.31 22.11 6.77
N THR A 119 -43.51 23.07 5.86
CA THR A 119 -44.55 23.00 4.82
C THR A 119 -43.99 22.68 3.42
N ASN A 120 -42.95 23.41 3.00
CA ASN A 120 -42.37 23.29 1.67
C ASN A 120 -41.23 22.29 1.54
N TRP A 121 -40.64 21.89 2.67
CA TRP A 121 -39.45 21.03 2.65
C TRP A 121 -39.64 19.72 3.40
N THR A 122 -40.87 19.19 3.34
CA THR A 122 -41.19 17.88 3.91
C THR A 122 -40.41 16.73 3.26
N GLN A 123 -40.00 16.92 2.00
CA GLN A 123 -39.08 16.00 1.31
C GLN A 123 -37.78 15.78 2.10
N HIS A 124 -37.35 16.78 2.88
CA HIS A 124 -36.22 16.61 3.80
C HIS A 124 -36.59 16.35 5.26
N VAL A 125 -37.47 17.16 5.84
CA VAL A 125 -37.77 17.03 7.28
C VAL A 125 -38.91 16.05 7.61
N ALA A 126 -39.62 15.56 6.60
CA ALA A 126 -40.66 14.52 6.76
C ALA A 126 -41.71 14.90 7.84
N GLN A 127 -42.19 13.95 8.65
CA GLN A 127 -43.15 14.25 9.74
C GLN A 127 -42.43 14.69 11.04
N THR A 128 -41.10 14.65 11.05
CA THR A 128 -40.33 15.06 12.22
C THR A 128 -40.34 16.56 12.40
N GLY A 129 -40.06 17.29 11.33
CA GLY A 129 -40.06 18.75 11.35
C GLY A 129 -38.96 19.39 12.17
N VAL A 130 -38.97 20.72 12.19
CA VAL A 130 -38.06 21.49 13.02
C VAL A 130 -38.85 22.46 13.89
N THR A 131 -38.27 22.79 15.03
CA THR A 131 -38.70 23.93 15.85
C THR A 131 -37.53 24.88 15.93
N CYS A 132 -37.72 25.98 16.67
CA CYS A 132 -36.64 26.93 16.94
C CYS A 132 -35.47 26.24 17.63
N TYR A 133 -35.78 25.26 18.49
CA TYR A 133 -34.75 24.58 19.26
C TYR A 133 -33.76 23.83 18.38
N THR A 134 -34.25 23.23 17.30
CA THR A 134 -33.40 22.42 16.40
C THR A 134 -32.08 23.12 16.06
N CYS A 135 -32.16 24.42 15.76
CA CYS A 135 -30.97 25.23 15.49
C CYS A 135 -30.45 25.90 16.76
N HIS A 136 -31.32 26.58 17.49
CA HIS A 136 -30.90 27.50 18.57
C HIS A 136 -30.37 26.83 19.82
N ARG A 137 -30.97 25.71 20.22
CA ARG A 137 -30.55 24.95 21.39
C ARG A 137 -30.45 25.83 22.64
N GLY A 138 -31.45 26.69 22.83
CA GLY A 138 -31.52 27.53 24.03
C GLY A 138 -30.61 28.74 24.12
N THR A 139 -30.09 29.20 22.98
CA THR A 139 -29.39 30.49 22.92
C THR A 139 -29.83 31.28 21.67
N PRO A 140 -29.87 32.63 21.76
CA PRO A 140 -30.23 33.47 20.61
C PRO A 140 -29.34 33.24 19.40
N LEU A 141 -28.03 33.16 19.62
CA LEU A 141 -27.07 32.79 18.58
C LEU A 141 -26.99 31.27 18.54
N PRO A 142 -27.38 30.63 17.40
CA PRO A 142 -27.19 29.18 17.29
C PRO A 142 -25.72 28.78 17.38
N PRO A 143 -25.41 27.67 18.06
CA PRO A 143 -24.00 27.29 18.24
C PRO A 143 -23.23 26.97 16.95
N TYR A 144 -23.93 26.53 15.89
CA TYR A 144 -23.31 26.13 14.63
C TYR A 144 -23.87 26.91 13.44
N VAL A 145 -23.13 27.95 13.07
CA VAL A 145 -23.45 28.81 11.95
C VAL A 145 -22.22 29.02 11.08
N ARG A 146 -22.42 29.59 9.91
CA ARG A 146 -21.33 29.83 8.98
C ARG A 146 -21.35 31.27 8.51
N TYR A 147 -20.14 31.82 8.37
CA TYR A 147 -19.91 33.08 7.66
C TYR A 147 -19.42 32.75 6.25
N LEU A 148 -19.18 33.78 5.44
CA LEU A 148 -18.66 33.60 4.07
C LEU A 148 -17.15 33.31 4.05
N GLU A 149 -16.55 33.15 5.23
CA GLU A 149 -15.25 32.51 5.36
C GLU A 149 -15.28 31.57 6.60
N PRO A 150 -14.37 30.59 6.65
CA PRO A 150 -14.44 29.66 7.77
C PRO A 150 -13.97 30.25 9.10
N THR A 151 -14.60 29.77 10.18
CA THR A 151 -14.34 30.23 11.54
C THR A 151 -14.14 29.06 12.47
N LEU A 152 -13.32 29.28 13.51
CA LEU A 152 -13.15 28.34 14.60
C LEU A 152 -13.39 29.07 15.93
N PRO A 153 -13.94 28.39 16.93
CA PRO A 153 -14.35 27.00 16.83
C PRO A 153 -15.67 26.85 16.08
N LEU A 154 -16.00 25.61 15.73
CA LEU A 154 -17.26 25.29 15.06
C LEU A 154 -18.43 25.67 15.97
N ASN A 155 -18.31 25.32 17.25
CA ASN A 155 -19.27 25.74 18.26
C ASN A 155 -18.88 27.14 18.72
N ASN A 156 -19.69 28.14 18.36
CA ASN A 156 -19.37 29.52 18.76
C ASN A 156 -19.51 29.79 20.29
N ARG A 157 -20.01 28.83 21.06
CA ARG A 157 -19.99 28.89 22.54
C ARG A 157 -18.61 28.72 23.16
N GLU A 158 -17.70 28.07 22.45
CA GLU A 158 -16.32 27.94 22.90
C GLU A 158 -15.55 29.20 22.53
N THR A 159 -14.51 29.48 23.33
CA THR A 159 -13.72 30.71 23.17
C THR A 159 -12.59 30.43 22.20
N PRO A 160 -12.42 31.28 21.17
CA PRO A 160 -11.33 31.04 20.22
C PRO A 160 -9.96 31.40 20.77
N THR A 161 -8.95 30.61 20.37
CA THR A 161 -7.54 30.98 20.56
C THR A 161 -7.16 32.10 19.58
N HIS A 162 -5.96 32.66 19.76
CA HIS A 162 -5.48 33.75 18.88
C HIS A 162 -5.40 33.29 17.42
N VAL A 163 -4.89 32.08 17.20
CA VAL A 163 -4.73 31.55 15.84
C VAL A 163 -6.09 31.23 15.20
N GLU A 164 -7.00 30.66 15.99
CA GLU A 164 -8.36 30.37 15.53
C GLU A 164 -9.15 31.58 15.08
N ARG A 165 -8.84 32.75 15.65
CA ARG A 165 -9.57 33.97 15.32
C ARG A 165 -9.43 34.29 13.84
N VAL A 166 -10.51 34.74 13.21
CA VAL A 166 -10.54 34.91 11.76
C VAL A 166 -9.53 35.94 11.20
N GLU A 167 -9.10 36.88 12.04
CA GLU A 167 -8.17 37.95 11.61
C GLU A 167 -6.72 37.48 11.57
N THR A 168 -6.38 36.46 12.37
CA THR A 168 -5.06 35.84 12.33
C THR A 168 -4.90 34.99 11.04
N ARG A 169 -4.20 35.56 10.06
CA ARG A 169 -4.05 34.92 8.73
C ARG A 169 -3.32 33.57 8.74
N SER A 170 -2.40 33.37 9.68
CA SER A 170 -1.62 32.12 9.78
C SER A 170 -2.44 30.87 10.13
N GLY A 171 -3.67 31.06 10.63
CA GLY A 171 -4.54 29.95 11.03
C GLY A 171 -5.61 29.57 10.03
N TYR A 172 -5.56 30.14 8.82
CA TYR A 172 -6.57 29.92 7.78
C TYR A 172 -6.67 28.44 7.36
N VAL A 173 -5.53 27.81 7.13
CA VAL A 173 -5.48 26.42 6.73
C VAL A 173 -6.11 25.50 7.77
N VAL A 174 -5.86 25.76 9.05
CA VAL A 174 -6.49 24.99 10.14
C VAL A 174 -7.99 25.27 10.24
N ARG A 175 -8.42 26.51 9.99
CA ARG A 175 -9.84 26.84 9.99
C ARG A 175 -10.58 26.04 8.92
N LEU A 176 -9.94 25.93 7.76
CA LEU A 176 -10.49 25.25 6.60
C LEU A 176 -10.48 23.72 6.81
N ALA A 177 -9.39 23.21 7.37
CA ALA A 177 -9.24 21.78 7.62
C ALA A 177 -10.33 21.23 8.52
N LYS A 178 -10.56 21.91 9.64
CA LYS A 178 -11.57 21.48 10.61
C LYS A 178 -13.02 21.56 10.10
N TYR A 179 -13.26 22.30 9.02
CA TYR A 179 -14.56 22.29 8.37
C TYR A 179 -14.68 21.16 7.34
N THR A 180 -13.55 20.55 6.95
CA THR A 180 -13.54 19.45 5.99
C THR A 180 -12.97 18.19 6.60
N ALA A 181 -13.36 17.94 7.84
CA ALA A 181 -12.99 16.75 8.61
C ALA A 181 -11.48 16.49 8.69
N TYR A 182 -10.72 17.58 8.82
CA TYR A 182 -9.24 17.59 8.99
C TYR A 182 -8.45 17.29 7.73
N SER A 183 -9.12 17.29 6.58
CA SER A 183 -8.44 17.12 5.30
C SER A 183 -7.68 18.40 4.95
N ALA A 184 -6.71 18.26 4.06
CA ALA A 184 -5.96 19.39 3.53
C ALA A 184 -6.60 19.98 2.28
N LEU A 185 -7.86 19.66 1.99
CA LEU A 185 -8.53 20.13 0.78
C LEU A 185 -8.69 21.64 0.86
N ASN A 186 -8.29 22.33 -0.19
CA ASN A 186 -8.10 23.79 -0.17
C ASN A 186 -9.32 24.52 -0.73
N TYR A 187 -10.49 24.15 -0.23
CA TYR A 187 -11.76 24.65 -0.76
C TYR A 187 -12.71 24.78 0.41
N ASP A 188 -13.48 25.87 0.40
CA ASP A 188 -14.51 26.10 1.40
C ASP A 188 -15.84 25.68 0.79
N PRO A 189 -16.35 24.48 1.17
CA PRO A 189 -17.58 24.02 0.54
C PRO A 189 -18.85 24.77 0.92
N PHE A 190 -18.84 25.51 2.04
CA PHE A 190 -20.01 26.30 2.40
C PHE A 190 -20.30 27.40 1.37
N THR A 191 -19.31 28.25 1.11
CA THR A 191 -19.47 29.38 0.19
C THR A 191 -19.64 28.91 -1.25
N MET A 192 -18.92 27.84 -1.61
CA MET A 192 -19.03 27.25 -2.94
C MET A 192 -20.40 26.61 -3.22
N PHE A 193 -20.93 25.82 -2.29
CA PHE A 193 -22.13 25.00 -2.57
C PHE A 193 -23.41 25.29 -1.79
N LEU A 194 -23.30 25.82 -0.56
CA LEU A 194 -24.48 25.95 0.31
C LEU A 194 -25.01 27.37 0.47
N ALA A 195 -24.19 28.40 0.22
CA ALA A 195 -24.65 29.79 0.32
C ALA A 195 -25.61 30.19 -0.79
N ASN A 196 -25.48 29.57 -1.94
CA ASN A 196 -26.35 29.84 -3.10
C ASN A 196 -26.37 28.64 -4.06
N ASP A 197 -27.17 28.78 -5.13
CA ASP A 197 -27.38 27.70 -6.12
C ASP A 197 -26.54 27.84 -7.42
N LYS A 198 -25.40 28.50 -7.34
CA LYS A 198 -24.63 28.82 -8.54
C LYS A 198 -23.78 27.66 -9.04
N ARG A 199 -23.31 26.80 -8.15
CA ARG A 199 -22.42 25.69 -8.52
C ARG A 199 -23.11 24.32 -8.54
N GLN A 200 -22.64 23.49 -9.47
CA GLN A 200 -23.09 22.12 -9.61
C GLN A 200 -22.16 21.24 -8.77
N VAL A 201 -22.75 20.39 -7.92
CA VAL A 201 -22.00 19.46 -7.08
C VAL A 201 -21.45 18.27 -7.91
N ARG A 202 -22.20 17.83 -8.91
CA ARG A 202 -21.84 16.67 -9.72
C ARG A 202 -20.68 17.02 -10.63
N VAL A 203 -19.67 16.16 -10.66
CA VAL A 203 -18.47 16.33 -11.49
C VAL A 203 -18.11 15.11 -12.36
N VAL A 204 -18.72 13.95 -12.13
CA VAL A 204 -18.29 12.74 -12.77
C VAL A 204 -19.06 12.61 -14.09
N PRO A 205 -18.36 12.39 -15.21
CA PRO A 205 -19.09 12.21 -16.46
C PRO A 205 -20.00 10.99 -16.42
N GLN A 206 -21.13 11.11 -17.10
CA GLN A 206 -22.12 10.02 -17.19
C GLN A 206 -21.98 9.21 -18.50
N THR A 207 -20.81 9.26 -19.14
CA THR A 207 -20.48 8.43 -20.31
C THR A 207 -19.11 7.78 -20.10
N ALA A 208 -18.95 6.59 -20.67
CA ALA A 208 -17.68 5.87 -20.65
C ALA A 208 -16.57 6.65 -21.35
N LEU A 209 -16.86 7.13 -22.55
CA LEU A 209 -15.88 7.86 -23.36
C LEU A 209 -16.09 9.36 -23.25
N PRO A 210 -15.02 10.17 -23.46
CA PRO A 210 -15.20 11.61 -23.35
C PRO A 210 -15.93 12.17 -24.57
N LEU A 211 -17.00 12.92 -24.32
CA LEU A 211 -17.78 13.55 -25.38
C LEU A 211 -16.98 14.66 -26.05
N VAL A 212 -16.97 14.67 -27.39
CA VAL A 212 -16.29 15.72 -28.15
C VAL A 212 -17.07 17.02 -28.00
N GLY A 213 -16.36 18.09 -27.65
CA GLY A 213 -16.96 19.39 -27.41
C GLY A 213 -17.07 19.80 -25.95
N VAL A 214 -16.88 18.87 -25.01
CA VAL A 214 -16.79 19.22 -23.57
C VAL A 214 -15.53 18.70 -22.89
N SER A 215 -14.61 18.11 -23.66
CA SER A 215 -13.55 17.26 -23.10
C SER A 215 -12.13 17.75 -23.37
N ARG A 216 -11.95 18.94 -23.94
CA ARG A 216 -10.60 19.46 -24.23
C ARG A 216 -10.47 20.94 -23.86
N GLY A 217 -9.36 21.28 -23.20
CA GLY A 217 -9.01 22.66 -22.95
C GLY A 217 -9.98 23.38 -22.04
N LYS A 218 -10.31 24.62 -22.41
CA LYS A 218 -11.25 25.45 -21.66
C LYS A 218 -12.69 24.97 -21.69
N GLU A 219 -13.01 23.98 -22.54
CA GLU A 219 -14.33 23.34 -22.52
C GLU A 219 -14.54 22.54 -21.21
N ARG A 220 -13.43 22.13 -20.58
CA ARG A 220 -13.46 21.23 -19.44
C ARG A 220 -13.60 21.99 -18.15
N ARG A 221 -14.39 21.42 -17.25
CA ARG A 221 -14.33 21.81 -15.85
C ARG A 221 -12.93 21.51 -15.31
N PRO A 222 -12.38 22.45 -14.51
CA PRO A 222 -11.05 22.18 -13.96
C PRO A 222 -11.13 21.08 -12.90
N LEU A 223 -10.02 20.40 -12.64
CA LEU A 223 -10.02 19.31 -11.68
C LEU A 223 -10.41 19.79 -10.28
N SER A 224 -10.17 21.08 -10.00
CA SER A 224 -10.54 21.71 -8.73
C SER A 224 -11.99 21.46 -8.30
N ASP A 225 -12.91 21.34 -9.26
CA ASP A 225 -14.31 21.07 -8.94
C ASP A 225 -14.50 19.71 -8.25
N ALA A 226 -13.65 18.75 -8.61
CA ALA A 226 -13.66 17.43 -8.01
C ALA A 226 -13.12 17.46 -6.58
N TYR A 227 -12.02 18.18 -6.37
CA TYR A 227 -11.52 18.45 -5.01
C TYR A 227 -12.61 19.12 -4.13
N ALA A 228 -13.32 20.07 -4.70
CA ALA A 228 -14.32 20.84 -3.96
C ALA A 228 -15.51 19.99 -3.61
N THR A 229 -15.96 19.18 -4.55
CA THR A 229 -17.05 18.24 -4.29
C THR A 229 -16.65 17.25 -3.17
N PHE A 230 -15.42 16.75 -3.25
CA PHE A 230 -14.92 15.87 -2.22
C PHE A 230 -14.93 16.60 -0.87
N ALA A 231 -14.49 17.86 -0.86
CA ALA A 231 -14.47 18.67 0.36
C ALA A 231 -15.88 18.87 0.91
N LEU A 232 -16.85 19.12 0.02
CA LEU A 232 -18.25 19.20 0.46
C LEU A 232 -18.68 17.90 1.14
N MET A 233 -18.27 16.78 0.55
CA MET A 233 -18.66 15.47 1.05
C MET A 233 -18.00 15.10 2.38
N MET A 234 -16.76 15.54 2.56
CA MET A 234 -16.09 15.41 3.87
C MET A 234 -16.87 16.17 4.95
N SER A 235 -17.20 17.41 4.63
CA SER A 235 -17.92 18.33 5.51
C SER A 235 -19.30 17.81 5.87
N ILE A 236 -20.06 17.36 4.86
CA ILE A 236 -21.38 16.74 5.05
C ILE A 236 -21.29 15.52 5.98
N SER A 237 -20.34 14.65 5.71
CA SER A 237 -20.14 13.45 6.50
C SER A 237 -19.91 13.77 7.98
N ASP A 238 -18.96 14.66 8.23
CA ASP A 238 -18.65 15.07 9.59
C ASP A 238 -19.82 15.76 10.31
N SER A 239 -20.59 16.54 9.57
CA SER A 239 -21.75 17.24 10.10
C SER A 239 -22.91 16.33 10.53
N LEU A 240 -23.02 15.15 9.91
CA LEU A 240 -24.02 14.16 10.30
C LEU A 240 -23.43 13.06 11.17
N GLY A 241 -22.14 13.13 11.52
CA GLY A 241 -21.45 12.05 12.26
C GLY A 241 -21.51 10.70 11.57
N THR A 242 -21.30 10.68 10.25
CA THR A 242 -21.32 9.45 9.48
C THR A 242 -20.21 9.41 8.43
N ASN A 243 -20.24 8.39 7.59
CA ASN A 243 -19.24 8.23 6.53
C ASN A 243 -19.92 8.12 5.15
N CYS A 244 -19.12 8.03 4.09
CA CYS A 244 -19.63 8.03 2.72
C CYS A 244 -20.64 6.92 2.44
N THR A 245 -20.41 5.75 3.05
CA THR A 245 -21.21 4.56 2.74
C THR A 245 -22.62 4.58 3.30
N PHE A 246 -22.91 5.61 4.10
CA PHE A 246 -24.26 5.89 4.57
C PHE A 246 -25.15 6.27 3.39
N CYS A 247 -24.55 6.92 2.39
CA CYS A 247 -25.27 7.40 1.21
C CYS A 247 -24.88 6.75 -0.11
N HIS A 248 -23.64 6.28 -0.23
CA HIS A 248 -23.08 5.80 -1.51
C HIS A 248 -22.56 4.39 -1.42
N ASN A 249 -22.70 3.65 -2.51
CA ASN A 249 -21.82 2.51 -2.77
C ASN A 249 -20.67 3.13 -3.56
N ALA A 250 -19.47 3.15 -2.98
CA ALA A 250 -18.30 3.80 -3.56
C ALA A 250 -17.83 3.17 -4.88
N GLN A 251 -18.36 2.00 -5.23
CA GLN A 251 -18.19 1.44 -6.57
C GLN A 251 -18.43 2.50 -7.64
N THR A 252 -19.49 3.27 -7.46
CA THR A 252 -19.86 4.35 -8.36
C THR A 252 -20.61 5.45 -7.61
N PHE A 253 -19.84 6.44 -7.14
CA PHE A 253 -20.40 7.61 -6.44
C PHE A 253 -21.49 8.32 -7.21
N GLU A 254 -21.30 8.37 -8.54
CA GLU A 254 -22.21 9.07 -9.45
C GLU A 254 -23.55 8.36 -9.75
N SER A 255 -23.69 7.08 -9.40
CA SER A 255 -24.89 6.32 -9.74
C SER A 255 -25.96 6.35 -8.65
N TRP A 256 -27.21 6.36 -9.08
CA TRP A 256 -28.35 6.24 -8.19
C TRP A 256 -28.85 4.80 -8.30
N GLY A 257 -30.16 4.54 -8.15
CA GLY A 257 -30.67 3.17 -8.18
C GLY A 257 -30.15 2.39 -6.99
N LYS A 258 -29.59 1.21 -7.25
CA LYS A 258 -29.08 0.34 -6.19
C LYS A 258 -27.74 0.81 -5.64
N LYS A 259 -27.14 1.80 -6.30
CA LYS A 259 -25.83 2.29 -5.91
C LYS A 259 -25.93 3.39 -4.85
N SER A 260 -27.16 3.82 -4.53
CA SER A 260 -27.38 4.80 -3.49
C SER A 260 -28.45 4.38 -2.51
N THR A 261 -28.33 4.87 -1.29
CA THR A 261 -29.32 4.64 -0.24
C THR A 261 -30.37 5.76 -0.27
N PRO A 262 -31.56 5.53 0.33
CA PRO A 262 -32.60 6.58 0.39
C PRO A 262 -32.11 7.85 1.09
N GLN A 263 -31.17 7.69 2.01
CA GLN A 263 -30.53 8.79 2.72
C GLN A 263 -29.82 9.75 1.77
N ARG A 264 -29.25 9.23 0.68
CA ARG A 264 -28.67 10.07 -0.34
C ARG A 264 -29.69 11.01 -0.98
N ALA A 265 -30.89 10.51 -1.27
CA ALA A 265 -31.94 11.34 -1.87
C ALA A 265 -32.40 12.40 -0.86
N ILE A 266 -32.53 12.01 0.39
CA ILE A 266 -32.92 12.95 1.45
C ILE A 266 -31.86 14.06 1.59
N ALA A 267 -30.59 13.68 1.58
CA ALA A 267 -29.48 14.63 1.58
C ALA A 267 -29.52 15.60 0.40
N TRP A 268 -29.96 15.09 -0.77
CA TRP A 268 -30.06 15.90 -1.99
C TRP A 268 -31.05 17.04 -1.76
N TRP A 269 -32.24 16.69 -1.27
CA TRP A 269 -33.26 17.67 -0.87
C TRP A 269 -32.76 18.62 0.21
N GLY A 270 -31.92 18.11 1.11
CA GLY A 270 -31.26 18.93 2.12
C GLY A 270 -30.37 20.02 1.56
N ILE A 271 -29.63 19.72 0.50
CA ILE A 271 -28.81 20.75 -0.16
C ILE A 271 -29.69 21.87 -0.71
N ARG A 272 -30.84 21.51 -1.29
CA ARG A 272 -31.76 22.49 -1.84
C ARG A 272 -32.44 23.34 -0.77
N MET A 273 -32.87 22.69 0.32
CA MET A 273 -33.46 23.38 1.44
C MET A 273 -32.50 24.41 2.04
N VAL A 274 -31.24 24.02 2.25
CA VAL A 274 -30.25 24.92 2.85
C VAL A 274 -29.99 26.13 1.96
N ARG A 275 -29.97 25.91 0.65
CA ARG A 275 -29.82 27.01 -0.31
C ARG A 275 -30.98 27.98 -0.21
N ASP A 276 -32.20 27.45 -0.18
CA ASP A 276 -33.40 28.26 -0.04
C ASP A 276 -33.36 29.09 1.25
N LEU A 277 -33.01 28.44 2.36
CA LEU A 277 -32.94 29.09 3.67
C LEU A 277 -31.93 30.22 3.69
N ASN A 278 -30.74 29.94 3.17
CA ASN A 278 -29.68 30.94 3.14
C ASN A 278 -29.99 32.14 2.23
N MET A 279 -30.38 31.87 0.98
CA MET A 279 -30.62 32.92 -0.01
C MET A 279 -31.84 33.80 0.32
N ASN A 280 -32.91 33.17 0.77
CA ASN A 280 -34.22 33.81 0.94
C ASN A 280 -34.64 34.16 2.37
N TYR A 281 -34.06 33.54 3.38
CA TYR A 281 -34.43 33.84 4.78
C TYR A 281 -33.27 34.37 5.63
N LEU A 282 -32.10 33.74 5.56
CA LEU A 282 -31.02 34.07 6.48
C LEU A 282 -30.10 35.20 6.00
N ALA A 283 -29.69 35.18 4.72
CA ALA A 283 -28.75 36.19 4.21
C ALA A 283 -29.32 37.61 4.15
N PRO A 284 -30.62 37.78 3.78
CA PRO A 284 -31.26 39.12 3.86
C PRO A 284 -31.31 39.77 5.25
N LEU A 285 -31.12 39.00 6.32
CA LEU A 285 -31.16 39.53 7.69
C LEU A 285 -29.97 40.41 8.09
N ASN A 286 -28.98 40.58 7.22
CA ASN A 286 -27.89 41.53 7.53
C ASN A 286 -28.35 42.98 7.67
N ALA A 287 -29.46 43.34 7.01
CA ALA A 287 -30.15 44.63 7.19
C ALA A 287 -30.71 44.82 8.60
N SER A 288 -31.27 43.76 9.19
CA SER A 288 -31.93 43.81 10.49
C SER A 288 -31.09 43.41 11.69
N LEU A 289 -29.80 43.14 11.50
CA LEU A 289 -28.94 42.67 12.61
C LEU A 289 -27.93 43.74 12.95
N PRO A 290 -27.48 43.79 14.22
CA PRO A 290 -26.38 44.70 14.56
C PRO A 290 -25.06 44.28 13.93
N ALA A 291 -24.11 45.20 13.90
CA ALA A 291 -22.81 44.96 13.26
C ALA A 291 -21.95 43.92 13.98
N SER A 292 -22.18 43.75 15.28
CA SER A 292 -21.45 42.73 16.05
C SER A 292 -21.90 41.28 15.75
N ARG A 293 -23.03 41.09 15.07
CA ARG A 293 -23.46 39.77 14.56
C ARG A 293 -22.95 39.46 13.16
N LEU A 294 -22.67 40.49 12.37
CA LEU A 294 -22.25 40.31 10.98
C LEU A 294 -20.80 39.85 10.88
N GLY A 295 -20.46 39.19 9.79
CA GLY A 295 -19.08 38.82 9.50
C GLY A 295 -18.32 39.94 8.81
N ARG A 296 -17.05 39.68 8.50
CA ARG A 296 -16.16 40.69 7.93
C ARG A 296 -16.55 41.24 6.55
N GLN A 297 -17.50 40.61 5.86
CA GLN A 297 -18.03 41.13 4.59
C GLN A 297 -19.49 41.60 4.73
N GLY A 298 -19.90 41.95 5.96
CA GLY A 298 -21.27 42.39 6.24
C GLY A 298 -22.36 41.34 6.07
N GLU A 299 -21.97 40.06 6.17
CA GLU A 299 -22.89 38.95 5.97
C GLU A 299 -23.49 38.52 7.32
N ALA A 300 -24.76 38.13 7.28
CA ALA A 300 -25.39 37.50 8.43
C ALA A 300 -24.86 36.07 8.59
N PRO A 301 -24.92 35.52 9.82
CA PRO A 301 -24.58 34.10 9.96
C PRO A 301 -25.63 33.24 9.26
N GLN A 302 -25.17 32.18 8.59
CA GLN A 302 -26.02 31.32 7.78
C GLN A 302 -25.92 29.85 8.22
N ALA A 303 -26.70 28.99 7.57
CA ALA A 303 -26.89 27.62 7.98
C ALA A 303 -26.19 26.64 7.05
N ASP A 304 -25.65 25.58 7.64
CA ASP A 304 -25.19 24.42 6.88
C ASP A 304 -25.89 23.19 7.46
N CYS A 305 -25.40 21.99 7.16
CA CYS A 305 -26.03 20.76 7.63
C CYS A 305 -25.90 20.62 9.14
N ARG A 306 -24.75 21.04 9.66
CA ARG A 306 -24.45 20.95 11.08
C ARG A 306 -25.38 21.79 11.95
N THR A 307 -25.84 22.94 11.44
CA THR A 307 -26.73 23.85 12.17
C THR A 307 -27.89 23.12 12.84
N CYS A 308 -28.54 22.23 12.10
CA CYS A 308 -29.60 21.36 12.64
C CYS A 308 -29.07 20.03 13.19
N HIS A 309 -28.21 19.36 12.43
CA HIS A 309 -27.80 17.98 12.72
C HIS A 309 -26.84 17.82 13.89
N GLN A 310 -25.88 18.71 13.97
CA GLN A 310 -24.90 18.75 15.07
C GLN A 310 -24.27 17.38 15.34
N GLY A 311 -23.77 16.76 14.27
CA GLY A 311 -23.04 15.51 14.34
C GLY A 311 -23.89 14.26 14.44
N VAL A 312 -25.19 14.36 14.12
CA VAL A 312 -26.14 13.24 14.22
C VAL A 312 -26.92 13.13 12.91
N THR A 313 -27.15 11.89 12.46
CA THR A 313 -27.78 11.64 11.17
C THR A 313 -29.21 12.17 11.10
N LYS A 314 -29.94 12.09 12.21
CA LYS A 314 -31.21 12.80 12.38
C LYS A 314 -30.99 13.83 13.46
N PRO A 315 -31.40 15.10 13.24
CA PRO A 315 -31.24 16.06 14.31
C PRO A 315 -31.97 15.61 15.55
N LEU A 316 -31.32 15.69 16.71
CA LEU A 316 -31.93 15.31 17.98
C LEU A 316 -32.48 13.88 17.98
N PHE A 317 -31.80 12.98 17.25
CA PHE A 317 -32.16 11.57 17.16
C PHE A 317 -33.63 11.33 16.76
N GLY A 318 -34.15 12.20 15.91
CA GLY A 318 -35.52 12.10 15.40
C GLY A 318 -36.63 12.64 16.31
N ALA A 319 -36.27 13.37 17.36
CA ALA A 319 -37.26 13.96 18.27
C ALA A 319 -38.11 14.99 17.53
N SER A 320 -39.41 14.98 17.80
CA SER A 320 -40.38 15.81 17.08
C SER A 320 -41.31 16.55 18.06
N ARG A 321 -41.74 17.75 17.68
CA ARG A 321 -42.76 18.51 18.41
C ARG A 321 -43.80 19.04 17.45
N LEU A 322 -43.92 18.39 16.29
CA LEU A 322 -44.76 18.84 15.20
C LEU A 322 -46.24 18.80 15.59
N LYS A 323 -46.66 17.69 16.18
CA LYS A 323 -48.04 17.50 16.63
C LYS A 323 -48.38 18.40 17.82
N ASP A 324 -47.37 18.69 18.63
CA ASP A 324 -47.51 19.55 19.80
C ASP A 324 -47.58 21.03 19.46
N TYR A 325 -47.04 21.43 18.31
CA TYR A 325 -47.10 22.84 17.88
C TYR A 325 -47.49 22.99 16.39
N PRO A 326 -48.77 22.70 16.06
CA PRO A 326 -49.28 22.82 14.68
C PRO A 326 -49.01 24.16 14.02
N GLU A 327 -49.00 25.23 14.82
CA GLU A 327 -48.72 26.57 14.33
C GLU A 327 -47.33 26.79 13.68
N LEU A 328 -46.39 25.86 13.90
CA LEU A 328 -45.09 25.91 13.22
C LEU A 328 -45.04 25.11 11.89
N GLY A 329 -46.16 24.50 11.52
CA GLY A 329 -46.30 23.81 10.23
C GLY A 329 -46.58 22.32 10.41
N PRO A 330 -47.02 21.63 9.37
CA PRO A 330 -47.27 22.19 8.03
C PRO A 330 -48.54 23.05 7.98
N ILE A 331 -48.49 24.12 7.18
CA ILE A 331 -49.62 25.03 6.97
C ILE A 331 -50.38 24.68 5.68
N LYS A 332 -51.70 24.52 5.77
CA LYS A 332 -52.57 24.42 4.58
C LYS A 332 -52.82 25.83 4.02
N FME B 1 -20.40 12.91 -30.65
CN FME B 1 -21.36 12.18 -29.99
O1 FME B 1 -22.10 11.45 -30.63
CA FME B 1 -19.24 12.08 -30.97
CB FME B 1 -18.48 12.74 -32.11
CG FME B 1 -19.18 12.52 -33.45
SD FME B 1 -18.62 13.74 -34.59
CE FME B 1 -16.86 13.79 -34.66
C FME B 1 -18.31 11.89 -29.80
O FME B 1 -18.32 12.70 -28.87
N TYR B 2 -17.49 10.84 -29.85
CA TYR B 2 -16.65 10.44 -28.71
C TYR B 2 -15.19 10.29 -29.05
N HIS B 3 -14.34 10.95 -28.25
CA HIS B 3 -12.91 10.69 -28.27
C HIS B 3 -12.68 9.23 -27.90
N GLY B 4 -11.93 8.51 -28.73
CA GLY B 4 -11.58 7.11 -28.48
C GLY B 4 -12.47 6.07 -29.13
N ALA B 5 -13.64 6.48 -29.62
CA ALA B 5 -14.56 5.58 -30.33
C ALA B 5 -14.00 5.17 -31.68
N LEU B 6 -14.16 3.90 -32.03
CA LEU B 6 -13.92 3.39 -33.39
C LEU B 6 -15.20 2.74 -33.88
N ALA B 7 -15.19 2.20 -35.10
CA ALA B 7 -16.40 1.62 -35.69
C ALA B 7 -16.81 0.32 -34.99
N GLN B 8 -18.12 0.07 -34.90
CA GLN B 8 -18.68 -1.24 -34.50
C GLN B 8 -18.42 -1.62 -33.01
N HIS B 9 -18.75 -0.70 -32.09
CA HIS B 9 -18.61 -0.88 -30.63
C HIS B 9 -17.18 -1.11 -30.08
N LEU B 10 -16.17 -0.68 -30.84
CA LEU B 10 -14.76 -0.76 -30.45
C LEU B 10 -14.27 0.59 -29.94
N ASP B 11 -13.36 0.58 -28.97
CA ASP B 11 -12.67 1.80 -28.58
C ASP B 11 -11.18 1.57 -28.35
N ILE B 12 -10.44 2.66 -28.29
CA ILE B 12 -8.99 2.57 -28.23
C ILE B 12 -8.52 1.78 -27.01
N ALA B 13 -9.10 2.07 -25.84
CA ALA B 13 -8.66 1.42 -24.59
C ALA B 13 -8.91 -0.08 -24.62
N GLN B 14 -10.01 -0.49 -25.23
CA GLN B 14 -10.29 -1.91 -25.47
C GLN B 14 -9.20 -2.61 -26.29
N LEU B 15 -8.69 -1.95 -27.32
CA LEU B 15 -7.59 -2.52 -28.13
C LEU B 15 -6.30 -2.60 -27.32
N VAL B 16 -5.99 -1.55 -26.56
CA VAL B 16 -4.76 -1.51 -25.77
C VAL B 16 -4.77 -2.61 -24.68
N TRP B 17 -5.95 -2.98 -24.18
CA TRP B 17 -6.11 -4.11 -23.25
C TRP B 17 -5.57 -5.39 -23.84
N TYR B 18 -6.01 -5.72 -25.05
CA TYR B 18 -5.54 -6.90 -25.78
C TYR B 18 -4.03 -6.85 -26.06
N ALA B 19 -3.56 -5.68 -26.49
CA ALA B 19 -2.14 -5.49 -26.75
C ALA B 19 -1.28 -5.70 -25.51
N GLN B 20 -1.75 -5.21 -24.36
CA GLN B 20 -0.97 -5.30 -23.13
C GLN B 20 -0.78 -6.77 -22.71
N TRP B 21 -1.87 -7.53 -22.75
CA TRP B 21 -1.81 -8.97 -22.50
C TRP B 21 -0.84 -9.69 -23.44
N LEU B 22 -0.84 -9.30 -24.71
CA LEU B 22 0.03 -9.89 -25.70
C LEU B 22 1.51 -9.62 -25.40
N VAL B 23 1.81 -8.38 -25.05
CA VAL B 23 3.16 -8.00 -24.62
C VAL B 23 3.59 -8.85 -23.40
N ILE B 24 2.75 -8.90 -22.38
CA ILE B 24 3.09 -9.62 -21.16
C ILE B 24 3.40 -11.08 -21.46
N TRP B 25 2.50 -11.77 -22.15
CA TRP B 25 2.69 -13.21 -22.44
C TRP B 25 3.88 -13.51 -23.33
N THR B 26 4.14 -12.61 -24.28
CA THR B 26 5.29 -12.70 -25.16
C THR B 26 6.59 -12.62 -24.35
N VAL B 27 6.71 -11.60 -23.51
CA VAL B 27 7.92 -11.43 -22.70
C VAL B 27 8.09 -12.58 -21.70
N VAL B 28 6.99 -13.00 -21.08
CA VAL B 28 7.04 -14.09 -20.09
C VAL B 28 7.40 -15.42 -20.73
N LEU B 29 6.68 -15.81 -21.79
CA LEU B 29 6.82 -17.15 -22.35
C LEU B 29 8.01 -17.28 -23.27
N LEU B 30 8.12 -16.35 -24.22
CA LEU B 30 9.17 -16.43 -25.24
C LEU B 30 10.55 -15.93 -24.80
N TYR B 31 10.60 -15.07 -23.77
CA TYR B 31 11.87 -14.50 -23.32
C TYR B 31 12.26 -15.03 -21.94
N LEU B 32 11.49 -14.69 -20.90
CA LEU B 32 11.87 -15.05 -19.52
C LEU B 32 11.95 -16.55 -19.27
N ARG B 33 10.96 -17.31 -19.74
CA ARG B 33 10.95 -18.76 -19.47
C ARG B 33 12.07 -19.49 -20.19
N ARG B 34 12.58 -18.91 -21.27
CA ARG B 34 13.75 -19.45 -21.93
C ARG B 34 15.04 -19.05 -21.24
N GLU B 35 15.11 -17.79 -20.79
CA GLU B 35 16.23 -17.38 -19.92
C GLU B 35 16.35 -18.30 -18.69
N ASP B 36 15.21 -18.75 -18.16
CA ASP B 36 15.17 -19.71 -17.04
C ASP B 36 15.78 -21.08 -17.34
N ARG B 37 15.97 -21.40 -18.61
CA ARG B 37 16.45 -22.72 -19.04
C ARG B 37 17.94 -22.75 -19.41
N ARG B 38 18.70 -21.70 -19.05
CA ARG B 38 20.15 -21.67 -19.30
C ARG B 38 21.00 -22.54 -18.36
N GLU B 39 20.39 -23.19 -17.38
CA GLU B 39 21.07 -24.14 -16.51
C GLU B 39 20.21 -25.38 -16.37
N GLY B 40 20.85 -26.55 -16.42
CA GLY B 40 20.18 -27.80 -16.12
C GLY B 40 19.44 -28.43 -17.28
N TYR B 41 19.48 -27.79 -18.46
CA TYR B 41 18.81 -28.27 -19.67
C TYR B 41 19.84 -28.69 -20.71
N PRO B 42 19.55 -29.69 -21.56
CA PRO B 42 18.28 -30.43 -21.56
C PRO B 42 18.09 -31.35 -20.38
N LEU B 43 16.82 -31.64 -20.11
CA LEU B 43 16.43 -32.54 -19.04
C LEU B 43 16.90 -33.96 -19.35
N VAL B 44 17.04 -34.77 -18.29
CA VAL B 44 17.46 -36.17 -18.40
C VAL B 44 16.30 -37.07 -18.01
N GLU B 45 15.97 -38.03 -18.89
CA GLU B 45 14.86 -38.99 -18.71
C GLU B 45 15.47 -40.34 -18.25
N PRO B 46 14.63 -41.35 -17.91
CA PRO B 46 15.15 -42.73 -17.93
C PRO B 46 15.77 -43.14 -19.30
N LEU B 47 17.04 -42.75 -19.48
CA LEU B 47 17.84 -42.96 -20.71
C LEU B 47 17.25 -42.28 -21.96
N GLY B 48 17.79 -41.12 -22.31
CA GLY B 48 17.48 -40.43 -23.58
C GLY B 48 18.28 -41.09 -24.70
N LEU B 49 17.77 -42.21 -25.19
CA LEU B 49 18.52 -43.11 -26.08
C LEU B 49 18.71 -42.62 -27.52
N VAL B 50 17.80 -41.76 -28.02
CA VAL B 50 17.80 -41.37 -29.44
C VAL B 50 19.02 -40.47 -29.73
N LYS B 51 20.14 -41.13 -30.04
CA LYS B 51 21.44 -40.49 -30.23
C LYS B 51 21.60 -39.77 -31.59
N LEU B 52 20.79 -40.17 -32.59
CA LEU B 52 20.92 -39.64 -33.97
C LEU B 52 20.04 -38.41 -34.33
N ALA B 53 19.08 -38.04 -33.47
CA ALA B 53 18.28 -36.81 -33.67
C ALA B 53 17.65 -36.27 -32.37
N PRO B 54 17.60 -34.93 -32.21
CA PRO B 54 17.01 -34.34 -30.99
C PRO B 54 15.48 -34.25 -31.03
N GLU B 55 14.83 -34.41 -29.88
CA GLU B 55 13.38 -34.19 -29.75
C GLU B 55 13.04 -32.69 -29.95
N ASP B 56 11.94 -32.38 -30.63
CA ASP B 56 11.68 -31.01 -31.12
C ASP B 56 11.53 -29.99 -29.99
N GLY B 57 10.77 -30.38 -28.96
CA GLY B 57 10.51 -29.57 -27.79
C GLY B 57 11.76 -29.11 -27.05
N GLN B 58 12.76 -30.00 -26.98
CA GLN B 58 14.05 -29.72 -26.31
C GLN B 58 14.83 -28.62 -27.00
N VAL B 59 14.65 -28.48 -28.30
CA VAL B 59 15.28 -27.39 -29.05
C VAL B 59 14.48 -26.09 -28.92
N TYR B 60 13.15 -26.19 -28.97
CA TYR B 60 12.28 -25.02 -28.95
C TYR B 60 12.35 -24.25 -27.62
N GLU B 61 12.38 -24.97 -26.50
CA GLU B 61 12.45 -24.37 -25.17
C GLU B 61 13.78 -23.68 -24.78
N LEU B 62 14.84 -23.84 -25.55
CA LEU B 62 16.14 -23.25 -25.21
C LEU B 62 16.34 -21.90 -25.90
N PRO B 63 17.00 -20.94 -25.23
CA PRO B 63 17.43 -19.74 -25.94
C PRO B 63 18.72 -19.98 -26.74
N TYR B 64 19.08 -19.02 -27.58
CA TYR B 64 20.38 -19.02 -28.23
C TYR B 64 21.45 -18.87 -27.15
N PRO B 65 22.59 -19.60 -27.28
CA PRO B 65 23.66 -19.44 -26.30
C PRO B 65 24.14 -18.02 -26.16
N LYS B 66 24.60 -17.69 -24.95
CA LYS B 66 25.25 -16.41 -24.67
C LYS B 66 26.63 -16.76 -24.15
N THR B 67 27.58 -15.89 -24.42
CA THR B 67 28.93 -16.08 -23.95
C THR B 67 29.35 -14.98 -22.98
N PHE B 68 29.69 -15.38 -21.76
CA PHE B 68 30.28 -14.47 -20.76
C PHE B 68 31.79 -14.42 -20.97
N VAL B 69 32.31 -13.22 -21.14
CA VAL B 69 33.76 -13.00 -21.13
C VAL B 69 34.24 -12.74 -19.68
N LEU B 70 34.87 -13.74 -19.08
CA LEU B 70 35.28 -13.66 -17.67
C LEU B 70 36.34 -12.57 -17.42
N PRO B 71 36.33 -11.97 -16.23
CA PRO B 71 37.23 -10.82 -15.95
C PRO B 71 38.74 -11.13 -15.97
N HIS B 72 39.13 -12.37 -15.64
CA HIS B 72 40.54 -12.77 -15.63
C HIS B 72 40.84 -13.86 -16.68
N GLY B 73 40.24 -13.69 -17.87
CA GLY B 73 40.47 -14.59 -18.99
C GLY B 73 39.57 -15.81 -18.97
N GLY B 74 39.29 -16.33 -20.16
CA GLY B 74 38.38 -17.44 -20.33
C GLY B 74 37.02 -16.91 -20.78
N THR B 75 36.18 -17.83 -21.21
CA THR B 75 34.79 -17.55 -21.51
C THR B 75 33.95 -18.70 -21.01
N VAL B 76 32.68 -18.41 -20.72
CA VAL B 76 31.70 -19.43 -20.39
C VAL B 76 30.48 -19.22 -21.28
N THR B 77 29.94 -20.32 -21.79
CA THR B 77 28.79 -20.30 -22.67
C THR B 77 27.65 -21.06 -22.02
N VAL B 78 26.46 -20.47 -22.03
CA VAL B 78 25.25 -21.14 -21.49
C VAL B 78 24.04 -20.95 -22.42
N PRO B 79 23.16 -21.96 -22.53
CA PRO B 79 23.34 -23.30 -21.91
C PRO B 79 24.48 -24.11 -22.57
N ARG B 80 24.90 -25.19 -21.93
CA ARG B 80 25.87 -26.12 -22.56
C ARG B 80 25.77 -27.55 -22.01
N ARG B 81 26.46 -28.46 -22.70
CA ARG B 81 26.63 -29.85 -22.25
C ARG B 81 27.36 -29.90 -20.89
N ARG B 82 26.65 -30.35 -19.86
CA ARG B 82 27.23 -30.59 -18.53
C ARG B 82 26.55 -31.77 -17.85
N PRO B 83 26.89 -32.99 -18.26
CA PRO B 83 26.43 -34.14 -17.49
C PRO B 83 27.27 -34.26 -16.21
N GLU B 84 26.69 -34.86 -15.17
CA GLU B 84 27.38 -35.04 -13.90
C GLU B 84 28.17 -36.35 -13.99
N THR B 85 29.50 -36.24 -13.99
CA THR B 85 30.39 -37.39 -14.26
C THR B 85 30.45 -38.36 -13.09
N ARG B 86 30.91 -37.85 -11.94
CA ARG B 86 31.22 -38.67 -10.75
C ARG B 86 30.13 -39.64 -10.32
N GLU B 87 30.55 -40.84 -9.90
CA GLU B 87 29.64 -41.89 -9.46
C GLU B 87 28.99 -41.46 -8.15
N LEU B 88 27.66 -41.55 -8.09
CA LEU B 88 26.91 -41.18 -6.91
C LEU B 88 26.61 -42.42 -6.07
N LYS B 89 26.94 -42.36 -4.79
CA LYS B 89 26.73 -43.49 -3.88
C LYS B 89 25.27 -43.50 -3.38
N LEU B 90 24.36 -43.83 -4.30
CA LEU B 90 22.91 -43.75 -4.08
C LEU B 90 22.20 -44.93 -4.74
N ALA B 91 21.14 -45.41 -4.11
CA ALA B 91 20.32 -46.52 -4.62
C ALA B 91 18.84 -46.13 -4.64
N GLN B 92 18.13 -46.59 -5.67
CA GLN B 92 16.69 -46.32 -5.79
C GLN B 92 15.93 -47.15 -4.78
N THR B 93 15.19 -46.49 -3.89
CA THR B 93 14.35 -47.18 -2.89
C THR B 93 13.15 -47.92 -3.53
N ASP B 94 12.83 -47.61 -4.78
CA ASP B 94 11.67 -48.21 -5.46
C ASP B 94 11.79 -48.07 -6.98
N GLY B 95 10.86 -48.71 -7.70
CA GLY B 95 10.83 -48.67 -9.18
C GLY B 95 10.14 -47.46 -9.79
N PHE B 96 9.27 -46.80 -9.01
CA PHE B 96 8.56 -45.57 -9.41
C PHE B 96 9.53 -44.46 -9.87
N GLU B 97 9.15 -43.67 -10.87
CA GLU B 97 10.00 -42.59 -11.42
C GLU B 97 10.46 -41.56 -10.37
N GLY B 98 9.54 -41.14 -9.52
CA GLY B 98 9.78 -40.10 -8.53
C GLY B 98 9.98 -40.60 -7.12
N ALA B 99 10.56 -41.80 -6.96
CA ALA B 99 10.89 -42.32 -5.63
C ALA B 99 12.25 -41.76 -5.19
N PRO B 100 12.43 -41.49 -3.89
CA PRO B 100 13.72 -40.95 -3.45
C PRO B 100 14.84 -42.00 -3.50
N LEU B 101 16.06 -41.51 -3.61
CA LEU B 101 17.25 -42.34 -3.56
C LEU B 101 17.72 -42.43 -2.11
N GLN B 102 18.42 -43.51 -1.78
CA GLN B 102 19.00 -43.71 -0.45
C GLN B 102 20.53 -43.71 -0.55
N PRO B 103 21.24 -43.13 0.44
CA PRO B 103 22.70 -43.27 0.46
C PRO B 103 23.13 -44.71 0.74
N THR B 104 24.07 -45.23 -0.06
CA THR B 104 24.62 -46.57 0.16
C THR B 104 25.77 -46.56 1.17
N GLY B 105 26.60 -45.51 1.16
CA GLY B 105 27.73 -45.38 2.09
C GLY B 105 27.51 -44.36 3.20
N ASN B 106 28.54 -43.55 3.45
CA ASN B 106 28.47 -42.45 4.40
C ASN B 106 28.20 -41.20 3.56
N PRO B 107 27.00 -40.62 3.68
CA PRO B 107 26.59 -39.53 2.77
C PRO B 107 27.38 -38.23 2.89
N LEU B 108 28.01 -37.96 4.04
CA LEU B 108 28.84 -36.76 4.21
C LEU B 108 30.13 -36.81 3.39
N VAL B 109 30.84 -37.94 3.46
CA VAL B 109 32.07 -38.16 2.67
C VAL B 109 31.74 -38.39 1.19
N ASP B 110 30.74 -39.24 0.95
CA ASP B 110 30.26 -39.51 -0.40
C ASP B 110 29.61 -38.30 -1.10
N ALA B 111 29.22 -37.27 -0.33
CA ALA B 111 28.77 -35.99 -0.88
C ALA B 111 27.48 -36.11 -1.74
N VAL B 112 26.45 -36.67 -1.11
CA VAL B 112 25.14 -36.84 -1.72
C VAL B 112 24.08 -36.13 -0.89
N GLY B 113 22.92 -35.91 -1.51
CA GLY B 113 21.80 -35.24 -0.85
C GLY B 113 22.20 -33.83 -0.44
N PRO B 114 21.84 -33.42 0.80
CA PRO B 114 22.30 -32.10 1.24
C PRO B 114 23.81 -31.98 1.41
N ALA B 115 24.54 -33.10 1.41
CA ALA B 115 26.01 -33.05 1.37
C ALA B 115 26.62 -32.81 -0.02
N SER B 116 25.78 -32.73 -1.06
CA SER B 116 26.26 -32.57 -2.44
C SER B 116 26.90 -31.22 -2.72
N TYR B 117 27.94 -31.25 -3.54
CA TYR B 117 28.60 -30.05 -4.01
C TYR B 117 28.40 -29.99 -5.52
N ALA B 118 28.47 -28.78 -6.08
CA ALA B 118 28.38 -28.59 -7.52
C ALA B 118 29.77 -28.69 -8.11
N GLU B 119 29.84 -29.02 -9.39
CA GLU B 119 31.11 -29.21 -10.07
C GLU B 119 31.63 -27.88 -10.63
N ARG B 120 32.05 -27.02 -9.70
CA ARG B 120 32.55 -25.69 -10.07
C ARG B 120 34.00 -25.79 -10.49
N ALA B 121 34.54 -24.72 -11.07
CA ALA B 121 35.93 -24.70 -11.49
C ALA B 121 36.87 -24.93 -10.28
N GLU B 122 37.92 -25.73 -10.50
CA GLU B 122 39.02 -25.85 -9.54
C GLU B 122 39.93 -24.64 -9.75
N VAL B 123 39.39 -23.48 -9.39
CA VAL B 123 39.98 -22.18 -9.68
C VAL B 123 39.75 -21.29 -8.45
N VAL B 124 40.78 -20.55 -8.06
CA VAL B 124 40.70 -19.63 -6.94
C VAL B 124 39.93 -18.39 -7.38
N ASP B 125 38.88 -18.07 -6.63
CA ASP B 125 38.07 -16.88 -6.88
C ASP B 125 38.97 -15.67 -6.61
N ALA B 126 38.86 -14.66 -7.47
CA ALA B 126 39.78 -13.54 -7.50
C ALA B 126 39.12 -12.19 -7.20
N THR B 127 39.97 -11.25 -6.76
CA THR B 127 39.58 -9.87 -6.51
C THR B 127 39.63 -9.14 -7.83
N VAL B 128 39.20 -7.88 -7.83
CA VAL B 128 39.15 -7.09 -9.06
C VAL B 128 40.54 -6.95 -9.73
N ASP B 129 41.59 -6.94 -8.92
CA ASP B 129 42.97 -6.79 -9.41
C ASP B 129 43.79 -8.09 -9.31
N GLY B 130 43.14 -9.24 -9.46
CA GLY B 130 43.84 -10.52 -9.66
C GLY B 130 44.26 -11.36 -8.46
N LYS B 131 44.20 -10.81 -7.25
CA LYS B 131 44.63 -11.53 -6.04
C LYS B 131 43.58 -12.56 -5.63
N ALA B 132 43.96 -13.50 -4.77
CA ALA B 132 43.01 -14.46 -4.21
C ALA B 132 42.02 -13.71 -3.31
N LYS B 133 40.72 -14.01 -3.45
CA LYS B 133 39.67 -13.27 -2.74
C LYS B 133 39.50 -13.72 -1.30
N ILE B 134 39.41 -15.04 -1.09
CA ILE B 134 39.13 -15.63 0.20
C ILE B 134 40.45 -16.15 0.77
N VAL B 135 40.98 -15.45 1.78
CA VAL B 135 42.28 -15.77 2.38
C VAL B 135 42.28 -15.61 3.90
N PRO B 136 43.05 -16.44 4.63
CA PRO B 136 43.11 -16.32 6.09
C PRO B 136 43.79 -15.01 6.53
N LEU B 137 43.57 -14.59 7.79
CA LEU B 137 44.15 -13.32 8.27
C LEU B 137 45.68 -13.31 8.32
N ARG B 138 46.29 -14.47 8.60
CA ARG B 138 47.75 -14.62 8.51
C ARG B 138 48.35 -14.13 7.17
N VAL B 139 47.61 -14.33 6.08
CA VAL B 139 47.97 -13.79 4.76
C VAL B 139 47.46 -12.35 4.55
N ALA B 140 46.20 -12.09 4.91
CA ALA B 140 45.61 -10.76 4.76
C ALA B 140 45.92 -9.91 5.99
N THR B 141 47.18 -9.50 6.10
CA THR B 141 47.69 -8.85 7.31
C THR B 141 47.20 -7.41 7.49
N ASP B 142 46.79 -6.78 6.39
CA ASP B 142 46.13 -5.47 6.41
C ASP B 142 44.61 -5.48 6.76
N PHE B 143 44.05 -6.66 7.02
CA PHE B 143 42.67 -6.80 7.48
C PHE B 143 42.65 -7.12 8.97
N SER B 144 41.63 -6.62 9.66
CA SER B 144 41.48 -6.83 11.09
C SER B 144 40.03 -7.05 11.46
N ILE B 145 39.84 -7.62 12.66
CA ILE B 145 38.53 -7.73 13.27
C ILE B 145 38.17 -6.35 13.81
N ALA B 146 36.91 -5.97 13.64
CA ALA B 146 36.46 -4.63 14.02
C ALA B 146 36.45 -4.49 15.54
N GLU B 147 36.78 -3.29 16.00
CA GLU B 147 36.77 -2.96 17.42
C GLU B 147 35.35 -3.11 17.96
N GLY B 148 35.17 -4.05 18.89
CA GLY B 148 33.88 -4.34 19.49
C GLY B 148 33.48 -5.80 19.42
N ASP B 149 33.98 -6.50 18.40
CA ASP B 149 33.54 -7.87 18.12
C ASP B 149 34.52 -8.87 18.69
N VAL B 150 34.00 -10.06 19.00
CA VAL B 150 34.79 -11.20 19.46
C VAL B 150 35.89 -11.51 18.45
N ASP B 151 37.12 -11.60 18.94
CA ASP B 151 38.21 -12.23 18.22
C ASP B 151 38.13 -13.71 18.60
N PRO B 152 37.76 -14.58 17.64
CA PRO B 152 37.59 -15.99 17.98
C PRO B 152 38.91 -16.78 18.04
N ARG B 153 40.03 -16.19 17.60
CA ARG B 153 41.35 -16.88 17.61
C ARG B 153 41.77 -17.22 19.03
N GLY B 154 41.81 -18.52 19.34
CA GLY B 154 42.04 -19.01 20.69
C GLY B 154 40.88 -19.78 21.26
N LEU B 155 39.67 -19.43 20.85
CA LEU B 155 38.46 -20.00 21.44
C LEU B 155 38.26 -21.44 20.98
N PRO B 156 37.62 -22.28 21.82
CA PRO B 156 37.27 -23.65 21.43
C PRO B 156 36.00 -23.74 20.56
N VAL B 157 35.86 -24.85 19.84
CA VAL B 157 34.74 -25.12 18.98
C VAL B 157 34.00 -26.32 19.56
N VAL B 158 32.78 -26.09 20.05
CA VAL B 158 31.96 -27.14 20.63
C VAL B 158 30.96 -27.65 19.59
N ALA B 159 30.97 -28.97 19.34
CA ALA B 159 30.12 -29.61 18.35
C ALA B 159 28.75 -29.91 18.94
N ALA B 160 27.87 -30.52 18.14
CA ALA B 160 26.48 -30.81 18.55
C ALA B 160 26.37 -31.69 19.79
N ASP B 161 27.31 -32.62 19.95
CA ASP B 161 27.35 -33.50 21.13
C ASP B 161 27.91 -32.84 22.41
N GLY B 162 28.33 -31.58 22.33
CA GLY B 162 28.87 -30.86 23.49
C GLY B 162 30.35 -31.09 23.75
N VAL B 163 31.00 -31.87 22.88
CA VAL B 163 32.42 -32.18 23.00
C VAL B 163 33.21 -31.08 22.31
N GLU B 164 34.27 -30.62 22.98
CA GLU B 164 35.22 -29.70 22.39
C GLU B 164 35.92 -30.43 21.25
N ALA B 165 35.83 -29.90 20.04
CA ALA B 165 36.33 -30.56 18.83
C ALA B 165 37.62 -29.97 18.29
N GLY B 166 38.01 -28.79 18.79
CA GLY B 166 39.16 -28.08 18.25
C GLY B 166 39.26 -26.64 18.70
N THR B 167 40.19 -25.91 18.09
CA THR B 167 40.49 -24.54 18.49
C THR B 167 40.62 -23.65 17.27
N VAL B 168 40.03 -22.46 17.33
CA VAL B 168 40.03 -21.55 16.19
C VAL B 168 41.40 -20.89 16.08
N THR B 169 42.06 -21.11 14.94
CA THR B 169 43.38 -20.54 14.66
C THR B 169 43.36 -19.33 13.75
N ASP B 170 42.36 -19.22 12.88
CA ASP B 170 42.31 -18.08 11.96
C ASP B 170 40.90 -17.85 11.41
N LEU B 171 40.71 -16.68 10.81
CA LEU B 171 39.49 -16.32 10.09
C LEU B 171 39.88 -16.08 8.65
N TRP B 172 39.08 -16.60 7.71
CA TRP B 172 39.26 -16.29 6.30
C TRP B 172 38.30 -15.17 5.92
N VAL B 173 38.83 -14.20 5.19
CA VAL B 173 38.15 -12.97 4.86
C VAL B 173 37.99 -12.86 3.35
N ASP B 174 36.88 -12.26 2.94
CA ASP B 174 36.60 -11.93 1.56
C ASP B 174 37.15 -10.53 1.37
N ARG B 175 38.21 -10.41 0.58
CA ARG B 175 38.87 -9.12 0.37
C ARG B 175 38.15 -8.21 -0.60
N SER B 176 37.22 -8.76 -1.38
CA SER B 176 36.44 -7.97 -2.32
C SER B 176 35.27 -7.29 -1.64
N GLU B 177 34.68 -7.96 -0.66
CA GLU B 177 33.52 -7.47 0.08
C GLU B 177 33.73 -7.10 1.56
N HIS B 178 34.93 -7.35 2.12
CA HIS B 178 35.30 -6.99 3.51
C HIS B 178 34.38 -7.71 4.50
N TYR B 179 34.39 -9.03 4.41
CA TYR B 179 33.41 -9.86 5.10
C TYR B 179 34.03 -11.21 5.36
N PHE B 180 33.96 -11.66 6.61
CA PHE B 180 34.52 -12.95 6.97
C PHE B 180 33.53 -14.03 6.54
N ARG B 181 34.04 -15.07 5.85
CA ARG B 181 33.21 -16.20 5.38
C ARG B 181 33.51 -17.52 6.06
N TYR B 182 34.77 -17.75 6.48
CA TYR B 182 35.12 -18.98 7.20
C TYR B 182 35.99 -18.74 8.43
N LEU B 183 35.90 -19.67 9.38
CA LEU B 183 36.86 -19.81 10.46
C LEU B 183 37.68 -21.06 10.19
N GLU B 184 38.98 -20.97 10.42
CA GLU B 184 39.87 -22.13 10.41
C GLU B 184 40.04 -22.64 11.83
N LEU B 185 40.06 -23.97 11.98
CA LEU B 185 40.26 -24.60 13.28
C LEU B 185 41.16 -25.83 13.19
N SER B 186 41.93 -26.07 14.26
CA SER B 186 42.67 -27.31 14.42
C SER B 186 41.71 -28.34 14.95
N VAL B 187 41.71 -29.53 14.36
CA VAL B 187 40.85 -30.59 14.82
C VAL B 187 41.69 -31.29 15.88
N ALA B 188 41.26 -31.15 17.13
CA ALA B 188 41.97 -31.76 18.25
C ALA B 188 42.11 -33.28 18.05
N GLY B 189 43.32 -33.80 18.29
CA GLY B 189 43.62 -35.22 18.15
C GLY B 189 43.67 -35.77 16.73
N SER B 190 43.82 -34.90 15.72
CA SER B 190 43.93 -35.32 14.32
C SER B 190 45.05 -34.63 13.51
N ALA B 191 45.83 -33.74 14.13
CA ALA B 191 46.97 -33.09 13.47
C ALA B 191 46.62 -32.49 12.09
N ARG B 192 45.48 -31.82 12.03
CA ARG B 192 45.00 -31.17 10.78
C ARG B 192 44.21 -29.91 11.06
N THR B 193 44.02 -29.14 10.00
CA THR B 193 43.23 -27.94 10.02
C THR B 193 41.88 -28.21 9.32
N ALA B 194 40.85 -27.42 9.60
CA ALA B 194 39.55 -27.52 8.89
C ALA B 194 38.84 -26.19 8.85
N LEU B 195 38.24 -25.86 7.70
CA LEU B 195 37.44 -24.64 7.55
C LEU B 195 36.00 -24.96 7.89
N ILE B 196 35.31 -23.95 8.39
CA ILE B 196 33.85 -24.02 8.62
C ILE B 196 33.25 -22.69 8.19
N PRO B 197 32.14 -22.72 7.41
CA PRO B 197 31.52 -21.44 7.05
C PRO B 197 30.94 -20.75 8.28
N LEU B 198 31.04 -19.42 8.35
CA LEU B 198 30.49 -18.68 9.51
C LEU B 198 29.00 -18.92 9.77
N GLY B 199 28.24 -19.14 8.70
CA GLY B 199 26.84 -19.49 8.81
C GLY B 199 26.51 -20.74 9.62
N PHE B 200 27.48 -21.65 9.78
CA PHE B 200 27.32 -22.79 10.71
C PHE B 200 27.87 -22.51 12.13
N CYS B 201 28.27 -21.27 12.40
CA CYS B 201 28.94 -20.92 13.65
C CYS B 201 28.11 -19.98 14.51
N ASP B 202 27.77 -20.46 15.70
CA ASP B 202 27.24 -19.61 16.76
C ASP B 202 28.43 -19.02 17.55
N VAL B 203 28.79 -17.79 17.23
CA VAL B 203 29.93 -17.11 17.87
C VAL B 203 29.57 -16.51 19.25
N LYS B 204 29.98 -17.20 20.32
CA LYS B 204 29.85 -16.70 21.70
C LYS B 204 31.19 -16.15 22.19
N LYS B 205 31.19 -15.51 23.37
CA LYS B 205 32.40 -14.82 23.87
C LYS B 205 33.52 -15.76 24.32
N ASP B 206 33.13 -16.94 24.81
CA ASP B 206 34.06 -17.95 25.31
C ASP B 206 34.11 -19.24 24.47
N LYS B 207 33.29 -19.35 23.42
CA LYS B 207 33.24 -20.54 22.55
C LYS B 207 32.52 -20.29 21.21
N ILE B 208 32.73 -21.21 20.29
CA ILE B 208 32.06 -21.24 18.98
C ILE B 208 31.21 -22.51 18.98
N VAL B 209 29.88 -22.38 18.93
CA VAL B 209 29.00 -23.55 18.91
C VAL B 209 28.65 -23.91 17.46
N VAL B 210 28.62 -25.21 17.17
CA VAL B 210 28.39 -25.76 15.85
C VAL B 210 27.46 -26.96 16.00
N THR B 211 26.19 -26.78 15.64
CA THR B 211 25.18 -27.84 15.79
C THR B 211 25.02 -28.75 14.56
N SER B 212 25.65 -28.39 13.44
CA SER B 212 25.47 -29.18 12.19
C SER B 212 26.07 -30.58 12.24
N ILE B 213 27.26 -30.73 12.81
CA ILE B 213 27.92 -32.05 12.91
C ILE B 213 28.35 -32.39 14.34
N LEU B 214 28.64 -33.67 14.55
CA LEU B 214 29.26 -34.15 15.79
C LEU B 214 30.77 -33.89 15.77
N SER B 215 31.39 -33.96 16.95
CA SER B 215 32.83 -33.70 17.13
C SER B 215 33.68 -34.64 16.30
N GLU B 216 33.37 -35.93 16.36
CA GLU B 216 34.06 -36.96 15.58
C GLU B 216 34.03 -36.69 14.06
N GLN B 217 32.91 -36.16 13.56
CA GLN B 217 32.75 -35.87 12.12
C GLN B 217 33.65 -34.72 11.58
N PHE B 218 34.25 -33.91 12.46
CA PHE B 218 35.25 -32.90 12.01
C PHE B 218 36.49 -33.49 11.36
N ALA B 219 36.79 -34.76 11.64
CA ALA B 219 37.91 -35.49 11.03
C ALA B 219 37.84 -35.54 9.51
N ASN B 220 36.65 -35.80 8.95
CA ASN B 220 36.48 -35.98 7.50
C ASN B 220 35.97 -34.76 6.73
N VAL B 221 36.23 -33.56 7.24
CA VAL B 221 35.90 -32.33 6.51
C VAL B 221 36.82 -32.27 5.30
N PRO B 222 36.28 -32.03 4.09
CA PRO B 222 37.15 -31.93 2.93
C PRO B 222 38.41 -31.10 3.18
N ARG B 223 39.57 -31.64 2.81
CA ARG B 223 40.84 -30.94 2.94
C ARG B 223 41.06 -30.03 1.74
N LEU B 224 41.78 -28.93 1.96
CA LEU B 224 42.17 -28.05 0.88
C LEU B 224 43.47 -28.55 0.24
N GLN B 225 43.72 -28.13 -1.00
CA GLN B 225 44.92 -28.48 -1.74
C GLN B 225 46.09 -27.67 -1.20
N SER B 226 45.88 -26.37 -1.06
CA SER B 226 46.83 -25.45 -0.46
C SER B 226 46.34 -24.97 0.90
N ARG B 227 47.28 -24.52 1.72
CA ARG B 227 47.00 -24.06 3.08
C ARG B 227 46.34 -22.66 3.10
N ASP B 228 46.73 -21.78 2.17
CA ASP B 228 46.47 -20.34 2.25
C ASP B 228 45.58 -19.78 1.12
N GLN B 229 44.91 -20.68 0.40
CA GLN B 229 43.94 -20.28 -0.61
C GLN B 229 42.92 -21.40 -0.82
N ILE B 230 41.80 -21.07 -1.43
CA ILE B 230 40.72 -22.05 -1.63
C ILE B 230 40.10 -21.88 -3.01
N THR B 231 39.77 -23.00 -3.65
CA THR B 231 39.10 -22.99 -4.96
C THR B 231 37.58 -22.92 -4.81
N LEU B 232 36.91 -22.44 -5.86
CA LEU B 232 35.45 -22.42 -5.89
C LEU B 232 34.84 -23.78 -5.60
N ARG B 233 35.42 -24.85 -6.14
CA ARG B 233 34.91 -26.20 -5.84
C ARG B 233 35.11 -26.59 -4.39
N GLU B 234 36.26 -26.24 -3.83
CA GLU B 234 36.55 -26.54 -2.42
C GLU B 234 35.60 -25.81 -1.49
N GLU B 235 35.32 -24.54 -1.81
CA GLU B 235 34.28 -23.81 -1.08
C GLU B 235 32.95 -24.57 -1.07
N ASP B 236 32.56 -25.13 -2.21
CA ASP B 236 31.33 -25.94 -2.29
C ASP B 236 31.45 -27.23 -1.48
N LYS B 237 32.58 -27.91 -1.60
CA LYS B 237 32.80 -29.15 -0.83
C LYS B 237 32.70 -28.93 0.68
N VAL B 238 33.38 -27.90 1.16
CA VAL B 238 33.44 -27.58 2.60
C VAL B 238 32.06 -27.20 3.13
N SER B 239 31.44 -26.22 2.49
CA SER B 239 30.09 -25.75 2.86
C SER B 239 29.05 -26.88 2.85
N ALA B 240 29.04 -27.68 1.79
CA ALA B 240 28.10 -28.80 1.66
C ALA B 240 28.24 -29.84 2.75
N TYR B 241 29.47 -30.06 3.23
CA TYR B 241 29.73 -31.08 4.24
C TYR B 241 28.93 -30.83 5.52
N TYR B 242 28.96 -29.59 5.99
CA TYR B 242 28.25 -29.21 7.21
C TYR B 242 26.73 -29.27 7.00
N ALA B 243 26.27 -28.73 5.87
CA ALA B 243 24.86 -28.83 5.46
C ALA B 243 24.35 -30.25 5.46
N GLY B 244 25.16 -31.17 4.94
CA GLY B 244 24.83 -32.60 5.00
C GLY B 244 24.52 -33.08 6.41
N GLY B 245 25.26 -32.53 7.37
CA GLY B 245 25.04 -32.79 8.78
C GLY B 245 23.64 -32.52 9.29
N LEU B 246 23.00 -31.49 8.76
CA LEU B 246 21.63 -31.13 9.17
C LEU B 246 20.63 -32.28 9.01
N LEU B 247 20.81 -33.08 7.98
CA LEU B 247 19.96 -34.26 7.73
C LEU B 247 20.59 -35.58 8.19
N TYR B 248 21.92 -35.66 8.21
CA TYR B 248 22.63 -36.96 8.36
C TYR B 248 23.54 -37.17 9.59
N ALA B 249 23.85 -36.11 10.36
CA ALA B 249 24.79 -36.20 11.49
C ALA B 249 24.46 -37.32 12.47
N THR B 250 23.17 -37.52 12.72
CA THR B 250 22.66 -38.67 13.48
C THR B 250 21.51 -39.33 12.67
N PRO B 251 21.20 -40.61 12.96
CA PRO B 251 20.06 -41.27 12.27
C PRO B 251 18.70 -40.57 12.43
N GLU B 252 18.46 -39.95 13.59
CA GLU B 252 17.16 -39.34 13.93
C GLU B 252 16.84 -38.07 13.12
N ARG B 253 17.86 -37.39 12.62
CA ARG B 253 17.68 -36.14 11.86
C ARG B 253 17.02 -36.31 10.47
N ALA B 254 17.21 -37.48 9.84
CA ALA B 254 16.55 -37.80 8.57
C ALA B 254 15.08 -38.20 8.76
N GLU B 255 14.75 -38.79 9.92
CA GLU B 255 13.37 -39.19 10.25
C GLU B 255 12.47 -37.97 10.46
N SER B 256 11.17 -38.22 10.63
CA SER B 256 10.20 -37.17 10.91
C SER B 256 10.42 -36.58 12.31
N LEU B 257 10.29 -35.26 12.42
CA LEU B 257 10.28 -34.57 13.72
C LEU B 257 9.05 -34.95 14.58
N LEU B 258 7.97 -35.37 13.94
CA LEU B 258 6.75 -35.84 14.63
C LEU B 258 6.33 -37.19 14.04
N ALA C 1 12.47 -35.46 -17.27
CA ALA C 1 11.94 -35.35 -15.88
C ALA C 1 12.87 -34.53 -14.97
N LEU C 2 14.16 -34.85 -14.98
CA LEU C 2 15.16 -34.28 -14.05
C LEU C 2 16.07 -33.24 -14.69
N LEU C 3 16.33 -32.14 -13.98
CA LEU C 3 17.42 -31.23 -14.38
C LEU C 3 18.74 -31.98 -14.33
N SER C 4 19.71 -31.53 -15.11
CA SER C 4 20.99 -32.22 -15.22
C SER C 4 21.73 -32.37 -13.87
N PHE C 5 21.49 -31.47 -12.92
CA PHE C 5 22.17 -31.49 -11.61
C PHE C 5 21.30 -32.01 -10.48
N GLU C 6 20.11 -32.49 -10.81
CA GLU C 6 19.08 -32.73 -9.82
C GLU C 6 19.22 -34.05 -9.06
N ARG C 7 19.63 -35.11 -9.74
CA ARG C 7 19.51 -36.47 -9.19
C ARG C 7 20.17 -36.64 -7.82
N LYS C 8 21.37 -36.08 -7.67
CA LYS C 8 22.12 -36.15 -6.41
C LYS C 8 21.41 -35.55 -5.19
N TYR C 9 20.51 -34.61 -5.42
CA TYR C 9 19.72 -33.99 -4.34
C TYR C 9 18.45 -34.73 -3.97
N ARG C 10 18.03 -35.68 -4.80
CA ARG C 10 16.71 -36.32 -4.67
C ARG C 10 16.76 -37.47 -3.67
N VAL C 11 17.13 -37.15 -2.45
CA VAL C 11 17.32 -38.15 -1.43
C VAL C 11 16.09 -38.24 -0.55
N ARG C 12 16.00 -39.34 0.17
CA ARG C 12 14.97 -39.60 1.16
C ARG C 12 15.20 -38.69 2.38
N GLY C 13 14.13 -38.36 3.09
CA GLY C 13 14.21 -37.63 4.36
C GLY C 13 13.82 -36.17 4.32
N GLY C 14 13.81 -35.56 5.51
CA GLY C 14 13.46 -34.14 5.67
C GLY C 14 12.00 -33.83 6.01
N THR C 15 11.14 -34.86 6.06
CA THR C 15 9.72 -34.65 6.31
C THR C 15 9.45 -34.28 7.77
N LEU C 16 8.29 -33.67 7.98
CA LEU C 16 7.81 -33.31 9.30
C LEU C 16 6.86 -34.37 9.84
N ILE C 17 6.05 -34.97 8.96
CA ILE C 17 5.06 -35.98 9.33
C ILE C 17 5.07 -37.09 8.27
N GLY C 18 4.91 -38.33 8.72
CA GLY C 18 4.67 -39.49 7.85
C GLY C 18 5.87 -40.26 7.33
N GLY C 19 7.09 -39.75 7.57
CA GLY C 19 8.31 -40.37 7.05
C GLY C 19 8.26 -40.68 5.55
N ASP C 20 8.47 -41.94 5.22
CA ASP C 20 8.58 -42.41 3.84
C ASP C 20 7.26 -42.49 3.09
N LEU C 21 6.12 -42.47 3.81
CA LEU C 21 4.81 -42.73 3.21
C LEU C 21 4.47 -41.76 2.06
N PHE C 22 4.79 -40.48 2.27
CA PHE C 22 4.53 -39.46 1.25
C PHE C 22 5.81 -38.78 0.71
N ASP C 23 6.98 -39.36 1.00
CA ASP C 23 8.27 -38.82 0.61
C ASP C 23 8.61 -39.24 -0.82
N PHE C 24 8.03 -38.55 -1.79
CA PHE C 24 8.25 -38.82 -3.22
C PHE C 24 7.84 -37.63 -4.09
N TRP C 25 8.24 -37.68 -5.36
CA TRP C 25 7.91 -36.67 -6.36
C TRP C 25 6.89 -37.22 -7.36
N VAL C 26 6.07 -36.31 -7.90
CA VAL C 26 5.22 -36.56 -9.06
C VAL C 26 5.59 -35.49 -10.06
N GLY C 27 6.27 -35.87 -11.13
CA GLY C 27 6.85 -34.93 -12.06
C GLY C 27 7.91 -34.13 -11.32
N PRO C 28 7.91 -32.79 -11.48
CA PRO C 28 8.83 -31.96 -10.71
C PRO C 28 8.39 -31.74 -9.25
N TYR C 29 7.12 -32.00 -8.93
CA TYR C 29 6.56 -31.62 -7.64
C TYR C 29 6.89 -32.60 -6.53
N PHE C 30 7.54 -32.12 -5.47
CA PHE C 30 7.60 -32.87 -4.22
C PHE C 30 6.20 -32.95 -3.64
N VAL C 31 5.86 -34.08 -3.05
CA VAL C 31 4.53 -34.27 -2.48
C VAL C 31 4.61 -34.03 -0.97
N GLY C 32 4.95 -35.05 -0.20
CA GLY C 32 4.90 -34.97 1.27
C GLY C 32 3.48 -34.98 1.79
N PHE C 33 3.34 -35.08 3.11
CA PHE C 33 2.01 -35.08 3.73
C PHE C 33 1.27 -33.79 3.41
N PHE C 34 2.01 -32.68 3.42
CA PHE C 34 1.41 -31.37 3.21
C PHE C 34 1.09 -31.09 1.74
N GLY C 35 1.80 -31.75 0.82
CA GLY C 35 1.34 -31.85 -0.56
C GLY C 35 -0.03 -32.48 -0.67
N VAL C 36 -0.27 -33.53 0.12
CA VAL C 36 -1.54 -34.26 0.09
C VAL C 36 -2.67 -33.42 0.72
N SER C 37 -2.40 -32.82 1.89
CA SER C 37 -3.40 -31.95 2.52
C SER C 37 -3.70 -30.70 1.67
N ALA C 38 -2.67 -30.12 1.06
CA ALA C 38 -2.85 -28.97 0.16
C ALA C 38 -3.81 -29.28 -0.98
N ILE C 39 -3.60 -30.41 -1.65
CA ILE C 39 -4.44 -30.82 -2.79
C ILE C 39 -5.87 -31.09 -2.33
N PHE C 40 -6.03 -31.74 -1.18
CA PHE C 40 -7.32 -31.95 -0.56
C PHE C 40 -8.07 -30.62 -0.42
N PHE C 41 -7.46 -29.66 0.27
CA PHE C 41 -8.06 -28.34 0.51
C PHE C 41 -8.29 -27.54 -0.77
N ILE C 42 -7.39 -27.65 -1.73
CA ILE C 42 -7.58 -27.01 -3.02
C ILE C 42 -8.81 -27.58 -3.74
N PHE C 43 -8.85 -28.91 -3.86
CA PHE C 43 -9.95 -29.58 -4.54
C PHE C 43 -11.28 -29.22 -3.89
N LEU C 44 -11.34 -29.29 -2.56
CA LEU C 44 -12.54 -28.95 -1.82
C LEU C 44 -12.94 -27.47 -2.02
N GLY C 45 -11.96 -26.58 -1.97
CA GLY C 45 -12.22 -25.15 -2.13
C GLY C 45 -12.72 -24.78 -3.51
N VAL C 46 -12.07 -25.33 -4.52
CA VAL C 46 -12.46 -25.09 -5.92
C VAL C 46 -13.83 -25.70 -6.22
N SER C 47 -14.14 -26.85 -5.61
CA SER C 47 -15.48 -27.46 -5.75
C SER C 47 -16.55 -26.53 -5.17
N LEU C 48 -16.33 -26.05 -3.95
CA LEU C 48 -17.27 -25.13 -3.30
C LEU C 48 -17.45 -23.82 -4.09
N ILE C 49 -16.39 -23.29 -4.68
CA ILE C 49 -16.49 -22.12 -5.56
C ILE C 49 -17.37 -22.43 -6.76
N GLY C 50 -17.16 -23.59 -7.39
CA GLY C 50 -17.93 -24.03 -8.55
C GLY C 50 -19.40 -24.19 -8.24
N TYR C 51 -19.71 -24.90 -7.16
CA TYR C 51 -21.09 -25.11 -6.73
C TYR C 51 -21.78 -23.78 -6.36
N ALA C 52 -21.10 -22.95 -5.57
CA ALA C 52 -21.62 -21.62 -5.19
C ALA C 52 -21.86 -20.70 -6.39
N ALA C 53 -20.92 -20.68 -7.33
CA ALA C 53 -21.01 -19.83 -8.52
C ALA C 53 -22.17 -20.21 -9.43
N SER C 54 -22.48 -21.51 -9.50
CA SER C 54 -23.57 -22.02 -10.35
C SER C 54 -24.95 -21.62 -9.82
N GLN C 55 -25.07 -21.49 -8.50
CA GLN C 55 -26.30 -20.99 -7.87
C GLN C 55 -26.46 -19.46 -7.95
N GLY C 56 -25.47 -18.76 -8.48
CA GLY C 56 -25.49 -17.31 -8.61
C GLY C 56 -25.97 -16.86 -9.98
N PRO C 57 -25.99 -15.54 -10.21
CA PRO C 57 -26.61 -15.01 -11.44
C PRO C 57 -25.83 -15.23 -12.75
N THR C 58 -24.50 -15.28 -12.68
CA THR C 58 -23.66 -15.20 -13.87
C THR C 58 -22.44 -16.14 -13.84
N TRP C 59 -21.86 -16.34 -15.01
CA TRP C 59 -20.60 -17.08 -15.20
C TRP C 59 -19.42 -16.23 -15.71
N ASP C 60 -19.64 -14.94 -16.01
CA ASP C 60 -18.54 -14.01 -16.36
C ASP C 60 -17.55 -13.96 -15.19
N PRO C 61 -16.28 -14.33 -15.42
CA PRO C 61 -15.35 -14.46 -14.29
C PRO C 61 -15.07 -13.14 -13.54
N PHE C 62 -15.13 -12.02 -14.24
CA PHE C 62 -14.99 -10.69 -13.62
C PHE C 62 -16.15 -10.34 -12.63
N ALA C 63 -17.34 -10.89 -12.86
CA ALA C 63 -18.56 -10.56 -12.12
C ALA C 63 -19.00 -11.58 -11.07
N ILE C 64 -18.44 -12.80 -11.06
CA ILE C 64 -18.74 -13.80 -10.03
C ILE C 64 -18.29 -13.26 -8.66
N SER C 65 -19.12 -13.48 -7.64
CA SER C 65 -18.82 -13.02 -6.30
C SER C 65 -19.44 -13.94 -5.24
N ILE C 66 -18.61 -14.58 -4.42
CA ILE C 66 -19.08 -15.34 -3.27
C ILE C 66 -18.87 -14.42 -2.07
N ASN C 67 -19.96 -14.05 -1.40
CA ASN C 67 -19.93 -13.01 -0.36
C ASN C 67 -20.19 -13.58 1.04
N PRO C 68 -19.65 -12.91 2.07
CA PRO C 68 -19.88 -13.34 3.44
C PRO C 68 -21.32 -13.03 3.86
N PRO C 69 -21.72 -13.45 5.07
CA PRO C 69 -23.10 -13.19 5.49
C PRO C 69 -23.35 -11.73 5.88
N ASP C 70 -24.61 -11.36 5.95
CA ASP C 70 -25.06 -10.13 6.62
C ASP C 70 -24.46 -10.05 8.02
N LEU C 71 -24.28 -8.82 8.51
CA LEU C 71 -23.75 -8.58 9.86
C LEU C 71 -24.58 -9.25 10.97
N LYS C 72 -25.90 -9.32 10.80
CA LYS C 72 -26.83 -9.91 11.80
C LYS C 72 -26.55 -11.36 12.20
N TYR C 73 -25.88 -12.14 11.34
CA TYR C 73 -25.49 -13.50 11.69
C TYR C 73 -24.29 -13.54 12.64
N GLY C 74 -23.71 -12.39 12.97
CA GLY C 74 -22.59 -12.29 13.90
C GLY C 74 -21.48 -13.27 13.57
N LEU C 75 -20.96 -13.93 14.60
CA LEU C 75 -19.92 -14.95 14.44
C LEU C 75 -20.47 -16.38 14.26
N GLY C 76 -21.76 -16.53 13.97
CA GLY C 76 -22.36 -17.84 13.75
C GLY C 76 -22.21 -18.33 12.32
N ALA C 77 -22.54 -19.61 12.13
CA ALA C 77 -22.71 -20.18 10.80
C ALA C 77 -23.94 -19.57 10.14
N ALA C 78 -23.88 -19.46 8.82
CA ALA C 78 -24.91 -18.85 8.02
C ALA C 78 -25.38 -19.86 7.00
N PRO C 79 -26.60 -19.67 6.47
CA PRO C 79 -27.06 -20.60 5.44
C PRO C 79 -26.15 -20.52 4.21
N LEU C 80 -25.88 -21.69 3.62
CA LEU C 80 -24.92 -21.83 2.52
C LEU C 80 -24.97 -20.73 1.47
N LEU C 81 -26.16 -20.45 0.93
CA LEU C 81 -26.30 -19.49 -0.17
C LEU C 81 -26.05 -18.05 0.28
N GLU C 82 -26.31 -17.75 1.54
CA GLU C 82 -26.24 -16.39 2.07
C GLU C 82 -25.06 -16.19 3.04
N GLY C 83 -23.89 -16.76 2.70
CA GLY C 83 -22.68 -16.60 3.53
C GLY C 83 -21.95 -17.87 3.92
N GLY C 84 -22.67 -18.99 3.98
CA GLY C 84 -22.08 -20.27 4.41
C GLY C 84 -21.02 -20.81 3.46
N PHE C 85 -21.24 -20.64 2.15
CA PHE C 85 -20.22 -21.02 1.16
C PHE C 85 -18.92 -20.26 1.38
N TRP C 86 -19.05 -18.94 1.61
CA TRP C 86 -17.91 -18.08 1.92
C TRP C 86 -17.17 -18.60 3.15
N GLN C 87 -17.91 -19.00 4.17
CA GLN C 87 -17.32 -19.50 5.41
C GLN C 87 -16.52 -20.78 5.16
N ALA C 88 -17.11 -21.72 4.43
CA ALA C 88 -16.44 -22.99 4.11
C ALA C 88 -15.20 -22.78 3.22
N ILE C 89 -15.35 -21.94 2.20
CA ILE C 89 -14.24 -21.62 1.29
C ILE C 89 -13.07 -20.97 2.05
N THR C 90 -13.39 -20.12 3.02
CA THR C 90 -12.38 -19.46 3.83
C THR C 90 -11.55 -20.48 4.61
N VAL C 91 -12.22 -21.47 5.22
CA VAL C 91 -11.52 -22.53 5.97
C VAL C 91 -10.58 -23.31 5.02
N CYS C 92 -11.07 -23.67 3.83
CA CYS C 92 -10.28 -24.37 2.81
C CYS C 92 -9.06 -23.57 2.37
N ALA C 93 -9.24 -22.25 2.22
CA ALA C 93 -8.14 -21.36 1.85
C ALA C 93 -7.03 -21.42 2.89
N LEU C 94 -7.38 -21.27 4.16
CA LEU C 94 -6.43 -21.39 5.27
C LEU C 94 -5.74 -22.75 5.31
N GLY C 95 -6.52 -23.81 5.11
CA GLY C 95 -5.98 -25.16 4.99
C GLY C 95 -4.92 -25.26 3.89
N ALA C 96 -5.27 -24.74 2.71
CA ALA C 96 -4.38 -24.76 1.56
C ALA C 96 -3.09 -23.93 1.76
N PHE C 97 -3.21 -22.75 2.34
CA PHE C 97 -2.05 -21.86 2.52
C PHE C 97 -1.06 -22.39 3.54
N ILE C 98 -1.59 -22.85 4.67
CA ILE C 98 -0.77 -23.40 5.74
C ILE C 98 -0.10 -24.69 5.29
N SER C 99 -0.85 -25.57 4.64
CA SER C 99 -0.28 -26.75 3.99
C SER C 99 0.86 -26.37 3.04
N TRP C 100 0.63 -25.35 2.22
CA TRP C 100 1.65 -24.91 1.27
C TRP C 100 2.91 -24.44 2.00
N MET C 101 2.74 -23.69 3.09
CA MET C 101 3.87 -23.25 3.91
C MET C 101 4.64 -24.43 4.48
N LEU C 102 3.95 -25.35 5.14
CA LEU C 102 4.58 -26.53 5.77
C LEU C 102 5.27 -27.47 4.78
N ARG C 103 4.74 -27.55 3.56
CA ARG C 103 5.39 -28.30 2.49
C ARG C 103 6.75 -27.70 2.15
N GLU C 104 6.84 -26.38 2.10
CA GLU C 104 8.10 -25.68 1.82
C GLU C 104 9.13 -25.89 2.91
N VAL C 105 8.67 -26.07 4.16
CA VAL C 105 9.56 -26.43 5.24
C VAL C 105 10.22 -27.79 4.95
N GLU C 106 9.41 -28.79 4.60
CA GLU C 106 9.93 -30.13 4.27
C GLU C 106 10.93 -30.13 3.12
N ILE C 107 10.63 -29.35 2.09
CA ILE C 107 11.50 -29.20 0.92
C ILE C 107 12.83 -28.54 1.33
N SER C 108 12.75 -27.52 2.18
CA SER C 108 13.94 -26.87 2.72
C SER C 108 14.85 -27.83 3.51
N ARG C 109 14.27 -28.69 4.36
CA ARG C 109 15.05 -29.61 5.18
C ARG C 109 15.76 -30.67 4.33
N LYS C 110 15.07 -31.19 3.32
CA LYS C 110 15.67 -32.15 2.39
C LYS C 110 16.91 -31.60 1.69
N LEU C 111 16.86 -30.33 1.29
CA LEU C 111 17.97 -29.69 0.60
C LEU C 111 19.03 -29.12 1.54
N GLY C 112 18.79 -29.17 2.86
CA GLY C 112 19.73 -28.65 3.84
C GLY C 112 19.91 -27.15 3.75
N ILE C 113 18.83 -26.45 3.41
CA ILE C 113 18.85 -24.99 3.31
C ILE C 113 18.05 -24.37 4.44
N GLY C 114 18.23 -23.07 4.64
CA GLY C 114 17.42 -22.33 5.61
C GLY C 114 15.93 -22.35 5.30
N TRP C 115 15.15 -22.16 6.36
CA TRP C 115 13.68 -22.13 6.31
C TRP C 115 13.13 -20.72 6.02
N HIS C 116 13.95 -19.81 5.49
CA HIS C 116 13.61 -18.41 5.35
C HIS C 116 12.39 -18.21 4.43
N VAL C 117 12.28 -19.02 3.38
CA VAL C 117 11.17 -18.85 2.40
C VAL C 117 9.79 -19.09 3.04
N PRO C 118 9.57 -20.26 3.68
CA PRO C 118 8.28 -20.46 4.36
C PRO C 118 7.97 -19.43 5.44
N LEU C 119 9.02 -19.01 6.14
CA LEU C 119 8.94 -17.91 7.09
C LEU C 119 8.40 -16.66 6.45
N ALA C 120 8.96 -16.29 5.31
CA ALA C 120 8.51 -15.11 4.59
C ALA C 120 7.06 -15.27 4.14
N PHE C 121 6.70 -16.49 3.74
CA PHE C 121 5.34 -16.80 3.28
C PHE C 121 4.28 -16.78 4.41
N CYS C 122 4.70 -16.87 5.67
CA CYS C 122 3.78 -16.66 6.81
C CYS C 122 3.20 -15.25 6.85
N VAL C 123 3.93 -14.28 6.34
CA VAL C 123 3.49 -12.89 6.37
C VAL C 123 2.18 -12.65 5.60
N PRO C 124 2.11 -13.06 4.31
CA PRO C 124 0.83 -12.87 3.61
C PRO C 124 -0.31 -13.71 4.17
N ILE C 125 0.00 -14.87 4.73
CA ILE C 125 -1.01 -15.72 5.40
C ILE C 125 -1.57 -14.98 6.61
N PHE C 126 -0.66 -14.42 7.40
CA PHE C 126 -1.01 -13.60 8.54
C PHE C 126 -1.92 -12.44 8.11
N MET C 127 -1.56 -11.74 7.03
CA MET C 127 -2.36 -10.61 6.58
C MET C 127 -3.76 -11.03 6.13
N PHE C 128 -3.85 -12.19 5.46
CA PHE C 128 -5.14 -12.76 5.08
C PHE C 128 -5.98 -13.03 6.33
N CYS C 129 -5.33 -13.56 7.37
CA CYS C 129 -6.03 -13.78 8.66
C CYS C 129 -6.49 -12.48 9.31
N VAL C 130 -5.69 -11.42 9.21
CA VAL C 130 -6.09 -10.10 9.73
C VAL C 130 -7.39 -9.62 9.08
N LEU C 131 -7.47 -9.73 7.76
CA LEU C 131 -8.63 -9.24 7.03
C LEU C 131 -9.88 -10.10 7.26
N GLN C 132 -9.71 -11.42 7.24
CA GLN C 132 -10.83 -12.37 7.23
C GLN C 132 -11.20 -12.98 8.58
N VAL C 133 -10.27 -12.97 9.53
CA VAL C 133 -10.49 -13.65 10.82
C VAL C 133 -10.39 -12.68 11.99
N PHE C 134 -9.21 -12.10 12.18
CA PHE C 134 -8.97 -11.28 13.38
C PHE C 134 -9.84 -10.04 13.45
N ARG C 135 -9.87 -9.22 12.40
CA ARG C 135 -10.65 -7.99 12.42
C ARG C 135 -12.17 -8.26 12.52
N PRO C 136 -12.68 -9.24 11.75
CA PRO C 136 -14.07 -9.66 11.94
C PRO C 136 -14.38 -10.17 13.36
N LEU C 137 -13.46 -10.92 13.98
CA LEU C 137 -13.65 -11.31 15.40
C LEU C 137 -13.78 -10.08 16.32
N LEU C 138 -12.90 -9.11 16.15
CA LEU C 138 -12.95 -7.89 16.96
C LEU C 138 -14.21 -7.04 16.77
N LEU C 139 -14.85 -7.10 15.63
CA LEU C 139 -16.07 -6.32 15.40
C LEU C 139 -17.35 -7.12 15.63
N GLY C 140 -17.23 -8.44 15.77
CA GLY C 140 -18.36 -9.30 16.09
C GLY C 140 -19.15 -9.91 14.93
N SER C 141 -18.69 -9.77 13.68
CA SER C 141 -19.32 -10.50 12.55
C SER C 141 -18.34 -10.91 11.47
N TRP C 142 -18.58 -12.08 10.90
CA TRP C 142 -17.89 -12.49 9.66
C TRP C 142 -18.24 -11.58 8.49
N GLY C 143 -19.37 -10.88 8.58
CA GLY C 143 -19.81 -9.96 7.54
C GLY C 143 -18.90 -8.79 7.22
N HIS C 144 -17.98 -8.45 8.12
CA HIS C 144 -16.96 -7.42 7.85
C HIS C 144 -15.79 -7.90 6.98
N ALA C 145 -15.76 -9.18 6.62
CA ALA C 145 -14.68 -9.75 5.82
C ALA C 145 -14.89 -9.45 4.32
N PHE C 146 -13.86 -9.72 3.49
CA PHE C 146 -13.94 -9.41 2.05
C PHE C 146 -14.51 -10.55 1.20
N PRO C 147 -15.26 -10.21 0.12
CA PRO C 147 -15.87 -11.21 -0.72
C PRO C 147 -14.88 -11.76 -1.73
N TYR C 148 -15.15 -12.98 -2.20
CA TYR C 148 -14.30 -13.66 -3.16
C TYR C 148 -14.87 -13.44 -4.56
N GLY C 149 -14.29 -12.46 -5.24
CA GLY C 149 -14.54 -12.21 -6.64
C GLY C 149 -13.47 -11.28 -7.18
N ILE C 150 -13.12 -11.46 -8.46
CA ILE C 150 -12.03 -10.73 -9.11
C ILE C 150 -12.20 -9.22 -8.90
N LEU C 151 -13.38 -8.70 -9.21
CA LEU C 151 -13.66 -7.25 -9.08
C LEU C 151 -14.43 -6.88 -7.81
N SER C 152 -15.27 -7.78 -7.31
CA SER C 152 -16.04 -7.52 -6.12
C SER C 152 -15.18 -7.23 -4.89
N HIS C 153 -14.04 -7.92 -4.76
CA HIS C 153 -13.16 -7.65 -3.62
C HIS C 153 -12.61 -6.22 -3.63
N LEU C 154 -12.54 -5.59 -4.80
CA LEU C 154 -12.10 -4.20 -4.91
C LEU C 154 -13.18 -3.24 -4.46
N ASP C 155 -14.44 -3.62 -4.67
CA ASP C 155 -15.55 -2.80 -4.19
C ASP C 155 -15.56 -2.77 -2.66
N TRP C 156 -15.19 -3.89 -2.02
CA TRP C 156 -15.06 -3.96 -0.58
C TRP C 156 -13.90 -3.10 -0.06
N VAL C 157 -12.73 -3.22 -0.69
CA VAL C 157 -11.58 -2.41 -0.32
C VAL C 157 -11.96 -0.93 -0.43
N ASN C 158 -12.66 -0.60 -1.50
CA ASN C 158 -13.06 0.76 -1.81
C ASN C 158 -13.95 1.32 -0.69
N ASN C 159 -15.08 0.67 -0.41
CA ASN C 159 -16.04 1.15 0.60
C ASN C 159 -15.43 1.15 2.02
N PHE C 160 -14.65 0.12 2.32
CA PHE C 160 -13.94 0.03 3.60
C PHE C 160 -13.08 1.28 3.80
N GLY C 161 -12.29 1.67 2.81
CA GLY C 161 -11.50 2.91 2.91
C GLY C 161 -12.34 4.16 3.16
N TYR C 162 -13.41 4.29 2.38
CA TYR C 162 -14.31 5.45 2.50
C TYR C 162 -15.19 5.41 3.76
N GLN C 163 -15.30 4.26 4.43
CA GLN C 163 -15.90 4.24 5.76
C GLN C 163 -15.18 5.15 6.74
N TYR C 164 -13.88 5.38 6.51
CA TYR C 164 -13.07 6.25 7.33
C TYR C 164 -12.65 7.50 6.58
N LEU C 165 -13.52 7.93 5.66
CA LEU C 165 -13.47 9.23 4.98
C LEU C 165 -12.32 9.42 3.99
N ASN C 166 -11.09 9.37 4.48
CA ASN C 166 -9.93 9.29 3.60
C ASN C 166 -8.88 8.39 4.21
N TRP C 167 -8.85 7.16 3.70
CA TRP C 167 -7.97 6.10 4.19
C TRP C 167 -6.50 6.39 3.94
N HIS C 168 -6.18 7.26 2.99
CA HIS C 168 -4.79 7.67 2.77
C HIS C 168 -4.12 8.25 4.02
N TYR C 169 -4.91 8.86 4.89
CA TYR C 169 -4.40 9.47 6.12
C TYR C 169 -4.24 8.47 7.26
N ASN C 170 -4.57 7.21 7.02
CA ASN C 170 -4.34 6.14 8.00
C ASN C 170 -2.82 5.93 8.13
N PRO C 171 -2.25 6.15 9.34
CA PRO C 171 -0.79 6.07 9.51
C PRO C 171 -0.17 4.69 9.24
N GLY C 172 -0.88 3.62 9.58
CA GLY C 172 -0.45 2.26 9.23
C GLY C 172 -0.46 2.03 7.72
N HIS C 173 -1.41 2.67 7.03
CA HIS C 173 -1.46 2.62 5.57
C HIS C 173 -0.30 3.39 4.93
N MET C 174 -0.01 4.58 5.47
CA MET C 174 1.14 5.37 5.00
C MET C 174 2.45 4.58 5.09
N SER C 175 2.61 3.84 6.17
CA SER C 175 3.77 3.00 6.36
C SER C 175 3.78 1.87 5.32
N SER C 176 2.64 1.22 5.16
CA SER C 176 2.47 0.10 4.24
C SER C 176 2.79 0.50 2.81
N VAL C 177 2.20 1.62 2.38
CA VAL C 177 2.43 2.16 1.04
C VAL C 177 3.91 2.46 0.82
N SER C 178 4.53 3.10 1.80
CA SER C 178 5.92 3.49 1.69
C SER C 178 6.81 2.27 1.48
N PHE C 179 6.54 1.20 2.22
CA PHE C 179 7.26 -0.06 2.04
C PHE C 179 6.93 -0.75 0.69
N LEU C 180 5.69 -0.66 0.21
CA LEU C 180 5.34 -1.18 -1.11
C LEU C 180 6.19 -0.50 -2.17
N PHE C 181 6.21 0.83 -2.13
CA PHE C 181 6.94 1.62 -3.11
C PHE C 181 8.44 1.42 -3.04
N VAL C 182 9.06 1.56 -1.86
CA VAL C 182 10.50 1.38 -1.75
C VAL C 182 10.90 -0.07 -2.10
N ASN C 183 10.04 -1.05 -1.82
CA ASN C 183 10.35 -2.44 -2.19
C ASN C 183 10.46 -2.62 -3.73
N ALA C 184 9.52 -2.06 -4.45
CA ALA C 184 9.48 -2.16 -5.91
C ALA C 184 10.66 -1.44 -6.56
N MET C 185 11.02 -0.29 -6.00
CA MET C 185 12.22 0.46 -6.40
C MET C 185 13.47 -0.36 -6.15
N ALA C 186 13.57 -0.91 -4.95
CA ALA C 186 14.76 -1.64 -4.54
C ALA C 186 14.94 -2.92 -5.37
N LEU C 187 13.85 -3.59 -5.74
CA LEU C 187 13.93 -4.79 -6.59
C LEU C 187 14.45 -4.45 -7.98
N GLY C 188 14.00 -3.32 -8.52
CA GLY C 188 14.51 -2.79 -9.79
C GLY C 188 15.99 -2.47 -9.74
N LEU C 189 16.42 -1.82 -8.64
CA LEU C 189 17.83 -1.45 -8.44
C LEU C 189 18.71 -2.68 -8.33
N HIS C 190 18.27 -3.64 -7.51
CA HIS C 190 19.02 -4.85 -7.30
C HIS C 190 19.08 -5.71 -8.57
N GLY C 191 17.93 -5.90 -9.21
CA GLY C 191 17.85 -6.66 -10.46
C GLY C 191 18.67 -6.01 -11.54
N GLY C 192 18.49 -4.70 -11.71
CA GLY C 192 19.30 -3.92 -12.63
C GLY C 192 20.80 -4.03 -12.40
N LEU C 193 21.21 -3.94 -11.14
CA LEU C 193 22.64 -3.96 -10.81
C LEU C 193 23.29 -5.26 -11.21
N ILE C 194 22.69 -6.37 -10.79
CA ILE C 194 23.22 -7.71 -11.07
C ILE C 194 23.33 -7.93 -12.58
N LEU C 195 22.30 -7.53 -13.33
CA LEU C 195 22.30 -7.69 -14.77
C LEU C 195 23.34 -6.80 -15.43
N SER C 196 23.51 -5.58 -14.90
CA SER C 196 24.51 -4.64 -15.41
C SER C 196 25.94 -5.16 -15.27
N VAL C 197 26.20 -5.92 -14.20
CA VAL C 197 27.52 -6.49 -13.93
C VAL C 197 27.78 -7.69 -14.83
N ALA C 198 26.80 -8.60 -14.91
CA ALA C 198 26.94 -9.81 -15.72
C ALA C 198 26.77 -9.58 -17.23
N ASN C 199 26.18 -8.46 -17.63
CA ASN C 199 25.87 -8.18 -19.03
C ASN C 199 26.24 -6.73 -19.35
N PRO C 200 27.55 -6.41 -19.39
CA PRO C 200 27.96 -5.05 -19.78
C PRO C 200 27.74 -4.71 -21.25
N GLY C 201 27.61 -5.73 -22.11
CA GLY C 201 27.33 -5.54 -23.53
C GLY C 201 28.60 -5.33 -24.35
N ASP C 202 28.47 -5.52 -25.67
CA ASP C 202 29.54 -5.26 -26.66
C ASP C 202 30.79 -6.15 -26.47
N GLY C 203 30.59 -7.40 -26.05
CA GLY C 203 31.71 -8.29 -25.75
C GLY C 203 32.65 -7.86 -24.63
N ASP C 204 32.22 -6.90 -23.81
CA ASP C 204 33.03 -6.39 -22.70
C ASP C 204 32.97 -7.44 -21.57
N LYS C 205 33.93 -7.39 -20.65
CA LYS C 205 34.04 -8.45 -19.65
C LYS C 205 33.10 -8.29 -18.45
N VAL C 206 32.61 -9.42 -17.97
CA VAL C 206 31.84 -9.51 -16.73
C VAL C 206 32.63 -8.82 -15.61
N LYS C 207 31.99 -7.89 -14.90
CA LYS C 207 32.60 -7.18 -13.80
C LYS C 207 32.47 -7.95 -12.48
N THR C 208 32.60 -7.24 -11.36
CA THR C 208 32.93 -7.86 -10.08
C THR C 208 32.11 -7.28 -8.94
N ALA C 209 32.17 -7.97 -7.80
CA ALA C 209 31.61 -7.46 -6.52
C ALA C 209 32.06 -6.03 -6.18
N GLU C 210 33.32 -5.72 -6.46
CA GLU C 210 33.88 -4.40 -6.21
C GLU C 210 33.21 -3.34 -7.08
N HIS C 211 32.94 -3.69 -8.33
CA HIS C 211 32.22 -2.79 -9.24
C HIS C 211 30.81 -2.49 -8.72
N GLU C 212 30.13 -3.54 -8.21
CA GLU C 212 28.79 -3.41 -7.64
C GLU C 212 28.79 -2.32 -6.59
N ASN C 213 29.67 -2.47 -5.61
CA ASN C 213 29.73 -1.51 -4.50
C ASN C 213 30.21 -0.13 -4.94
N GLN C 214 31.18 -0.09 -5.85
CA GLN C 214 31.63 1.19 -6.42
C GLN C 214 30.50 1.97 -7.08
N TYR C 215 29.62 1.27 -7.80
CA TYR C 215 28.52 1.94 -8.50
C TYR C 215 27.62 2.73 -7.52
N PHE C 216 27.20 2.08 -6.44
CA PHE C 216 26.30 2.73 -5.47
C PHE C 216 26.97 3.77 -4.55
N ARG C 217 28.22 3.53 -4.15
CA ARG C 217 29.03 4.57 -3.49
C ARG C 217 29.16 5.81 -4.36
N ASP C 218 29.43 5.64 -5.64
CA ASP C 218 29.46 6.78 -6.55
C ASP C 218 28.12 7.50 -6.62
N VAL C 219 27.04 6.75 -6.87
CA VAL C 219 25.75 7.37 -7.16
C VAL C 219 25.08 7.96 -5.92
N VAL C 220 25.13 7.25 -4.79
CA VAL C 220 24.47 7.71 -3.54
C VAL C 220 25.34 7.71 -2.27
N GLY C 221 26.65 7.49 -2.39
CA GLY C 221 27.56 7.52 -1.25
C GLY C 221 27.53 6.34 -0.32
N TYR C 222 26.80 5.29 -0.68
CA TYR C 222 26.69 4.11 0.18
C TYR C 222 26.25 2.90 -0.62
N SER C 223 26.79 1.74 -0.27
CA SER C 223 26.35 0.49 -0.82
C SER C 223 26.18 -0.48 0.33
N ILE C 224 24.98 -1.04 0.45
CA ILE C 224 24.68 -1.97 1.55
C ILE C 224 25.36 -3.34 1.40
N GLY C 225 25.75 -3.70 0.18
CA GLY C 225 26.44 -4.98 -0.06
C GLY C 225 25.54 -6.11 -0.54
N ALA C 226 26.19 -7.20 -0.94
CA ALA C 226 25.55 -8.26 -1.70
C ALA C 226 24.58 -9.07 -0.86
N LEU C 227 25.03 -9.61 0.26
CA LEU C 227 24.16 -10.37 1.16
C LEU C 227 23.05 -9.49 1.73
N SER C 228 23.43 -8.29 2.13
CA SER C 228 22.57 -7.41 2.89
C SER C 228 21.36 -6.86 2.11
N ILE C 229 21.51 -6.65 0.80
CA ILE C 229 20.38 -6.22 -0.06
C ILE C 229 19.29 -7.30 -0.08
N HIS C 230 19.69 -8.56 0.10
CA HIS C 230 18.75 -9.65 0.21
C HIS C 230 18.04 -9.69 1.54
N ARG C 231 18.78 -9.41 2.62
CA ARG C 231 18.16 -9.24 3.93
C ARG C 231 17.21 -8.05 3.92
N LEU C 232 17.66 -6.93 3.36
CA LEU C 232 16.87 -5.71 3.29
C LEU C 232 15.59 -5.94 2.47
N GLY C 233 15.72 -6.63 1.34
CA GLY C 233 14.60 -6.91 0.46
C GLY C 233 13.48 -7.67 1.14
N LEU C 234 13.85 -8.70 1.89
CA LEU C 234 12.90 -9.46 2.72
C LEU C 234 12.26 -8.57 3.78
N PHE C 235 13.06 -7.72 4.40
CA PHE C 235 12.60 -6.82 5.44
C PHE C 235 11.62 -5.80 4.87
N LEU C 236 12.00 -5.16 3.78
CA LEU C 236 11.13 -4.18 3.13
C LEU C 236 9.78 -4.80 2.70
N ALA C 237 9.84 -5.96 2.05
CA ALA C 237 8.64 -6.61 1.53
C ALA C 237 7.75 -7.06 2.67
N SER C 238 8.33 -7.74 3.65
CA SER C 238 7.57 -8.22 4.80
C SER C 238 6.86 -7.07 5.54
N ASN C 239 7.50 -5.90 5.62
CA ASN C 239 6.93 -4.76 6.32
C ASN C 239 5.79 -4.03 5.61
N ILE C 240 5.54 -4.38 4.35
CA ILE C 240 4.33 -3.93 3.67
C ILE C 240 3.11 -4.37 4.49
N PHE C 241 3.09 -5.65 4.85
CA PHE C 241 1.98 -6.22 5.62
C PHE C 241 2.14 -6.13 7.15
N LEU C 242 3.36 -6.27 7.66
CA LEU C 242 3.57 -6.23 9.11
C LEU C 242 3.14 -4.88 9.68
N THR C 243 3.50 -3.79 9.00
CA THR C 243 3.02 -2.46 9.41
C THR C 243 1.57 -2.22 8.96
N GLY C 244 1.21 -2.68 7.77
CA GLY C 244 -0.14 -2.50 7.26
C GLY C 244 -1.21 -3.06 8.19
N ALA C 245 -0.95 -4.25 8.74
CA ALA C 245 -1.87 -4.94 9.65
C ALA C 245 -2.37 -4.08 10.83
N PHE C 246 -1.51 -3.23 11.37
CA PHE C 246 -1.90 -2.28 12.42
C PHE C 246 -2.95 -1.28 11.97
N GLY C 247 -2.76 -0.69 10.78
CA GLY C 247 -3.72 0.25 10.20
C GLY C 247 -5.07 -0.37 9.86
N THR C 248 -5.05 -1.66 9.49
CA THR C 248 -6.25 -2.40 9.20
C THR C 248 -7.00 -2.75 10.49
N ILE C 249 -6.29 -3.35 11.44
CA ILE C 249 -6.85 -3.74 12.74
C ILE C 249 -7.39 -2.54 13.51
N ALA C 250 -6.69 -1.41 13.45
CA ALA C 250 -7.11 -0.21 14.15
C ALA C 250 -8.45 0.37 13.67
N SER C 251 -8.77 0.17 12.40
CA SER C 251 -9.94 0.80 11.77
C SER C 251 -11.22 0.06 12.09
N GLY C 252 -11.99 0.62 13.02
CA GLY C 252 -13.22 0.03 13.52
C GLY C 252 -13.06 -0.28 15.00
N PRO C 253 -12.27 -1.31 15.33
CA PRO C 253 -12.05 -1.68 16.74
C PRO C 253 -11.36 -0.62 17.61
N PHE C 254 -10.40 0.13 17.06
CA PHE C 254 -9.64 1.13 17.83
C PHE C 254 -9.78 2.57 17.33
N TRP C 255 -10.58 2.78 16.30
CA TRP C 255 -10.81 4.11 15.75
C TRP C 255 -12.09 4.05 14.91
N THR C 256 -13.03 4.94 15.18
CA THR C 256 -14.31 4.98 14.48
C THR C 256 -14.51 6.23 13.63
N ARG C 257 -13.66 7.24 13.77
CA ARG C 257 -13.82 8.50 13.04
C ARG C 257 -13.08 8.42 11.71
N GLY C 258 -13.05 9.52 10.97
CA GLY C 258 -12.22 9.60 9.79
C GLY C 258 -10.74 9.60 10.17
N TRP C 259 -9.91 9.09 9.27
CA TRP C 259 -8.47 9.00 9.54
C TRP C 259 -7.74 10.35 9.54
N PRO C 260 -8.18 11.34 8.73
CA PRO C 260 -7.54 12.65 8.86
C PRO C 260 -7.69 13.26 10.26
N GLU C 261 -8.87 13.09 10.86
CA GLU C 261 -9.10 13.57 12.22
C GLU C 261 -8.14 12.98 13.26
N TRP C 262 -7.69 11.74 13.04
CA TRP C 262 -6.69 11.14 13.93
C TRP C 262 -5.49 12.05 14.18
N TRP C 263 -5.07 12.79 13.15
CA TRP C 263 -3.91 13.69 13.24
C TRP C 263 -4.12 14.93 14.11
N GLY C 264 -5.31 15.07 14.71
CA GLY C 264 -5.56 16.03 15.78
C GLY C 264 -4.60 15.93 16.96
N TRP C 265 -4.14 14.72 17.29
CA TRP C 265 -3.10 14.55 18.30
C TRP C 265 -1.93 15.51 18.07
N TRP C 266 -1.57 15.74 16.81
CA TRP C 266 -0.53 16.69 16.44
C TRP C 266 -1.10 18.10 16.34
N LEU C 267 -2.11 18.26 15.51
CA LEU C 267 -2.59 19.59 15.13
C LEU C 267 -3.14 20.40 16.31
N ASP C 268 -3.82 19.71 17.22
CA ASP C 268 -4.54 20.33 18.35
C ASP C 268 -3.78 20.35 19.70
N ILE C 269 -2.46 20.18 19.68
CA ILE C 269 -1.64 20.39 20.88
C ILE C 269 -1.83 21.87 21.28
N PRO C 270 -2.17 22.15 22.57
CA PRO C 270 -2.50 23.54 22.96
C PRO C 270 -1.37 24.56 22.75
N PHE C 271 -0.14 24.16 23.06
CA PHE C 271 1.09 24.92 22.73
C PHE C 271 1.04 25.74 21.41
N TRP C 272 0.53 25.16 20.31
CA TRP C 272 0.43 25.89 19.01
C TRP C 272 -0.98 26.07 18.43
N SER C 273 -2.02 25.67 19.18
CA SER C 273 -3.41 25.85 18.74
C SER C 273 -3.83 27.31 18.89
N ALA D 1 20.10 -22.30 13.61
CA ALA D 1 19.88 -21.16 12.67
C ALA D 1 21.19 -20.53 12.20
N ASP D 2 21.14 -19.96 11.00
CA ASP D 2 22.27 -19.20 10.45
C ASP D 2 22.15 -17.76 10.94
N TYR D 3 22.91 -17.41 11.96
CA TYR D 3 22.87 -16.07 12.56
C TYR D 3 23.40 -15.01 11.61
N GLN D 4 24.25 -15.43 10.66
CA GLN D 4 24.78 -14.52 9.64
C GLN D 4 23.69 -13.88 8.77
N THR D 5 22.57 -14.60 8.58
CA THR D 5 21.44 -14.07 7.81
C THR D 5 20.65 -13.01 8.56
N ILE D 6 20.78 -12.98 9.89
CA ILE D 6 20.19 -11.93 10.72
C ILE D 6 21.14 -10.72 10.84
N TYR D 7 22.41 -10.97 11.18
CA TYR D 7 23.39 -9.88 11.34
C TYR D 7 24.82 -10.44 11.25
N THR D 8 25.77 -9.56 10.92
CA THR D 8 27.19 -9.92 10.92
C THR D 8 27.72 -10.05 12.37
N GLN D 9 28.06 -11.27 12.77
CA GLN D 9 28.59 -11.57 14.11
C GLN D 9 29.99 -10.97 14.33
N ILE D 10 30.90 -11.20 13.39
CA ILE D 10 32.25 -10.62 13.44
C ILE D 10 32.45 -9.79 12.17
N GLN D 11 32.61 -8.48 12.35
CA GLN D 11 32.90 -7.60 11.23
C GLN D 11 34.39 -7.48 10.94
N ALA D 12 34.68 -7.22 9.66
CA ALA D 12 36.02 -7.12 9.14
C ALA D 12 36.28 -5.68 8.78
N ARG D 13 37.52 -5.25 8.94
CA ARG D 13 37.96 -3.93 8.48
C ARG D 13 39.21 -4.12 7.62
N GLY D 14 39.39 -3.24 6.66
CA GLY D 14 40.51 -3.34 5.73
C GLY D 14 40.61 -2.08 4.89
N PRO D 15 41.65 -1.99 4.06
CA PRO D 15 41.83 -0.78 3.26
C PRO D 15 40.69 -0.62 2.25
N HIS D 16 40.34 0.64 1.97
CA HIS D 16 39.19 0.93 1.11
C HIS D 16 39.55 0.68 -0.36
N ILE D 17 38.68 -0.06 -1.03
CA ILE D 17 38.81 -0.35 -2.46
C ILE D 17 38.28 0.83 -3.27
N THR D 18 38.95 1.14 -4.36
CA THR D 18 38.45 2.11 -5.32
C THR D 18 38.62 1.53 -6.73
N VAL D 19 37.50 1.25 -7.40
CA VAL D 19 37.51 0.79 -8.77
C VAL D 19 37.50 2.01 -9.66
N SER D 20 38.49 2.06 -10.54
CA SER D 20 38.69 3.21 -11.40
C SER D 20 37.66 3.22 -12.54
N GLY D 21 37.04 4.37 -12.76
CA GLY D 21 36.18 4.60 -13.91
C GLY D 21 36.92 5.31 -15.03
N GLU D 22 36.37 5.19 -16.24
CA GLU D 22 36.95 5.76 -17.45
C GLU D 22 37.10 7.29 -17.39
N TRP D 23 36.29 7.94 -16.56
CA TRP D 23 36.50 9.34 -16.19
C TRP D 23 35.99 9.61 -14.77
N GLY D 24 36.28 10.81 -14.29
CA GLY D 24 35.78 11.28 -13.02
C GLY D 24 36.37 10.71 -11.74
N ASP D 25 37.46 9.94 -11.80
CA ASP D 25 38.08 9.43 -10.56
C ASP D 25 38.48 10.52 -9.53
N ASN D 26 38.77 11.74 -9.99
CA ASN D 26 39.10 12.87 -9.10
C ASN D 26 37.89 13.59 -8.50
N ASP D 27 36.71 13.48 -9.14
CA ASP D 27 35.47 14.07 -8.60
C ASP D 27 34.83 13.28 -7.43
N ARG D 28 35.43 12.16 -7.02
CA ARG D 28 35.03 11.50 -5.78
C ARG D 28 35.51 12.30 -4.55
N VAL D 29 34.58 12.95 -3.85
CA VAL D 29 34.88 13.75 -2.66
C VAL D 29 34.56 13.02 -1.37
N GLY D 30 35.10 13.53 -0.27
CA GLY D 30 34.87 13.01 1.07
C GLY D 30 35.85 11.93 1.40
N LYS D 31 36.04 11.69 2.69
CA LYS D 31 36.88 10.61 3.15
C LYS D 31 35.97 9.56 3.76
N PRO D 32 36.20 8.27 3.45
CA PRO D 32 35.32 7.25 4.00
C PRO D 32 35.43 7.12 5.51
N PHE D 33 34.30 6.89 6.17
CA PHE D 33 34.29 6.49 7.58
C PHE D 33 33.39 5.29 7.77
N TYR D 34 33.50 4.69 8.96
CA TYR D 34 32.96 3.38 9.23
C TYR D 34 32.00 3.47 10.39
N SER D 35 30.89 2.73 10.29
CA SER D 35 29.88 2.69 11.32
C SER D 35 29.72 1.25 11.79
N TYR D 36 30.00 1.04 13.07
CA TYR D 36 29.98 -0.30 13.66
C TYR D 36 28.55 -0.87 13.67
N TRP D 37 27.55 -0.03 13.96
CA TRP D 37 26.16 -0.50 14.04
C TRP D 37 25.56 -0.74 12.66
N LEU D 38 25.86 0.14 11.70
CA LEU D 38 25.50 -0.10 10.30
C LEU D 38 26.14 -1.41 9.81
N GLY D 39 27.41 -1.61 10.17
CA GLY D 39 28.15 -2.81 9.83
C GLY D 39 27.59 -4.13 10.35
N LYS D 40 26.69 -4.07 11.32
CA LYS D 40 25.95 -5.26 11.78
C LYS D 40 24.97 -5.82 10.71
N ILE D 41 24.35 -4.92 9.95
CA ILE D 41 23.27 -5.29 9.00
C ILE D 41 23.62 -4.89 7.58
N GLY D 42 24.89 -4.54 7.35
CA GLY D 42 25.28 -3.96 6.08
C GLY D 42 26.77 -3.79 6.00
N ASP D 43 27.21 -3.14 4.93
CA ASP D 43 28.59 -2.75 4.80
C ASP D 43 28.81 -1.54 5.71
N ALA D 44 29.91 -1.56 6.47
CA ALA D 44 30.21 -0.50 7.42
C ALA D 44 30.64 0.81 6.76
N GLN D 45 31.17 0.77 5.54
CA GLN D 45 31.72 1.98 4.92
C GLN D 45 30.68 2.94 4.35
N ILE D 46 30.78 4.20 4.77
CA ILE D 46 29.97 5.30 4.25
C ILE D 46 30.90 6.27 3.55
N GLY D 47 30.52 6.70 2.35
CA GLY D 47 31.37 7.50 1.47
C GLY D 47 32.49 6.68 0.83
N PRO D 48 33.27 7.29 -0.07
CA PRO D 48 33.04 8.64 -0.59
C PRO D 48 31.88 8.69 -1.58
N ILE D 49 31.61 9.88 -2.11
CA ILE D 49 30.56 10.08 -3.09
C ILE D 49 31.14 10.78 -4.31
N TYR D 50 30.64 10.38 -5.48
CA TYR D 50 31.00 10.98 -6.75
C TYR D 50 30.18 12.26 -6.93
N LEU D 51 30.79 13.25 -7.54
CA LEU D 51 30.26 14.59 -7.50
C LEU D 51 30.45 15.26 -8.85
N GLY D 52 29.92 14.64 -9.90
CA GLY D 52 30.17 15.11 -11.26
C GLY D 52 29.33 16.32 -11.62
N ALA D 53 29.30 16.66 -12.90
CA ALA D 53 28.49 17.79 -13.38
C ALA D 53 26.99 17.52 -13.29
N SER D 54 26.57 16.34 -13.73
CA SER D 54 25.14 15.99 -13.77
C SER D 54 24.54 15.97 -12.36
N GLY D 55 25.27 15.42 -11.40
CA GLY D 55 24.87 15.44 -9.98
C GLY D 55 24.75 16.83 -9.36
N ILE D 56 25.70 17.72 -9.68
CA ILE D 56 25.67 19.11 -9.21
C ILE D 56 24.50 19.84 -9.84
N ALA D 57 24.31 19.65 -11.15
CA ALA D 57 23.17 20.20 -11.87
C ALA D 57 21.85 19.71 -11.26
N ALA D 58 21.80 18.43 -10.91
CA ALA D 58 20.62 17.86 -10.26
C ALA D 58 20.32 18.53 -8.91
N PHE D 59 21.35 18.69 -8.08
CA PHE D 59 21.24 19.41 -6.79
C PHE D 59 20.82 20.87 -6.94
N ALA D 60 21.32 21.52 -7.98
CA ALA D 60 20.99 22.91 -8.24
C ALA D 60 19.52 23.07 -8.60
N PHE D 61 19.08 22.33 -9.62
CA PHE D 61 17.69 22.42 -10.09
C PHE D 61 16.69 21.94 -9.04
N GLY D 62 17.05 20.88 -8.31
CA GLY D 62 16.21 20.33 -7.25
C GLY D 62 15.99 21.29 -6.11
N SER D 63 17.09 21.82 -5.57
CA SER D 63 17.07 22.86 -4.53
C SER D 63 16.20 24.06 -4.90
N THR D 64 16.29 24.50 -6.15
CA THR D 64 15.47 25.58 -6.68
C THR D 64 14.00 25.21 -6.61
N ALA D 65 13.67 23.97 -6.98
CA ALA D 65 12.29 23.47 -6.92
C ALA D 65 11.79 23.41 -5.47
N ILE D 66 12.62 22.83 -4.60
CA ILE D 66 12.33 22.77 -3.16
C ILE D 66 12.08 24.16 -2.57
N LEU D 67 12.92 25.14 -2.95
CA LEU D 67 12.80 26.51 -2.41
C LEU D 67 11.54 27.22 -2.89
N ILE D 68 11.17 27.04 -4.15
CA ILE D 68 9.91 27.59 -4.68
C ILE D 68 8.72 27.03 -3.89
N ILE D 69 8.77 25.74 -3.55
CA ILE D 69 7.66 25.09 -2.84
C ILE D 69 7.59 25.60 -1.40
N LEU D 70 8.70 25.48 -0.67
CA LEU D 70 8.79 25.95 0.72
C LEU D 70 8.38 27.42 0.91
N PHE D 71 8.76 28.30 -0.02
CA PHE D 71 8.40 29.71 0.07
C PHE D 71 6.90 29.89 -0.05
N ASN D 72 6.30 29.25 -1.06
CA ASN D 72 4.85 29.28 -1.22
C ASN D 72 4.10 28.64 -0.04
N MET D 73 4.67 27.60 0.55
CA MET D 73 4.10 26.97 1.74
C MET D 73 4.12 27.95 2.90
N ALA D 74 5.27 28.60 3.11
CA ALA D 74 5.46 29.60 4.16
C ALA D 74 4.51 30.79 4.00
N ALA D 75 4.27 31.21 2.75
CA ALA D 75 3.29 32.27 2.46
C ALA D 75 1.87 31.87 2.87
N GLU D 76 1.55 30.60 2.73
CA GLU D 76 0.24 30.06 3.09
C GLU D 76 -0.08 30.18 4.60
N VAL D 77 0.96 30.24 5.44
CA VAL D 77 0.80 30.52 6.88
C VAL D 77 1.28 31.92 7.28
N HIS D 78 1.21 32.87 6.35
CA HIS D 78 1.72 34.25 6.51
C HIS D 78 3.07 34.34 7.24
N PHE D 79 3.97 33.45 6.86
CA PHE D 79 5.35 33.38 7.37
C PHE D 79 5.54 33.14 8.86
N ASP D 80 4.49 32.72 9.56
CA ASP D 80 4.58 32.44 11.00
C ASP D 80 5.39 31.15 11.12
N PRO D 81 6.60 31.20 11.69
CA PRO D 81 7.41 29.97 11.75
C PRO D 81 6.82 28.82 12.58
N LEU D 82 6.04 29.13 13.62
CA LEU D 82 5.46 28.10 14.48
C LEU D 82 4.29 27.36 13.79
N GLN D 83 3.39 28.13 13.19
CA GLN D 83 2.29 27.55 12.41
C GLN D 83 2.79 26.77 11.18
N PHE D 84 3.90 27.21 10.59
CA PHE D 84 4.57 26.48 9.51
C PHE D 84 4.93 25.04 9.92
N PHE D 85 5.59 24.86 11.06
CA PHE D 85 5.91 23.52 11.57
C PHE D 85 4.64 22.74 11.91
N ARG D 86 3.69 23.40 12.57
CA ARG D 86 2.43 22.77 12.97
C ARG D 86 1.68 22.21 11.76
N GLN D 87 1.48 23.07 10.77
CA GLN D 87 0.60 22.78 9.66
C GLN D 87 1.32 22.19 8.44
N PHE D 88 2.61 21.87 8.57
CA PHE D 88 3.45 21.52 7.41
C PHE D 88 2.82 20.51 6.44
N PHE D 89 2.28 19.42 7.00
CA PHE D 89 1.66 18.35 6.22
C PHE D 89 0.49 18.84 5.36
N TRP D 90 -0.25 19.82 5.86
CA TRP D 90 -1.42 20.39 5.20
C TRP D 90 -1.09 21.47 4.15
N LEU D 91 0.15 21.95 4.14
CA LEU D 91 0.54 23.02 3.21
C LEU D 91 0.89 22.46 1.87
N GLY D 92 0.67 23.24 0.82
CA GLY D 92 1.09 22.84 -0.50
C GLY D 92 1.16 23.94 -1.52
N LEU D 93 1.71 23.58 -2.69
CA LEU D 93 1.75 24.43 -3.86
C LEU D 93 0.86 23.79 -4.92
N TYR D 94 -0.18 24.50 -5.33
CA TYR D 94 -1.26 23.96 -6.16
C TYR D 94 -1.18 24.37 -7.62
N PRO D 95 -1.56 23.47 -8.55
CA PRO D 95 -1.77 23.92 -9.93
C PRO D 95 -2.94 24.90 -10.01
N PRO D 96 -3.15 25.53 -11.18
CA PRO D 96 -4.28 26.46 -11.26
C PRO D 96 -5.60 25.82 -10.83
N LYS D 97 -6.37 26.54 -10.02
CA LYS D 97 -7.74 26.18 -9.66
C LYS D 97 -8.74 26.56 -10.75
N ALA D 98 -8.48 27.67 -11.44
CA ALA D 98 -9.32 28.09 -12.55
C ALA D 98 -8.90 27.41 -13.86
N GLN D 99 -9.82 27.34 -14.79
CA GLN D 99 -9.57 26.75 -16.10
C GLN D 99 -9.01 27.82 -17.04
N TYR D 100 -7.70 27.84 -17.16
CA TYR D 100 -6.99 28.61 -18.19
C TYR D 100 -6.66 27.74 -19.40
N GLY D 101 -7.01 26.45 -19.37
CA GLY D 101 -6.60 25.49 -20.39
C GLY D 101 -5.09 25.26 -20.33
N MET D 102 -4.45 25.24 -21.51
CA MET D 102 -2.99 25.21 -21.62
C MET D 102 -2.31 26.57 -21.43
N GLY D 103 -3.09 27.65 -21.33
CA GLY D 103 -2.55 28.97 -21.04
C GLY D 103 -1.64 28.98 -19.83
N ILE D 104 -0.55 29.75 -19.89
CA ILE D 104 0.36 29.87 -18.76
C ILE D 104 -0.41 30.57 -17.65
N PRO D 105 -0.54 29.91 -16.48
CA PRO D 105 -1.38 30.50 -15.44
C PRO D 105 -0.70 31.68 -14.75
N PRO D 106 -1.49 32.54 -14.09
CA PRO D 106 -0.90 33.57 -13.24
C PRO D 106 -0.09 32.95 -12.10
N LEU D 107 0.93 33.66 -11.62
CA LEU D 107 1.77 33.17 -10.52
C LEU D 107 0.98 32.86 -9.22
N HIS D 108 -0.03 33.66 -8.92
CA HIS D 108 -0.87 33.45 -7.72
C HIS D 108 -1.78 32.20 -7.82
N ASP D 109 -2.07 31.76 -9.04
CA ASP D 109 -2.91 30.60 -9.29
C ASP D 109 -2.25 29.60 -10.28
N GLY D 110 -1.10 29.04 -9.88
CA GLY D 110 -0.50 27.90 -10.59
C GLY D 110 0.80 28.10 -11.36
N GLY D 111 1.22 29.35 -11.52
CA GLY D 111 2.47 29.66 -12.20
C GLY D 111 3.67 29.22 -11.41
N TRP D 112 3.64 29.43 -10.10
CA TRP D 112 4.71 28.94 -9.21
C TRP D 112 4.77 27.41 -9.25
N TRP D 113 3.60 26.77 -9.32
CA TRP D 113 3.52 25.31 -9.43
C TRP D 113 4.24 24.84 -10.70
N LEU D 114 3.90 25.48 -11.81
CA LEU D 114 4.48 25.14 -13.12
C LEU D 114 6.02 25.31 -13.11
N MET D 115 6.49 26.40 -12.50
CA MET D 115 7.92 26.62 -12.29
C MET D 115 8.60 25.50 -11.52
N ALA D 116 8.04 25.18 -10.35
CA ALA D 116 8.56 24.09 -9.52
C ALA D 116 8.58 22.77 -10.29
N GLY D 117 7.56 22.57 -11.13
CA GLY D 117 7.49 21.43 -12.04
C GLY D 117 8.63 21.32 -13.03
N LEU D 118 8.95 22.45 -13.66
CA LEU D 118 10.09 22.55 -14.58
C LEU D 118 11.39 22.16 -13.89
N PHE D 119 11.67 22.81 -12.76
CA PHE D 119 12.94 22.57 -12.07
C PHE D 119 13.10 21.16 -11.48
N MET D 120 12.00 20.55 -11.03
CA MET D 120 12.04 19.14 -10.65
C MET D 120 12.35 18.25 -11.85
N THR D 121 11.71 18.52 -12.99
CA THR D 121 11.92 17.73 -14.19
C THR D 121 13.37 17.78 -14.66
N LEU D 122 13.96 18.97 -14.64
CA LEU D 122 15.38 19.14 -15.00
C LEU D 122 16.26 18.41 -14.00
N SER D 123 15.90 18.46 -12.72
CA SER D 123 16.58 17.69 -11.67
C SER D 123 16.53 16.18 -11.87
N LEU D 124 15.38 15.66 -12.32
CA LEU D 124 15.24 14.22 -12.59
C LEU D 124 16.07 13.80 -13.80
N GLY D 125 15.99 14.57 -14.88
CA GLY D 125 16.82 14.36 -16.06
C GLY D 125 18.32 14.37 -15.77
N SER D 126 18.76 15.32 -14.93
CA SER D 126 20.18 15.43 -14.57
C SER D 126 20.61 14.24 -13.74
N TRP D 127 19.75 13.80 -12.80
CA TRP D 127 20.06 12.61 -12.04
C TRP D 127 20.07 11.36 -12.93
N TRP D 128 19.18 11.30 -13.93
CA TRP D 128 19.15 10.16 -14.85
C TRP D 128 20.49 10.01 -15.58
N ILE D 129 21.05 11.14 -16.01
CA ILE D 129 22.36 11.16 -16.67
C ILE D 129 23.45 10.61 -15.74
N ARG D 130 23.45 11.04 -14.50
CA ARG D 130 24.34 10.49 -13.47
C ARG D 130 24.24 8.97 -13.35
N VAL D 131 23.01 8.46 -13.29
CA VAL D 131 22.74 7.02 -13.11
C VAL D 131 23.22 6.21 -14.30
N TYR D 132 22.94 6.71 -15.50
CA TYR D 132 23.38 6.12 -16.77
C TYR D 132 24.92 6.16 -16.93
N SER D 133 25.47 7.37 -16.89
CA SER D 133 26.89 7.60 -17.17
C SER D 133 27.83 6.90 -16.18
N ARG D 134 27.47 6.89 -14.90
CA ARG D 134 28.27 6.14 -13.90
C ARG D 134 28.40 4.64 -14.25
N ALA D 135 27.34 4.09 -14.86
CA ALA D 135 27.36 2.70 -15.29
C ALA D 135 28.34 2.53 -16.45
N ARG D 136 28.25 3.43 -17.43
CA ARG D 136 29.15 3.42 -18.60
C ARG D 136 30.61 3.58 -18.16
N ALA D 137 30.84 4.53 -17.24
CA ALA D 137 32.17 4.80 -16.71
C ALA D 137 32.82 3.61 -16.03
N LEU D 138 32.03 2.78 -15.36
CA LEU D 138 32.55 1.59 -14.66
C LEU D 138 32.44 0.31 -15.50
N GLY D 139 32.07 0.45 -16.78
CA GLY D 139 31.95 -0.69 -17.69
C GLY D 139 30.82 -1.64 -17.33
N LEU D 140 29.68 -1.07 -16.96
CA LEU D 140 28.50 -1.82 -16.58
C LEU D 140 27.38 -1.53 -17.57
N GLY D 141 26.46 -2.47 -17.72
CA GLY D 141 25.23 -2.24 -18.46
C GLY D 141 24.36 -1.14 -17.87
N THR D 142 23.43 -0.66 -18.67
CA THR D 142 22.59 0.49 -18.34
C THR D 142 21.16 0.10 -17.86
N HIS D 143 21.04 -1.08 -17.27
CA HIS D 143 19.76 -1.66 -16.88
C HIS D 143 19.03 -0.80 -15.84
N ILE D 144 19.78 -0.27 -14.88
CA ILE D 144 19.21 0.60 -13.84
C ILE D 144 18.58 1.84 -14.47
N ALA D 145 19.33 2.49 -15.34
CA ALA D 145 18.87 3.72 -15.99
C ALA D 145 17.59 3.53 -16.80
N TRP D 146 17.39 2.35 -17.42
CA TRP D 146 16.15 2.12 -18.17
C TRP D 146 14.94 1.88 -17.27
N ASN D 147 15.15 1.23 -16.12
CA ASN D 147 14.13 1.10 -15.08
C ASN D 147 13.79 2.49 -14.52
N PHE D 148 14.82 3.28 -14.25
CA PHE D 148 14.65 4.63 -13.73
C PHE D 148 13.97 5.54 -14.73
N ALA D 149 14.26 5.34 -16.02
CA ALA D 149 13.61 6.09 -17.08
C ALA D 149 12.09 5.90 -17.05
N ALA D 150 11.65 4.66 -16.81
CA ALA D 150 10.21 4.37 -16.72
C ALA D 150 9.55 5.09 -15.52
N ALA D 151 10.26 5.15 -14.40
CA ALA D 151 9.78 5.87 -13.22
C ALA D 151 9.63 7.37 -13.47
N ILE D 152 10.62 7.96 -14.14
CA ILE D 152 10.57 9.38 -14.51
C ILE D 152 9.44 9.62 -15.51
N PHE D 153 9.31 8.74 -16.49
CA PHE D 153 8.23 8.86 -17.47
C PHE D 153 6.84 8.89 -16.80
N PHE D 154 6.64 8.02 -15.80
CA PHE D 154 5.38 8.01 -15.05
C PHE D 154 5.11 9.36 -14.36
N VAL D 155 6.12 9.92 -13.71
CA VAL D 155 6.02 11.24 -13.09
C VAL D 155 5.62 12.31 -14.11
N LEU D 156 6.24 12.28 -15.28
CA LEU D 156 5.91 13.23 -16.34
C LEU D 156 4.48 13.04 -16.83
N CYS D 157 4.00 11.80 -16.85
CA CYS D 157 2.61 11.52 -17.23
C CYS D 157 1.59 12.18 -16.31
N ILE D 158 1.75 12.00 -15.00
CA ILE D 158 0.83 12.62 -14.03
C ILE D 158 1.07 14.12 -13.84
N GLY D 159 2.32 14.55 -14.02
CA GLY D 159 2.68 15.95 -13.86
C GLY D 159 2.38 16.87 -15.02
N CYS D 160 2.73 16.49 -16.25
CA CYS D 160 2.47 17.36 -17.42
C CYS D 160 1.94 16.72 -18.69
N ILE D 161 2.22 15.44 -18.97
CA ILE D 161 1.75 14.84 -20.23
C ILE D 161 0.23 14.68 -20.22
N HIS D 162 -0.35 14.11 -19.16
CA HIS D 162 -1.82 14.01 -19.07
C HIS D 162 -2.50 15.39 -19.13
N PRO D 163 -2.01 16.38 -18.36
CA PRO D 163 -2.52 17.75 -18.50
C PRO D 163 -2.46 18.31 -19.94
N THR D 164 -1.34 18.09 -20.62
CA THR D 164 -1.22 18.48 -22.02
C THR D 164 -2.23 17.78 -22.92
N LEU D 165 -2.39 16.48 -22.75
CA LEU D 165 -3.30 15.70 -23.60
C LEU D 165 -4.77 16.08 -23.46
N VAL D 166 -5.23 16.41 -22.26
CA VAL D 166 -6.61 16.92 -22.08
C VAL D 166 -6.70 18.44 -22.22
N GLY D 167 -5.56 19.11 -22.07
CA GLY D 167 -5.47 20.54 -22.32
C GLY D 167 -5.75 21.42 -21.13
N SER D 168 -5.44 20.96 -19.92
CA SER D 168 -5.61 21.76 -18.71
C SER D 168 -4.55 21.47 -17.68
N TRP D 169 -3.77 22.49 -17.33
CA TRP D 169 -2.81 22.42 -16.24
C TRP D 169 -3.46 22.20 -14.87
N SER D 170 -4.77 22.46 -14.75
CA SER D 170 -5.49 22.22 -13.50
C SER D 170 -5.45 20.77 -12.97
N GLU D 171 -5.06 19.80 -13.82
CA GLU D 171 -5.08 18.38 -13.47
C GLU D 171 -3.78 17.83 -12.93
N GLY D 172 -2.75 18.67 -12.79
CA GLY D 172 -1.47 18.23 -12.24
C GLY D 172 -1.47 17.88 -10.77
N VAL D 173 -0.41 17.21 -10.34
CA VAL D 173 -0.25 16.78 -8.94
C VAL D 173 0.30 17.94 -8.11
N PRO D 174 -0.41 18.35 -7.03
CA PRO D 174 0.11 19.40 -6.14
C PRO D 174 1.39 18.97 -5.41
N PHE D 175 2.24 19.94 -5.05
CA PHE D 175 3.38 19.66 -4.16
C PHE D 175 2.94 19.82 -2.71
N GLY D 176 3.17 18.78 -1.90
CA GLY D 176 2.82 18.79 -0.49
C GLY D 176 2.50 17.39 -0.01
N ILE D 177 2.60 17.20 1.31
CA ILE D 177 2.41 15.88 1.92
C ILE D 177 0.93 15.45 1.74
N TRP D 178 0.01 16.08 2.45
CA TRP D 178 -1.39 15.73 2.27
C TRP D 178 -1.94 16.17 0.91
N PRO D 179 -1.50 17.32 0.38
CA PRO D 179 -2.12 17.73 -0.90
C PRO D 179 -1.85 16.81 -2.11
N HIS D 180 -0.67 16.20 -2.22
CA HIS D 180 -0.42 15.22 -3.31
C HIS D 180 -1.27 13.93 -3.12
N ILE D 181 -1.54 13.60 -1.87
CA ILE D 181 -2.48 12.54 -1.51
C ILE D 181 -3.91 12.87 -1.93
N ASP D 182 -4.36 14.08 -1.63
CA ASP D 182 -5.72 14.52 -1.94
C ASP D 182 -6.00 14.43 -3.44
N TRP D 183 -4.99 14.72 -4.25
CA TRP D 183 -5.07 14.63 -5.71
C TRP D 183 -5.54 13.23 -6.17
N LEU D 184 -5.04 12.20 -5.50
CA LEU D 184 -5.34 10.81 -5.88
C LEU D 184 -6.85 10.54 -5.91
N THR D 185 -7.54 11.00 -4.87
CA THR D 185 -8.97 10.83 -4.75
C THR D 185 -9.72 11.73 -5.74
N ALA D 186 -9.34 12.99 -5.83
CA ALA D 186 -9.93 13.89 -6.84
C ALA D 186 -9.83 13.32 -8.26
N PHE D 187 -8.68 12.77 -8.60
CA PHE D 187 -8.43 12.20 -9.92
C PHE D 187 -9.29 10.94 -10.11
N SER D 188 -9.24 10.02 -9.14
CA SER D 188 -10.06 8.82 -9.17
C SER D 188 -11.57 9.13 -9.28
N ILE D 189 -12.03 10.12 -8.52
CA ILE D 189 -13.41 10.56 -8.60
C ILE D 189 -13.74 11.12 -9.98
N ARG D 190 -12.90 12.03 -10.47
CA ARG D 190 -13.12 12.65 -11.78
C ARG D 190 -13.25 11.60 -12.90
N TYR D 191 -12.42 10.54 -12.84
CA TYR D 191 -12.35 9.55 -13.90
C TYR D 191 -13.08 8.22 -13.62
N GLY D 192 -14.04 8.27 -12.70
CA GLY D 192 -14.98 7.17 -12.53
C GLY D 192 -14.44 5.91 -11.87
N ASN D 193 -13.70 6.10 -10.78
CA ASN D 193 -13.18 5.03 -9.92
C ASN D 193 -11.99 4.31 -10.55
N PHE D 194 -10.79 4.57 -10.05
CA PHE D 194 -9.57 3.94 -10.59
C PHE D 194 -9.43 2.44 -10.38
N TYR D 195 -10.21 1.85 -9.48
CA TYR D 195 -10.25 0.38 -9.34
C TYR D 195 -10.69 -0.29 -10.65
N TYR D 196 -11.52 0.42 -11.42
CA TYR D 196 -12.01 -0.07 -12.70
C TYR D 196 -11.15 0.30 -13.92
N CYS D 197 -9.95 0.81 -13.69
CA CYS D 197 -9.00 1.07 -14.75
C CYS D 197 -8.08 -0.16 -14.88
N PRO D 198 -8.15 -0.91 -16.00
CA PRO D 198 -7.33 -2.13 -16.11
C PRO D 198 -5.84 -1.95 -15.85
N TRP D 199 -5.30 -0.77 -16.18
CA TRP D 199 -3.88 -0.48 -16.06
C TRP D 199 -3.49 -0.17 -14.62
N HIS D 200 -4.44 0.34 -13.85
CA HIS D 200 -4.38 0.35 -12.39
C HIS D 200 -4.21 -1.07 -11.86
N GLY D 201 -5.10 -1.97 -12.30
CA GLY D 201 -5.00 -3.41 -11.98
C GLY D 201 -3.67 -4.04 -12.29
N PHE D 202 -3.17 -3.81 -13.51
CA PHE D 202 -1.86 -4.32 -13.94
C PHE D 202 -0.72 -3.79 -13.08
N SER D 203 -0.68 -2.48 -12.90
CA SER D 203 0.32 -1.83 -12.07
C SER D 203 0.36 -2.41 -10.65
N ILE D 204 -0.82 -2.55 -10.04
CA ILE D 204 -0.97 -3.15 -8.73
C ILE D 204 -0.49 -4.59 -8.73
N GLY D 205 -0.89 -5.33 -9.75
CA GLY D 205 -0.48 -6.72 -9.90
C GLY D 205 1.03 -6.86 -9.90
N PHE D 206 1.70 -5.98 -10.63
CA PHE D 206 3.16 -5.98 -10.70
C PHE D 206 3.78 -5.47 -9.39
N ALA D 207 3.14 -4.49 -8.76
CA ALA D 207 3.63 -3.92 -7.51
C ALA D 207 3.56 -4.96 -6.39
N TYR D 208 2.41 -5.59 -6.24
CA TYR D 208 2.27 -6.75 -5.35
C TYR D 208 3.26 -7.87 -5.71
N GLY D 209 3.43 -8.08 -7.01
CA GLY D 209 4.38 -9.05 -7.52
C GLY D 209 5.82 -8.75 -7.13
N CYS D 210 6.21 -7.47 -7.13
CA CYS D 210 7.51 -7.06 -6.62
C CYS D 210 7.69 -7.44 -5.13
N GLY D 211 6.62 -7.27 -4.36
CA GLY D 211 6.59 -7.72 -2.98
C GLY D 211 6.85 -9.21 -2.88
N LEU D 212 6.13 -9.97 -3.69
CA LEU D 212 6.22 -11.41 -3.69
C LEU D 212 7.64 -11.85 -4.07
N LEU D 213 8.15 -11.29 -5.17
CA LEU D 213 9.46 -11.68 -5.68
C LEU D 213 10.63 -11.28 -4.80
N PHE D 214 10.61 -10.08 -4.22
CA PHE D 214 11.73 -9.69 -3.37
C PHE D 214 11.71 -10.45 -2.04
N ALA D 215 10.51 -10.73 -1.53
CA ALA D 215 10.40 -11.57 -0.34
C ALA D 215 10.94 -12.96 -0.64
N ALA D 216 10.50 -13.52 -1.77
CA ALA D 216 10.88 -14.88 -2.14
C ALA D 216 12.36 -14.98 -2.52
N HIS D 217 12.85 -13.98 -3.25
CA HIS D 217 14.25 -13.95 -3.68
C HIS D 217 15.20 -13.67 -2.51
N GLY D 218 14.90 -12.64 -1.74
CA GLY D 218 15.67 -12.32 -0.54
C GLY D 218 15.79 -13.51 0.39
N ALA D 219 14.64 -14.14 0.66
CA ALA D 219 14.59 -15.30 1.51
C ALA D 219 15.39 -16.46 0.91
N THR D 220 15.34 -16.62 -0.40
CA THR D 220 16.03 -17.72 -1.06
C THR D 220 17.52 -17.58 -0.88
N ILE D 221 18.04 -16.39 -1.16
CA ILE D 221 19.47 -16.15 -1.04
C ILE D 221 19.94 -16.34 0.41
N LEU D 222 19.15 -15.88 1.39
CA LEU D 222 19.49 -16.07 2.81
C LEU D 222 19.49 -17.53 3.18
N ALA D 223 18.59 -18.30 2.61
CA ALA D 223 18.50 -19.72 2.89
C ALA D 223 19.69 -20.51 2.33
N VAL D 224 20.38 -19.95 1.34
CA VAL D 224 21.59 -20.55 0.75
C VAL D 224 22.84 -19.67 0.94
N ALA D 225 22.83 -18.83 1.97
CA ALA D 225 24.00 -18.02 2.32
C ALA D 225 25.17 -18.87 2.84
N ARG D 226 24.85 -19.99 3.48
CA ARG D 226 25.85 -20.98 3.87
C ARG D 226 26.75 -21.47 2.75
N PHE D 227 26.22 -21.51 1.52
CA PHE D 227 26.93 -21.99 0.33
C PHE D 227 27.37 -20.83 -0.57
N GLY D 228 27.34 -19.60 -0.06
CA GLY D 228 27.82 -18.43 -0.79
C GLY D 228 26.89 -17.88 -1.85
N GLY D 229 25.58 -18.10 -1.68
CA GLY D 229 24.57 -17.67 -2.65
C GLY D 229 24.50 -16.17 -2.87
N ASP D 230 24.94 -15.41 -1.86
CA ASP D 230 25.06 -13.97 -2.00
C ASP D 230 26.04 -13.53 -3.09
N ARG D 231 27.03 -14.38 -3.39
CA ARG D 231 28.02 -14.07 -4.43
C ARG D 231 27.44 -14.38 -5.80
N GLU D 232 26.51 -13.53 -6.23
CA GLU D 232 25.61 -13.86 -7.32
C GLU D 232 26.30 -13.85 -8.68
N ILE D 233 27.30 -12.97 -8.87
CA ILE D 233 27.98 -12.84 -10.16
C ILE D 233 28.71 -14.14 -10.57
N GLU D 234 29.40 -14.76 -9.63
CA GLU D 234 30.14 -15.99 -9.93
C GLU D 234 29.26 -17.23 -9.85
N GLN D 235 28.11 -17.13 -9.21
CA GLN D 235 27.10 -18.19 -9.30
C GLN D 235 26.43 -18.20 -10.70
N ILE D 236 26.39 -17.05 -11.39
CA ILE D 236 25.91 -16.96 -12.77
C ILE D 236 26.91 -17.62 -13.74
N THR D 237 28.16 -17.16 -13.65
CA THR D 237 29.22 -17.64 -14.53
C THR D 237 29.73 -19.03 -14.19
N ASP D 238 29.47 -19.50 -12.97
CA ASP D 238 29.89 -20.85 -12.56
C ASP D 238 28.96 -21.40 -11.48
N ARG D 239 27.84 -21.94 -11.93
CA ARG D 239 26.81 -22.52 -11.07
C ARG D 239 27.37 -23.29 -9.87
N GLY D 240 27.08 -22.79 -8.67
CA GLY D 240 27.41 -23.49 -7.43
C GLY D 240 26.20 -24.17 -6.84
N THR D 241 26.43 -24.99 -5.82
CA THR D 241 25.36 -25.71 -5.15
C THR D 241 24.31 -24.78 -4.52
N ALA D 242 24.72 -23.57 -4.15
CA ALA D 242 23.80 -22.53 -3.66
C ALA D 242 22.60 -22.39 -4.59
N VAL D 243 22.88 -22.11 -5.87
CA VAL D 243 21.83 -21.85 -6.85
C VAL D 243 21.17 -23.11 -7.42
N GLU D 244 21.87 -24.25 -7.35
CA GLU D 244 21.24 -25.54 -7.62
C GLU D 244 20.17 -25.85 -6.60
N ARG D 245 20.48 -25.61 -5.32
CA ARG D 245 19.52 -25.84 -4.24
C ARG D 245 18.35 -24.86 -4.36
N ALA D 246 18.67 -23.59 -4.61
CA ALA D 246 17.65 -22.56 -4.76
C ALA D 246 16.67 -22.92 -5.88
N ALA D 247 17.22 -23.31 -7.04
CA ALA D 247 16.43 -23.71 -8.20
C ALA D 247 15.55 -24.92 -7.92
N LEU D 248 16.10 -25.90 -7.22
CA LEU D 248 15.34 -27.11 -6.88
C LEU D 248 14.29 -26.86 -5.80
N PHE D 249 14.56 -25.91 -4.89
CA PHE D 249 13.55 -25.53 -3.91
C PHE D 249 12.28 -25.09 -4.65
N TRP D 250 12.45 -24.18 -5.60
CA TRP D 250 11.32 -23.63 -6.35
C TRP D 250 10.72 -24.62 -7.33
N ARG D 251 11.55 -25.37 -8.05
CA ARG D 251 11.05 -26.40 -8.95
C ARG D 251 10.18 -27.42 -8.21
N TRP D 252 10.62 -27.88 -7.04
CA TRP D 252 9.85 -28.87 -6.29
C TRP D 252 8.60 -28.29 -5.65
N THR D 253 8.59 -26.98 -5.43
CA THR D 253 7.46 -26.30 -4.82
C THR D 253 6.38 -25.98 -5.87
N ILE D 254 6.76 -25.24 -6.91
CA ILE D 254 5.81 -24.71 -7.91
C ILE D 254 5.83 -25.39 -9.29
N GLY D 255 6.74 -26.33 -9.51
CA GLY D 255 6.80 -27.11 -10.75
C GLY D 255 7.73 -26.59 -11.82
N PHE D 256 8.33 -25.44 -11.57
CA PHE D 256 9.25 -24.83 -12.52
C PHE D 256 10.15 -23.85 -11.77
N ASN D 257 11.16 -23.33 -12.45
CA ASN D 257 12.19 -22.55 -11.78
C ASN D 257 12.91 -21.56 -12.69
N ALA D 258 13.60 -20.62 -12.07
CA ALA D 258 14.47 -19.67 -12.76
C ALA D 258 15.92 -20.11 -12.61
N THR D 259 16.82 -19.32 -13.18
CA THR D 259 18.25 -19.38 -12.83
C THR D 259 18.59 -18.18 -11.95
N ILE D 260 19.78 -18.19 -11.36
CA ILE D 260 20.20 -17.05 -10.54
C ILE D 260 20.24 -15.77 -11.35
N GLU D 261 20.66 -15.83 -12.61
CA GLU D 261 20.57 -14.64 -13.48
C GLU D 261 19.12 -14.29 -13.79
N SER D 262 18.30 -15.27 -14.18
CA SER D 262 16.98 -14.95 -14.79
C SER D 262 15.97 -14.38 -13.77
N VAL D 263 16.03 -14.86 -12.53
CA VAL D 263 15.21 -14.28 -11.46
C VAL D 263 15.42 -12.75 -11.30
N HIS D 264 16.62 -12.27 -11.60
CA HIS D 264 16.89 -10.83 -11.62
C HIS D 264 16.24 -10.16 -12.81
N ARG D 265 16.11 -10.88 -13.93
CA ARG D 265 15.34 -10.39 -15.08
C ARG D 265 13.85 -10.33 -14.75
N TRP D 266 13.34 -11.37 -14.11
CA TRP D 266 11.96 -11.38 -13.63
C TRP D 266 11.68 -10.15 -12.74
N GLY D 267 12.51 -9.94 -11.73
CA GLY D 267 12.38 -8.80 -10.82
C GLY D 267 12.46 -7.45 -11.50
N TRP D 268 13.46 -7.29 -12.34
CA TRP D 268 13.67 -6.06 -13.11
C TRP D 268 12.47 -5.76 -14.00
N PHE D 269 11.93 -6.79 -14.64
CA PHE D 269 10.78 -6.66 -15.54
C PHE D 269 9.53 -6.28 -14.74
N PHE D 270 9.28 -7.00 -13.64
CA PHE D 270 8.14 -6.67 -12.74
C PHE D 270 8.16 -5.24 -12.24
N SER D 271 9.33 -4.77 -11.83
CA SER D 271 9.53 -3.41 -11.34
C SER D 271 9.23 -2.40 -12.46
N LEU D 272 9.89 -2.59 -13.60
CA LEU D 272 9.60 -1.79 -14.80
C LEU D 272 8.10 -1.71 -15.13
N MET D 273 7.41 -2.85 -15.07
CA MET D 273 6.00 -2.92 -15.51
C MET D 273 5.02 -2.24 -14.54
N VAL D 274 5.41 -2.05 -13.28
CA VAL D 274 4.63 -1.19 -12.38
C VAL D 274 4.47 0.19 -13.02
N MET D 275 5.59 0.76 -13.46
CA MET D 275 5.62 2.12 -14.00
C MET D 275 5.11 2.23 -15.44
N VAL D 276 5.44 1.24 -16.28
CA VAL D 276 4.94 1.23 -17.66
C VAL D 276 3.41 1.11 -17.67
N SER D 277 2.88 0.17 -16.89
CA SER D 277 1.43 -0.04 -16.81
C SER D 277 0.72 1.21 -16.28
N ALA D 278 1.29 1.82 -15.23
CA ALA D 278 0.72 3.03 -14.65
C ALA D 278 0.64 4.14 -15.69
N SER D 279 1.72 4.31 -16.45
CA SER D 279 1.82 5.33 -17.48
C SER D 279 0.81 5.14 -18.60
N VAL D 280 0.61 3.90 -19.04
CA VAL D 280 -0.38 3.62 -20.09
C VAL D 280 -1.79 4.00 -19.59
N GLY D 281 -2.08 3.68 -18.33
CA GLY D 281 -3.38 4.02 -17.74
C GLY D 281 -3.68 5.51 -17.69
N ILE D 282 -2.67 6.29 -17.29
CA ILE D 282 -2.80 7.74 -17.24
C ILE D 282 -2.91 8.34 -18.65
N LEU D 283 -2.15 7.80 -19.61
CA LEU D 283 -2.23 8.30 -21.01
C LEU D 283 -3.62 8.10 -21.62
N LEU D 284 -4.23 6.94 -21.32
CA LEU D 284 -5.60 6.67 -21.76
C LEU D 284 -6.66 7.46 -21.00
N THR D 285 -6.37 7.87 -19.76
CA THR D 285 -7.37 8.52 -18.91
C THR D 285 -7.58 9.96 -19.32
N GLY D 286 -8.84 10.34 -19.53
CA GLY D 286 -9.17 11.69 -19.98
C GLY D 286 -9.09 11.84 -21.49
N THR D 287 -8.04 11.28 -22.08
CA THR D 287 -7.82 11.25 -23.51
C THR D 287 -8.90 10.39 -24.19
N PHE D 288 -8.98 9.11 -23.81
CA PHE D 288 -9.87 8.14 -24.47
C PHE D 288 -10.92 7.44 -23.59
N VAL D 289 -10.88 7.72 -22.28
CA VAL D 289 -11.84 7.18 -21.32
C VAL D 289 -12.15 8.30 -20.30
N ASP D 290 -13.44 8.51 -20.06
CA ASP D 290 -13.89 9.54 -19.14
C ASP D 290 -14.34 8.96 -17.79
N ASN D 291 -14.90 7.75 -17.80
CA ASN D 291 -15.41 7.12 -16.60
C ASN D 291 -15.10 5.62 -16.69
N TRP D 292 -14.10 5.21 -15.93
CA TRP D 292 -13.59 3.85 -16.01
C TRP D 292 -14.63 2.82 -15.60
N TYR D 293 -15.42 3.13 -14.58
CA TYR D 293 -16.50 2.24 -14.17
C TYR D 293 -17.51 2.03 -15.31
N LEU D 294 -17.95 3.12 -15.93
CA LEU D 294 -18.92 3.02 -17.03
C LEU D 294 -18.34 2.31 -18.26
N TRP D 295 -17.02 2.45 -18.45
CA TRP D 295 -16.30 1.73 -19.49
C TRP D 295 -16.33 0.21 -19.25
N CYS D 296 -16.10 -0.20 -18.01
CA CYS D 296 -16.24 -1.62 -17.64
C CYS D 296 -17.68 -2.10 -17.78
N VAL D 297 -18.65 -1.27 -17.41
CA VAL D 297 -20.06 -1.61 -17.64
C VAL D 297 -20.37 -1.79 -19.13
N LYS D 298 -19.90 -0.86 -19.97
CA LYS D 298 -20.06 -0.93 -21.42
C LYS D 298 -19.56 -2.25 -21.99
N HIS D 299 -18.44 -2.73 -21.47
CA HIS D 299 -17.82 -3.97 -21.93
C HIS D 299 -18.18 -5.16 -21.05
N GLY D 300 -19.24 -5.06 -20.25
CA GLY D 300 -19.78 -6.22 -19.53
C GLY D 300 -18.98 -6.81 -18.40
N ALA D 301 -18.00 -6.07 -17.86
CA ALA D 301 -17.11 -6.58 -16.82
C ALA D 301 -17.55 -6.29 -15.37
N ALA D 302 -18.27 -5.20 -15.15
CA ALA D 302 -18.62 -4.74 -13.79
C ALA D 302 -19.51 -5.71 -13.00
N PRO D 303 -19.17 -5.98 -11.72
CA PRO D 303 -20.09 -6.74 -10.89
C PRO D 303 -21.29 -5.89 -10.52
N ASP D 304 -22.40 -6.55 -10.25
CA ASP D 304 -23.61 -5.90 -9.79
C ASP D 304 -24.10 -6.64 -8.53
N TYR D 305 -24.88 -5.95 -7.72
CA TYR D 305 -25.30 -6.48 -6.42
C TYR D 305 -26.76 -6.15 -6.21
N PRO D 306 -27.50 -7.01 -5.48
CA PRO D 306 -28.85 -6.61 -5.09
C PRO D 306 -28.91 -5.37 -4.20
N ALA D 307 -30.07 -4.71 -4.20
CA ALA D 307 -30.33 -3.66 -3.22
C ALA D 307 -30.41 -4.29 -1.84
N TYR D 308 -30.04 -3.52 -0.83
CA TYR D 308 -30.16 -3.96 0.55
C TYR D 308 -31.19 -3.04 1.17
N LEU D 309 -30.88 -1.75 1.24
CA LEU D 309 -31.88 -0.74 1.49
C LEU D 309 -32.48 -0.48 0.13
N PRO D 310 -33.70 0.11 0.06
CA PRO D 310 -34.36 0.27 -1.25
C PRO D 310 -33.53 1.04 -2.30
N ALA D 311 -33.69 0.65 -3.56
CA ALA D 311 -33.15 1.41 -4.67
C ALA D 311 -33.74 2.81 -4.64
N THR D 312 -32.94 3.78 -5.01
CA THR D 312 -33.24 5.18 -4.78
C THR D 312 -33.06 5.88 -6.11
N PRO D 313 -34.18 6.27 -6.75
CA PRO D 313 -34.06 7.04 -7.99
C PRO D 313 -33.37 8.38 -7.76
N ASP D 314 -32.67 8.86 -8.78
CA ASP D 314 -32.11 10.20 -8.78
C ASP D 314 -33.24 11.21 -8.62
N PRO D 315 -33.26 11.97 -7.51
CA PRO D 315 -34.32 12.96 -7.33
C PRO D 315 -34.34 14.09 -8.38
N ALA D 316 -33.18 14.43 -8.93
CA ALA D 316 -33.08 15.48 -9.96
C ALA D 316 -33.86 15.18 -11.24
N SER D 317 -34.08 13.90 -11.53
CA SER D 317 -34.83 13.47 -12.70
C SER D 317 -36.32 13.19 -12.43
N LEU D 318 -36.83 13.51 -11.24
CA LEU D 318 -38.28 13.43 -10.97
C LEU D 318 -38.97 14.67 -11.53
N PRO D 319 -40.23 14.54 -12.01
CA PRO D 319 -40.94 15.72 -12.55
C PRO D 319 -41.22 16.80 -11.48
N GLY D 320 -40.99 18.06 -11.84
CA GLY D 320 -41.17 19.20 -10.93
C GLY D 320 -40.15 19.38 -9.81
N ALA D 321 -39.05 18.62 -9.85
CA ALA D 321 -37.99 18.74 -8.87
C ALA D 321 -37.16 19.97 -9.21
N PRO D 322 -36.61 20.68 -8.20
CA PRO D 322 -35.78 21.85 -8.48
C PRO D 322 -34.41 21.49 -9.09
N LYS D 323 -33.71 22.52 -9.56
CA LYS D 323 -32.34 22.37 -10.08
C LYS D 323 -31.38 22.02 -8.96
FE HEC E . -43.61 37.66 22.16
CHA HEC E . -45.87 38.88 19.86
CHB HEC E . -45.90 38.04 24.64
CHC HEC E . -41.51 36.11 24.24
CHD HEC E . -41.19 37.59 19.67
NA HEC E . -45.54 38.39 22.23
C1A HEC E . -46.27 38.89 21.19
C2A HEC E . -47.55 39.30 21.74
C3A HEC E . -47.55 39.07 23.06
C4A HEC E . -46.28 38.47 23.39
CMA HEC E . -48.70 39.36 24.05
CAA HEC E . -48.69 39.96 20.98
CBA HEC E . -48.35 41.45 21.19
CGA HEC E . -49.26 42.42 20.41
O1A HEC E . -49.08 42.56 19.18
O2A HEC E . -50.14 43.05 21.04
NB HEC E . -43.71 37.11 24.11
C1B HEC E . -44.75 37.33 24.96
C2B HEC E . -44.42 36.76 26.25
C3B HEC E . -43.20 36.23 26.13
C4B HEC E . -42.73 36.46 24.77
CMB HEC E . -45.31 36.78 27.51
CAB HEC E . -42.41 35.47 27.21
CBB HEC E . -43.06 34.22 27.85
NC HEC E . -41.67 37.00 21.98
C1C HEC E . -40.98 36.42 23.00
C2C HEC E . -39.63 36.13 22.55
C3C HEC E . -39.53 36.53 21.26
C4C HEC E . -40.83 37.09 20.90
CMC HEC E . -38.54 35.47 23.39
CAC HEC E . -38.29 36.44 20.31
CBC HEC E . -37.60 35.09 20.25
ND HEC E . -43.56 38.09 20.12
C1D HEC E . -42.47 37.96 19.29
C2D HEC E . -42.88 38.32 17.96
C3D HEC E . -44.18 38.69 18.00
C4D HEC E . -44.63 38.55 19.37
CMD HEC E . -42.00 38.32 16.71
CAD HEC E . -45.03 39.09 16.80
CBD HEC E . -45.79 37.79 16.41
CGD HEC E . -46.50 37.80 15.04
O1D HEC E . -47.28 36.83 14.78
O2D HEC E . -46.30 38.74 14.22
FE HEC F . -33.41 31.62 14.51
CHA HEC F . -31.18 34.31 14.41
CHB HEC F . -35.35 33.35 16.71
CHC HEC F . -35.74 29.27 14.16
CHD HEC F . -31.21 29.76 12.60
NA HEC F . -33.27 33.49 15.40
C1A HEC F . -32.27 34.41 15.27
C2A HEC F . -32.59 35.54 16.13
C3A HEC F . -33.73 35.27 16.78
C4A HEC F . -34.18 33.97 16.32
CMA HEC F . -34.43 36.19 17.77
CAA HEC F . -31.75 36.79 16.30
CBA HEC F . -30.77 36.41 17.41
CGA HEC F . -29.70 37.49 17.64
O1A HEC F . -29.50 37.91 18.81
O2A HEC F . -29.06 37.89 16.64
NB HEC F . -35.28 31.37 15.27
C1B HEC F . -35.90 32.20 16.15
C2B HEC F . -37.20 31.63 16.44
C3B HEC F . -37.32 30.49 15.73
C4B HEC F . -36.08 30.31 14.99
CMB HEC F . -38.23 32.28 17.37
CAB HEC F . -38.52 29.54 15.69
CBB HEC F . -39.95 29.89 15.26
NC HEC F . -33.42 29.80 13.55
C1C HEC F . -34.51 28.97 13.58
C2C HEC F . -34.18 27.77 12.83
C3C HEC F . -32.90 27.89 12.38
C4C HEC F . -32.43 29.19 12.84
CMC HEC F . -35.16 26.60 12.63
CAC HEC F . -32.03 26.89 11.55
CBC HEC F . -32.76 26.37 10.30
ND HEC F . -31.56 31.99 13.63
C1D HEC F . -30.85 31.08 12.87
C2D HEC F . -29.63 31.73 12.42
C3D HEC F . -29.62 33.00 12.93
C4D HEC F . -30.82 33.17 13.70
CMD HEC F . -28.56 31.07 11.55
CAD HEC F . -28.55 34.07 12.71
CBD HEC F . -27.59 34.20 13.89
CGD HEC F . -28.03 35.33 14.82
O1D HEC F . -28.61 36.34 14.32
O2D HEC F . -27.78 35.20 16.05
FE HEC G . -21.61 12.14 -1.66
CHA HEC G . -22.55 13.64 -4.65
CHB HEC G . -18.59 11.38 -3.00
CHC HEC G . -20.57 11.36 1.38
CHD HEC G . -24.83 12.43 -0.48
NA HEC G . -20.74 12.45 -3.51
C1A HEC G . -21.29 13.06 -4.61
C2A HEC G . -20.28 13.01 -5.67
C3A HEC G . -19.21 12.38 -5.20
C4A HEC G . -19.48 12.02 -3.83
CMA HEC G . -17.91 12.09 -5.94
CAA HEC G . -20.43 13.55 -7.07
CBA HEC G . -21.22 12.50 -7.84
CGA HEC G . -21.43 12.97 -9.30
O1A HEC G . -20.52 13.62 -9.85
O2A HEC G . -22.51 12.69 -9.90
NB HEC G . -19.85 11.50 -0.93
C1B HEC G . -18.70 11.26 -1.63
C2B HEC G . -17.69 10.83 -0.68
C3B HEC G . -18.26 10.85 0.55
C4B HEC G . -19.63 11.26 0.39
CMB HEC G . -16.24 10.47 -1.03
CAB HEC G . -17.61 10.51 1.89
CBB HEC G . -16.41 11.44 2.21
NC HEC G . -22.57 11.91 0.14
C1C HEC G . -21.91 11.52 1.27
C2C HEC G . -22.89 11.38 2.35
C3C HEC G . -24.11 11.69 1.85
C4C HEC G . -23.89 12.01 0.43
CMC HEC G . -22.53 10.98 3.78
CAC HEC G . -25.48 11.64 2.60
CBC HEC G . -25.83 12.43 3.86
ND HEC G . -23.34 12.94 -2.42
C1D HEC G . -24.55 12.97 -1.74
C2D HEC G . -25.51 13.61 -2.61
C3D HEC G . -24.88 13.94 -3.77
C4D HEC G . -23.52 13.51 -3.68
CMD HEC G . -26.96 13.89 -2.28
CAD HEC G . -25.54 14.65 -4.94
CBD HEC G . -25.25 16.16 -4.86
CGD HEC G . -26.11 16.95 -5.87
O1D HEC G . -26.31 18.16 -5.65
O2D HEC G . -26.59 16.36 -6.87
FE HEC H . -31.04 16.98 7.37
CHA HEC H . -32.98 14.12 7.90
CHB HEC H . -28.82 15.13 5.58
CHC HEC H . -29.52 19.81 6.47
CHD HEC H . -33.14 18.75 9.45
NA HEC H . -30.93 14.98 6.86
C1A HEC H . -31.82 13.96 7.19
C2A HEC H . -31.31 12.73 6.63
C3A HEC H . -30.16 13.01 5.99
C4A HEC H . -29.89 14.43 6.13
CMA HEC H . -29.26 12.03 5.24
CAA HEC H . -31.97 11.37 6.74
CBA HEC H . -31.35 10.63 7.93
CGA HEC H . -31.92 9.21 8.10
O1A HEC H . -32.93 8.86 7.45
O2A HEC H . -31.35 8.44 8.90
NB HEC H . -29.45 17.40 6.18
C1B HEC H . -28.65 16.51 5.53
C2B HEC H . -27.63 17.24 4.81
C3B HEC H . -27.84 18.55 5.07
C4B HEC H . -28.98 18.66 5.95
CMB HEC H . -26.55 16.61 3.93
CAB HEC H . -27.04 19.76 4.54
CBB HEC H . -27.27 19.90 3.02
NC HEC H . -31.30 18.95 7.89
C1C HEC H . -30.52 19.95 7.41
C2C HEC H . -30.95 21.19 8.02
C3C HEC H . -32.00 20.92 8.86
C4C HEC H . -32.20 19.48 8.79
CMC HEC H . -30.30 22.54 7.68
CAC HEC H . -32.81 21.89 9.78
CBC HEC H . -33.54 23.00 9.02
ND HEC H . -32.76 16.51 8.46
C1D HEC H . -33.46 17.41 9.24
C2D HEC H . -34.59 16.71 9.83
C3D HEC H . -34.54 15.42 9.40
C4D HEC H . -33.39 15.28 8.54
CMD HEC H . -35.63 17.33 10.77
CAD HEC H . -35.55 14.33 9.71
CBD HEC H . -35.09 13.29 10.75
CGD HEC H . -36.15 12.16 10.76
O1D HEC H . -36.72 11.83 9.69
O2D HEC H . -36.40 11.61 11.87
CA1 DGA I . 2.12 4.99 20.11
CA2 DGA I . 3.55 4.65 20.50
CA3 DGA I . 4.04 3.37 19.81
CA4 DGA I . 5.57 3.23 19.82
CA5 DGA I . 6.01 1.91 19.17
CA6 DGA I . 7.32 2.07 18.38
CA7 DGA I . 7.76 0.75 17.72
CA8 DGA I . 9.19 0.84 17.17
CA9 DGA I . 9.52 -0.30 16.22
CAA DGA I . 11.03 -0.49 16.03
CBA DGA I . 11.34 -1.54 14.96
CCA DGA I . 12.64 -2.29 15.25
OA1 DGA I . 1.34 4.14 19.70
CB1 DGA I . 2.37 8.84 17.24
CB2 DGA I . 2.52 9.03 15.74
CB3 DGA I . 2.91 7.74 15.00
CB4 DGA I . 3.57 8.07 13.66
CB5 DGA I . 3.46 6.98 12.59
CB6 DGA I . 3.76 7.53 11.20
CB7 DGA I . 4.21 6.46 10.22
CB8 DGA I . 4.45 7.05 8.82
CB9 DGA I . 5.49 6.25 8.02
CAB DGA I . 5.68 6.83 6.62
CBB DGA I . 6.94 7.69 6.48
CCB DGA I . 6.72 8.88 5.52
CDB DGA I . 6.07 10.09 6.20
CEB DGA I . 6.43 11.41 5.51
CFB DGA I . 7.60 12.13 6.21
CGB DGA I . 8.00 13.42 5.50
CHB DGA I . 8.67 14.42 6.45
CIB DGA I . 9.48 15.47 5.72
OB1 DGA I . 3.35 8.55 17.88
OG1 DGA I . 1.63 6.37 20.21
CG1 DGA I . 0.79 6.96 19.20
CG2 DGA I . 0.92 8.50 19.23
OG2 DGA I . 1.07 9.04 17.91
CG3 DGA I . -0.33 9.09 19.86
S SO4 J . -1.04 36.99 11.63
O1 SO4 J . 0.24 37.51 11.09
O2 SO4 J . -1.28 37.52 13.00
O3 SO4 J . -0.92 35.52 11.67
O4 SO4 J . -2.14 37.43 10.73
S SO4 K . -6.45 37.58 20.66
O1 SO4 K . -5.06 37.65 21.16
O2 SO4 K . -7.20 38.79 21.06
O3 SO4 K . -6.43 37.50 19.19
O4 SO4 K . -7.09 36.38 21.23
S SO4 L . -4.25 32.03 22.79
O1 SO4 L . -4.40 30.74 23.51
O2 SO4 L . -3.12 32.80 23.37
O3 SO4 L . -5.48 32.83 22.93
O4 SO4 L . -3.96 31.76 21.37
N1 LDA M . 4.83 -21.22 -17.01
O1 LDA M . 5.42 -20.57 -17.90
CM1 LDA M . 3.49 -21.65 -17.47
CM2 LDA M . 5.60 -22.44 -16.69
C1 LDA M . 4.72 -20.39 -15.78
C2 LDA M . 3.88 -19.13 -15.95
C3 LDA M . 4.25 -18.07 -14.91
C4 LDA M . 3.41 -16.83 -15.16
C5 LDA M . 3.79 -15.63 -14.31
C6 LDA M . 2.61 -14.66 -14.17
C7 LDA M . 2.91 -13.24 -14.66
C8 LDA M . 1.60 -12.47 -14.93
C9 LDA M . 1.54 -11.14 -14.18
C10 LDA M . 0.17 -10.47 -14.40
C11 LDA M . 0.01 -9.20 -13.56
C12 LDA M . -1.45 -8.92 -13.25
S SO4 N . 10.22 -27.15 -17.89
O1 SO4 N . 10.40 -28.55 -17.47
O2 SO4 N . 10.34 -26.30 -16.69
O3 SO4 N . 8.89 -26.96 -18.53
O4 SO4 N . 11.24 -26.77 -18.88
S SO4 O . 36.21 -33.98 -7.24
O1 SO4 O . 36.89 -32.68 -7.48
O2 SO4 O . 36.40 -34.37 -5.82
O3 SO4 O . 34.76 -33.85 -7.53
O4 SO4 O . 36.81 -35.02 -8.10
S SO4 P . 2.06 -15.73 -27.03
O1 SO4 P . 3.27 -16.56 -26.95
O2 SO4 P . 2.39 -14.40 -26.46
O3 SO4 P . 1.64 -15.55 -28.43
O4 SO4 P . 0.98 -16.37 -26.25
S SO4 Q . 11.46 -18.73 -32.01
O1 SO4 Q . 10.44 -18.66 -30.94
O2 SO4 Q . 12.68 -17.95 -31.62
O3 SO4 Q . 10.90 -18.15 -33.25
O4 SO4 Q . 11.88 -20.13 -32.26
N1 LDA R . -14.94 -7.66 -24.79
O1 LDA R . -15.83 -7.14 -24.08
CM1 LDA R . -15.45 -7.73 -26.17
CM2 LDA R . -14.66 -9.03 -24.33
C1 LDA R . -13.74 -6.76 -24.78
C2 LDA R . -12.70 -6.98 -23.68
C3 LDA R . -13.20 -6.67 -22.27
C4 LDA R . -12.21 -5.84 -21.48
C5 LDA R . -12.74 -5.54 -20.07
C6 LDA R . -11.63 -5.45 -19.05
C7 LDA R . -12.19 -5.35 -17.62
C8 LDA R . -11.10 -5.61 -16.58
C9 LDA R . -11.17 -4.63 -15.41
C10 LDA R . -9.98 -4.82 -14.49
C11 LDA R . -9.86 -3.62 -13.55
C12 LDA R . -8.79 -3.84 -12.50
N1 LDA S . 15.11 -20.94 -30.57
O1 LDA S . 14.45 -20.53 -31.55
CM1 LDA S . 14.39 -22.09 -30.00
CM2 LDA S . 15.21 -19.80 -29.64
C1 LDA S . 16.41 -21.34 -31.14
C2 LDA S . 17.45 -21.84 -30.15
C3 LDA S . 17.86 -23.26 -30.51
C4 LDA S . 18.70 -23.85 -29.38
C5 LDA S . 19.87 -24.67 -29.91
C6 LDA S . 21.20 -24.00 -29.58
C7 LDA S . 21.64 -24.31 -28.15
C8 LDA S . 22.69 -25.41 -28.10
C9 LDA S . 23.46 -25.38 -26.79
C10 LDA S . 23.88 -26.78 -26.36
C11 LDA S . 22.71 -27.62 -25.87
C12 LDA S . 23.06 -28.42 -24.63
C1 HTO T . 8.44 -3.00 -22.36
O1 HTO T . 7.02 -2.85 -22.50
C2 HTO T . 8.79 -4.48 -22.14
O2 HTO T . 8.35 -5.21 -23.28
C3 HTO T . 10.29 -4.76 -21.85
O3 HTO T . 11.11 -3.70 -22.38
C4 HTO T . 10.81 -6.10 -22.41
C5 HTO T . 12.21 -6.45 -21.90
C6 HTO T . 12.77 -7.71 -22.58
C7 HTO T . 13.84 -7.41 -23.62
C1 HTO U . -8.44 14.94 -29.57
O1 HTO U . -7.41 15.83 -29.11
C2 HTO U . -7.85 13.64 -30.12
O2 HTO U . -7.22 12.92 -29.04
C3 HTO U . -8.93 12.79 -30.81
O3 HTO U . -9.81 12.31 -29.79
C4 HTO U . -8.41 11.60 -31.61
C5 HTO U . -9.50 10.91 -32.45
C6 HTO U . -10.34 9.92 -31.64
C7 HTO U . -10.99 8.85 -32.49
MG BCB V . -4.70 0.67 0.10
CHA BCB V . -4.31 -1.85 2.37
CHB BCB V . -1.52 0.15 -1.05
CHC BCB V . -5.04 3.50 -1.80
CHD BCB V . -8.07 0.93 0.99
NA BCB V . -3.20 -0.61 0.53
C1A BCB V . -3.16 -1.47 1.50
C2A BCB V . -1.85 -2.23 1.58
C3A BCB V . -1.21 -1.89 0.26
C4A BCB V . -2.03 -0.70 -0.14
CMA BCB V . 0.29 -1.65 0.42
CAA BCB V . -1.83 -3.76 1.76
CBA BCB V . -2.77 -4.54 0.83
CGA BCB V . -3.10 -5.92 1.36
O1A BCB V . -3.51 -6.09 2.49
O2A BCB V . -2.96 -7.07 0.51
NB BCB V . -3.46 1.64 -1.22
C1B BCB V . -2.21 1.32 -1.59
C2B BCB V . -1.54 2.23 -2.55
C3B BCB V . -2.60 3.24 -2.75
C4B BCB V . -3.73 2.80 -1.90
CMB BCB V . -0.16 2.07 -3.09
CAB BCB V . -2.56 4.45 -3.64
OBB BCB V . -3.37 5.33 -3.52
CBB BCB V . -1.49 4.60 -4.67
NC BCB V . -6.22 1.96 -0.32
C1C BCB V . -6.25 3.06 -1.08
C2C BCB V . -7.46 3.91 -1.21
C3C BCB V . -8.30 3.02 -0.41
C4C BCB V . -7.52 1.90 0.07
CMC BCB V . -7.34 5.27 -0.52
CAC BCB V . -9.76 2.94 -0.60
CBC BCB V . -10.61 4.09 -1.11
ND BCB V . -5.96 -0.25 1.38
C1D BCB V . -7.23 -0.04 1.65
C2D BCB V . -7.73 -0.92 2.70
C3D BCB V . -6.59 -1.73 3.10
C4D BCB V . -5.62 -1.25 2.25
CMD BCB V . -9.05 -1.10 3.37
CAD BCB V . -5.84 -2.75 3.85
OBD BCB V . -6.43 -3.42 4.78
CBD BCB V . -4.40 -2.83 3.48
CGD BCB V . -3.58 -2.24 4.59
O1D BCB V . -2.54 -2.73 5.00
O2D BCB V . -4.06 -1.01 5.18
CED BCB V . -3.42 -0.41 6.31
C1 BCB V . -3.52 -8.29 1.02
C2 BCB V . -2.93 -9.46 0.29
C3 BCB V . -2.98 -10.70 0.78
C4 BCB V . -3.65 -11.05 2.09
C5 BCB V . -2.33 -11.78 -0.08
C6 BCB V . -2.64 -13.19 0.39
C7 BCB V . -1.90 -14.23 -0.43
C8 BCB V . -2.30 -15.64 0.00
C9 BCB V . -1.51 -16.08 1.22
C10 BCB V . -2.08 -16.62 -1.15
C11 BCB V . -3.22 -16.61 -2.17
C12 BCB V . -2.93 -17.74 -3.13
C13 BCB V . -3.80 -17.81 -4.39
C14 BCB V . -5.28 -17.90 -4.08
C15 BCB V . -3.31 -19.05 -5.12
C16 BCB V . -3.63 -19.08 -6.61
C17 BCB V . -2.34 -18.96 -7.41
C18 BCB V . -2.46 -19.56 -8.79
C19 BCB V . -2.16 -21.05 -8.78
C20 BCB V . -1.49 -18.81 -9.70
MG BCB W . -6.24 -8.44 -4.57
CHA BCB W . -5.84 -7.04 -7.67
CHB BCB W . -5.92 -11.55 -5.99
CHC BCB W . -6.51 -9.77 -1.43
CHD BCB W . -6.59 -5.25 -3.17
NA BCB W . -5.96 -9.18 -6.45
C1A BCB W . -5.74 -8.51 -7.54
C2A BCB W . -5.34 -9.37 -8.73
C3A BCB W . -5.85 -10.71 -8.27
C4A BCB W . -5.92 -10.48 -6.79
CMA BCB W . -7.20 -11.13 -8.86
CAA BCB W . -3.83 -9.43 -9.08
CBA BCB W . -2.98 -9.77 -7.86
CGA BCB W . -1.52 -9.99 -8.12
O1A BCB W . -1.02 -10.05 -9.23
O2A BCB W . -0.71 -10.14 -6.93
NB BCB W . -6.25 -10.38 -3.85
C1B BCB W . -6.07 -11.53 -4.52
C2B BCB W . -6.07 -12.77 -3.69
C3B BCB W . -6.26 -12.20 -2.34
C4B BCB W . -6.32 -10.74 -2.55
CMB BCB W . -5.91 -14.18 -4.18
CAB BCB W . -6.32 -12.92 -1.03
OBB BCB W . -6.22 -12.31 0.02
CBB BCB W . -6.44 -14.41 -1.03
NC BCB W . -6.51 -7.70 -2.70
C1C BCB W . -6.61 -8.32 -1.52
C2C BCB W . -7.14 -7.65 -0.30
C3C BCB W . -6.79 -6.34 -0.85
C4C BCB W . -6.62 -6.41 -2.29
CMC BCB W . -8.65 -7.77 -0.13
CAC BCB W . -6.80 -5.08 -0.04
CBC BCB W . -6.69 -5.05 1.46
ND BCB W . -6.22 -6.53 -5.24
C1D BCB W . -6.39 -5.38 -4.60
C2D BCB W . -6.35 -4.25 -5.50
C3D BCB W . -6.12 -4.81 -6.84
C4D BCB W . -6.04 -6.16 -6.54
CMD BCB W . -6.51 -2.77 -5.30
CAD BCB W . -5.93 -4.85 -8.29
OBD BCB W . -5.96 -3.74 -8.90
CBD BCB W . -5.71 -6.20 -8.87
CGD BCB W . -6.72 -6.48 -9.92
O1D BCB W . -6.41 -6.34 -11.09
O2D BCB W . -8.03 -6.92 -9.54
CED BCB W . -9.00 -7.37 -10.47
C1 BCB W . 0.69 -10.45 -7.02
C2 BCB W . 0.82 -11.91 -7.43
C3 BCB W . 1.27 -12.35 -8.62
C4 BCB W . 1.72 -11.47 -9.76
C5 BCB W . 1.31 -13.84 -8.86
C6 BCB W . 0.12 -14.20 -9.74
C7 BCB W . -1.20 -14.16 -8.97
C8 BCB W . -2.43 -14.45 -9.84
C9 BCB W . -2.59 -13.41 -10.95
C10 BCB W . -3.65 -14.52 -8.92
C11 BCB W . -4.87 -15.15 -9.58
C12 BCB W . -5.88 -15.47 -8.50
C13 BCB W . -7.09 -16.24 -9.00
C14 BCB W . -7.84 -15.44 -10.06
C15 BCB W . -7.98 -16.57 -7.80
C16 BCB W . -7.91 -18.04 -7.41
C17 BCB W . -8.91 -18.85 -8.21
C18 BCB W . -8.99 -20.30 -7.77
C19 BCB W . -7.74 -21.10 -8.17
C20 BCB W . -10.29 -20.92 -8.32
C1 BPB X . -1.89 -23.29 -2.40
C2 BPB X . -3.28 -22.82 -2.78
C3 BPB X . -3.75 -22.84 -4.06
C4 BPB X . -2.89 -23.30 -5.20
C5 BPB X . -5.16 -22.41 -4.43
C6 BPB X . -6.10 -22.35 -3.23
C7 BPB X . -7.53 -22.17 -3.69
C8 BPB X . -8.45 -21.90 -2.49
C9 BPB X . -8.69 -23.18 -1.70
NA BPB X . 1.97 -16.20 -3.21
NB BPB X . 0.85 -13.45 -2.97
NC BPB X . 3.14 -12.51 -1.11
ND BPB X . 4.19 -15.11 -1.35
C10 BPB X . -9.76 -21.31 -2.98
C11 BPB X . -9.63 -19.83 -3.35
C12 BPB X . -9.85 -18.97 -2.13
C13 BPB X . -9.35 -17.55 -2.33
C14 BPB X . -9.19 -16.86 -0.97
C15 BPB X . -10.28 -16.81 -3.29
C16 BPB X . -9.81 -15.39 -3.54
C17 BPB X . -10.41 -14.78 -4.81
C18 BPB X . -9.72 -13.47 -5.17
C19 BPB X . -10.30 -12.91 -6.46
C1A BPB X . 2.54 -17.31 -3.04
O1A BPB X . -0.92 -20.85 -1.58
C1B BPB X . -0.05 -13.97 -3.82
C1C BPB X . 2.39 -11.42 -1.19
C1D BPB X . 5.19 -14.60 -0.63
O1D BPB X . 4.95 -20.46 -3.76
C20 BPB X . -9.80 -12.44 -4.05
C2A BPB X . 1.81 -18.43 -3.75
O2A BPB X . -0.87 -22.57 -3.08
C2B BPB X . -1.10 -13.02 -4.27
C2C BPB X . 3.00 -10.30 -0.42
C2D BPB X . 6.21 -15.61 -0.40
O2D BPB X . 5.51 -18.37 -4.60
C3A BPB X . 0.88 -17.65 -4.66
C3B BPB X . -0.72 -11.82 -3.51
C3C BPB X . 4.34 -10.85 -0.03
C3D BPB X . 5.77 -16.84 -1.07
C4A BPB X . 0.94 -16.30 -4.04
C4B BPB X . 0.48 -12.18 -2.74
C4C BPB X . 4.19 -12.28 -0.43
C4D BPB X . 4.55 -16.42 -1.60
CAA BPB X . 1.03 -19.27 -2.78
CAB BPB X . -1.40 -10.50 -3.51
CAC BPB X . 4.73 -10.65 1.42
CAD BPB X . 5.87 -18.25 -1.48
CBA BPB X . 0.55 -20.55 -3.46
CBB BPB X . -2.88 -10.47 -3.73
OBB BPB X . -0.77 -9.49 -3.32
CBC BPB X . 4.84 -9.19 1.75
CBD BPB X . 4.65 -18.69 -2.25
OBD BPB X . 6.74 -19.03 -0.95
CED BPB X . 5.60 -18.80 -5.94
CGA BPB X . -0.46 -21.28 -2.62
CGD BPB X . 5.03 -19.26 -3.57
CHA BPB X . 3.82 -17.47 -2.32
CHB BPB X . 0.02 -15.37 -4.33
CHC BPB X . 1.23 -11.25 -1.86
CHD BPB X . 5.24 -13.23 -0.14
CMA BPB X . 1.38 -17.53 -6.10
CMB BPB X . -2.26 -13.24 -5.20
CMC BPB X . 3.19 -9.08 -1.31
CMD BPB X . 7.52 -15.60 0.33
N1 LDA Y . -14.19 -11.04 21.41
O1 LDA Y . -15.05 -10.58 20.62
CM1 LDA Y . -13.92 -10.01 22.44
CM2 LDA Y . -14.77 -12.25 22.02
C1 LDA Y . -12.99 -11.36 20.59
C2 LDA Y . -11.70 -11.62 21.40
C3 LDA Y . -10.67 -12.43 20.61
C4 LDA Y . -9.76 -11.54 19.78
C5 LDA Y . -9.02 -12.31 18.69
C6 LDA Y . -7.53 -11.94 18.58
C7 LDA Y . -7.33 -10.63 17.81
C8 LDA Y . -5.98 -9.97 18.10
C9 LDA Y . -4.84 -10.61 17.29
C10 LDA Y . -4.40 -9.75 16.09
C11 LDA Y . -3.43 -8.63 16.46
C12 LDA Y . -2.09 -8.79 15.76
C1 HTO Z . -14.94 -19.92 10.25
O1 HTO Z . -14.52 -18.87 9.36
C2 HTO Z . -16.42 -19.72 10.60
O2 HTO Z . -17.13 -19.53 9.37
C3 HTO Z . -17.03 -20.88 11.42
O3 HTO Z . -17.52 -21.89 10.54
C4 HTO Z . -18.19 -20.51 12.36
C5 HTO Z . -18.24 -21.40 13.61
C6 HTO Z . -19.64 -21.51 14.22
C7 HTO Z . -19.63 -21.48 15.74
FE FE2 AA . 19.90 -11.18 -5.91
C1 MQ7 BA . 14.84 -17.23 -6.59
O1 MQ7 BA . 15.29 -16.34 -5.83
C2 MQ7 BA . 13.37 -17.37 -6.79
C2M MQ7 BA . 12.43 -16.45 -6.04
C3 MQ7 BA . 12.83 -18.42 -7.71
C4 MQ7 BA . 13.78 -19.31 -8.45
O4 MQ7 BA . 13.32 -20.19 -9.19
C5 MQ7 BA . 15.24 -19.18 -8.26
C6 MQ7 BA . 16.11 -20.01 -8.93
C7 MQ7 BA . 17.49 -19.87 -8.74
C8 MQ7 BA . 18.01 -18.89 -7.88
C9 MQ7 BA . 17.16 -18.03 -7.17
C10 MQ7 BA . 15.78 -18.13 -7.32
C11 MQ7 BA . 11.35 -18.60 -7.97
C12 MQ7 BA . 11.01 -17.58 -9.05
C13 MQ7 BA . 10.60 -17.83 -10.31
C14 MQ7 BA . 10.41 -19.20 -10.91
C15 MQ7 BA . 10.30 -16.63 -11.22
C16 MQ7 BA . 8.81 -16.52 -11.54
C17 MQ7 BA . 7.96 -16.46 -10.29
C18 MQ7 BA . 6.93 -15.62 -10.09
C19 MQ7 BA . 6.51 -14.60 -11.11
C20 MQ7 BA . 6.17 -15.68 -8.79
C21 MQ7 BA . 4.71 -16.08 -8.96
C22 MQ7 BA . 4.58 -17.59 -9.15
C23 MQ7 BA . 3.52 -18.16 -9.73
C24 MQ7 BA . 2.36 -17.37 -10.27
C25 MQ7 BA . 3.47 -19.67 -9.89
C26 MQ7 BA . 2.45 -20.29 -8.93
C27 MQ7 BA . 2.45 -21.80 -9.06
C28 MQ7 BA . 1.93 -22.59 -8.09
C29 MQ7 BA . 1.32 -22.01 -6.84
C30 MQ7 BA . 1.96 -24.11 -8.26
C31 MQ7 BA . 0.56 -24.68 -8.51
C32 MQ7 BA . 0.66 -26.19 -8.49
C33 MQ7 BA . -0.06 -27.01 -7.72
C34 MQ7 BA . -1.11 -26.53 -6.75
C35 MQ7 BA . 0.18 -28.50 -7.80
C36 MQ7 BA . 1.02 -28.94 -6.60
C37 MQ7 BA . 1.36 -30.42 -6.74
C38 MQ7 BA . 1.55 -31.28 -5.74
C39 MQ7 BA . 1.48 -30.88 -4.29
C40 MQ7 BA . 1.86 -32.72 -6.08
C41 MQ7 BA . 0.64 -33.63 -6.14
C42 MQ7 BA . -0.15 -33.42 -7.42
C43 MQ7 BA . -1.22 -34.15 -7.78
C44 MQ7 BA . -1.93 -33.83 -9.07
C45 MQ7 BA . -1.74 -35.30 -6.94
MG BCB CA . 3.89 9.87 -2.78
CHA BCB CA . 3.47 8.68 0.41
CHB BCB CA . 6.80 11.38 -1.78
CHC BCB CA . 4.28 10.94 -6.00
CHD BCB CA . 0.98 8.22 -3.78
NA BCB CA . 4.91 10.07 -1.05
C1A BCB CA . 4.67 9.50 0.09
C2A BCB CA . 5.77 9.66 1.11
C3A BCB CA . 6.51 10.85 0.56
C4A BCB CA . 6.05 10.78 -0.87
CMA BCB CA . 6.17 12.20 1.20
CAA BCB CA . 6.68 8.43 1.23
CBA BCB CA . 7.33 7.99 -0.10
CGA BCB CA . 8.19 6.75 0.02
O1A BCB CA . 8.40 6.23 1.10
O2A BCB CA . 8.77 6.20 -1.18
NB BCB CA . 5.31 11.01 -3.70
C1B BCB CA . 6.45 11.52 -3.20
C2B BCB CA . 7.29 12.28 -4.14
C3B BCB CA . 6.53 12.13 -5.37
C4B BCB CA . 5.34 11.32 -5.02
CMB BCB CA . 8.60 12.98 -3.88
CAB BCB CA . 6.94 12.68 -6.69
OBB BCB CA . 7.44 13.80 -6.79
CBB BCB CA . 6.78 11.78 -7.88
NC BCB CA . 2.87 9.63 -4.53
C1C BCB CA . 3.10 10.12 -5.75
C2C BCB CA . 2.12 10.04 -6.86
C3C BCB CA . 1.28 9.07 -6.16
C4C BCB CA . 1.74 8.94 -4.77
CMC BCB CA . 1.34 11.32 -7.06
CAC BCB CA . 0.89 7.84 -6.89
CBC BCB CA . -0.03 7.90 -8.07
ND BCB CA . 2.47 8.71 -1.91
C1D BCB CA . 1.39 8.13 -2.39
C2D BCB CA . 0.65 7.37 -1.37
C3D BCB CA . 1.44 7.54 -0.14
C4D BCB CA . 2.48 8.32 -0.60
CMD BCB CA . -0.63 6.58 -1.37
CAD BCB CA . 1.79 7.39 1.28
OBD BCB CA . 1.02 6.70 2.02
CBD BCB CA . 3.05 8.06 1.68
CGD BCB CA . 2.78 9.08 2.72
O1D BCB CA . 3.07 8.86 3.88
O2D BCB CA . 2.17 10.32 2.34
CED BCB CA . 1.37 11.04 3.25
C1 BCB CA . 9.84 5.25 -1.10
C2 BCB CA . 11.07 5.99 -0.62
C3 BCB CA . 12.22 6.09 -1.30
C4 BCB CA . 12.43 5.46 -2.64
C5 BCB CA . 13.35 6.88 -0.68
C6 BCB CA . 14.19 5.98 0.21
C7 BCB CA . 14.98 6.81 1.22
C8 BCB CA . 16.38 6.25 1.48
C9 BCB CA . 16.88 6.66 2.87
C10 BCB CA . 17.34 6.67 0.36
C11 BCB CA . 18.47 5.67 0.14
C12 BCB CA . 19.77 6.33 -0.30
C13 BCB CA . 20.54 6.96 0.87
C14 BCB CA . 21.41 8.14 0.44
C15 BCB CA . 21.39 5.90 1.59
C16 BCB CA . 21.97 6.41 2.91
C17 BCB CA . 22.29 5.28 3.89
C18 BCB CA . 22.59 5.80 5.30
C19 BCB CA . 23.82 6.70 5.31
C20 BCB CA . 22.72 4.65 6.32
MG BCB DA . -3.75 3.59 -6.80
CHA BCB DA . -1.72 4.65 -9.34
CHB BCB DA . -1.58 1.04 -6.14
CHC BCB DA . -6.10 2.35 -4.70
CHD BCB DA . -5.64 6.52 -7.09
NA BCB DA . -2.00 2.93 -7.60
C1A BCB DA . -1.39 3.39 -8.66
C2A BCB DA . -0.13 2.60 -9.01
C3A BCB DA . 0.12 1.85 -7.71
C4A BCB DA . -1.24 1.91 -7.09
CMA BCB DA . 0.71 0.48 -7.94
CAA BCB DA . 1.19 3.28 -9.45
CBA BCB DA . 1.67 4.47 -8.61
CGA BCB DA . 3.04 4.34 -7.97
O1A BCB DA . 3.66 3.31 -7.81
O2A BCB DA . 3.60 5.58 -7.49
NB BCB DA . -3.80 1.94 -5.61
C1B BCB DA . -2.84 1.01 -5.41
C2B BCB DA . -3.18 -0.09 -4.48
C3B BCB DA . -4.55 0.32 -4.06
C4B BCB DA . -4.83 1.57 -4.82
CMB BCB DA . -2.30 -1.24 -4.13
CAB BCB DA . -5.48 -0.37 -3.10
OBB BCB DA . -6.61 0.01 -2.93
CBB BCB DA . -5.02 -1.55 -2.31
NC BCB DA . -5.49 4.28 -6.02
C1C BCB DA . -6.37 3.69 -5.22
C2C BCB DA . -7.77 4.18 -5.10
C3C BCB DA . -7.38 5.52 -5.53
C4C BCB DA . -6.09 5.47 -6.21
CMC BCB DA . -8.70 3.55 -6.13
CAC BCB DA . -7.97 6.78 -4.98
CBC BCB DA . -9.34 6.80 -4.33
ND BCB DA . -3.73 5.27 -7.95
C1D BCB DA . -4.51 6.33 -7.97
C2D BCB DA . -4.16 7.27 -9.03
C3D BCB DA . -2.97 6.70 -9.69
C4D BCB DA . -2.83 5.51 -8.96
CMD BCB DA . -4.72 8.60 -9.45
CAD BCB DA . -1.85 6.55 -10.64
OBD BCB DA . -1.60 7.44 -11.52
CBD BCB DA . -1.11 5.27 -10.51
CGD BCB DA . -1.55 4.40 -11.66
O1D BCB DA . -1.10 3.29 -11.87
O2D BCB DA . -2.62 4.84 -12.53
CED BCB DA . -3.17 4.01 -13.56
C1 BCB DA . 4.84 5.60 -6.79
C2 BCB DA . 6.01 5.87 -7.72
C3 BCB DA . 6.22 7.09 -8.26
C4 BCB DA . 5.34 8.27 -8.01
C5 BCB DA . 7.43 7.30 -9.16
C6 BCB DA . 8.33 8.39 -8.57
C7 BCB DA . 9.71 8.31 -9.19
C8 BCB DA . 10.49 9.62 -9.18
C9 BCB DA . 11.65 9.53 -10.19
C10 BCB DA . 11.01 9.95 -7.78
C11 BCB DA . 11.73 11.30 -7.74
C12 BCB DA . 11.54 12.06 -6.42
C13 BCB DA . 12.66 13.05 -6.13
C14 BCB DA . 13.86 12.33 -5.53
C15 BCB DA . 12.20 14.14 -5.15
C16 BCB DA . 12.09 15.51 -5.81
C17 BCB DA . 10.91 16.32 -5.28
C18 BCB DA . 11.24 17.75 -4.85
C19 BCB DA . 9.95 18.51 -4.63
C20 BCB DA . 12.12 18.50 -5.85
C1 BPB EA . 16.86 14.76 -7.42
C2 BPB EA . 17.61 15.88 -6.71
C3 BPB EA . 17.56 16.17 -5.37
C4 BPB EA . 18.35 17.33 -4.84
C5 BPB EA . 16.74 15.38 -4.37
C6 BPB EA . 17.54 15.13 -3.06
C7 BPB EA . 16.96 14.05 -2.14
C8 BPB EA . 16.97 12.60 -2.64
C9 BPB EA . 16.40 11.66 -1.58
NA BPB EA . 14.37 7.24 -6.67
NB BPB EA . 11.50 6.67 -6.00
NC BPB EA . 11.20 4.34 -8.06
ND BPB EA . 14.00 4.85 -8.59
C10 BPB EA . 18.36 12.12 -3.15
C11 BPB EA . 19.50 12.29 -2.15
C12 BPB EA . 20.67 11.34 -2.47
C13 BPB EA . 22.02 11.84 -1.93
C14 BPB EA . 23.14 10.97 -2.49
C15 BPB EA . 22.01 11.85 -0.38
C16 BPB EA . 23.37 12.04 0.32
C17 BPB EA . 23.72 10.80 1.17
C18 BPB EA . 25.17 10.77 1.69
C19 BPB EA . 25.55 12.02 2.46
C1A BPB EA . 15.50 7.39 -7.21
O1A BPB EA . 16.22 12.28 -8.88
C1B BPB EA . 11.73 7.69 -5.14
C1C BPB EA . 9.95 4.42 -7.62
C1D BPB EA . 13.84 3.75 -9.32
O1D BPB EA . 19.41 7.06 -7.67
C20 BPB EA . 25.41 9.50 2.52
C2A BPB EA . 16.23 8.60 -6.68
O2A BPB EA . 17.47 13.47 -7.29
C2B BPB EA . 10.53 8.13 -4.40
C2C BPB EA . 9.08 3.34 -8.22
C2D BPB EA . 15.11 3.42 -9.98
O2D BPB EA . 18.46 5.23 -6.64
C3A BPB EA . 15.49 8.80 -5.37
C3B BPB EA . 9.51 7.25 -4.95
C3C BPB EA . 10.16 2.40 -8.71
C3D BPB EA . 16.10 4.45 -9.57
C4A BPB EA . 14.20 8.08 -5.65
C4B BPB EA . 10.18 6.39 -5.95
C4C BPB EA . 11.34 3.32 -8.79
C4D BPB EA . 15.32 5.23 -8.73
CAA BPB EA . 16.16 9.84 -7.58
CAB BPB EA . 8.07 7.21 -4.57
CAC BPB EA . 9.88 1.57 -9.95
CAD BPB EA . 17.45 5.08 -9.53
CBA BPB EA . 17.04 10.97 -7.06
CBB BPB EA . 7.58 5.88 -4.21
OBB BPB EA . 7.35 8.19 -4.50
CBC BPB EA . 8.80 0.52 -9.76
CBD BPB EA . 17.43 6.32 -8.68
OBD BPB EA . 18.31 4.85 -10.44
CED BPB EA . 19.56 4.98 -5.76
CGA BPB EA . 16.85 12.26 -7.83
CGD BPB EA . 18.50 6.25 -7.65
CHA BPB EA . 16.06 6.38 -8.17
CHB BPB EA . 13.07 8.31 -4.96
CHC BPB EA . 9.50 5.30 -6.72
CHD BPB EA . 12.59 3.00 -9.49
CMA BPB EA . 16.17 8.18 -4.16
CMB BPB EA . 10.36 9.20 -3.36
CMC BPB EA . 8.23 2.65 -7.15
CMD BPB EA . 15.57 2.34 -10.91
C1 NS5 FA . 10.45 13.66 0.00
CM1 NS5 FA . 11.83 13.08 -0.32
CM2 NS5 FA . 10.09 13.50 1.48
C2 NS5 FA . 10.28 15.12 -0.48
C3 NS5 FA . 11.07 16.13 0.34
C4 NS5 FA . 11.07 17.52 -0.29
C5 NS5 FA . 11.36 18.61 0.74
C6 NS5 FA . 12.40 18.32 1.80
C7 NS5 FA . 10.75 19.83 0.79
C8 NS5 FA . 9.68 20.38 -0.16
C9 NS5 FA . 8.30 20.40 0.50
C10 NS5 FA . 7.74 19.04 0.30
C11 NS5 FA . 7.94 17.99 1.35
C12 NS5 FA . 7.11 18.81 -0.85
C13 NS5 FA . 6.59 17.50 -1.19
C14 NS5 FA . 6.04 17.36 -2.39
C15 NS5 FA . 5.54 16.07 -2.93
C16 NS5 FA . 5.53 14.81 -2.11
C17 NS5 FA . 5.16 16.14 -4.22
C18 NS5 FA . 4.74 14.99 -4.97
C19 NS5 FA . 4.43 14.96 -6.26
C20 NS5 FA . 4.43 16.05 -7.26
C21 NS5 FA . 4.33 15.79 -8.61
C22 NS5 FA . 4.13 14.41 -9.16
C23 NS5 FA . 4.42 16.90 -9.60
C24 NS5 FA . 4.79 16.71 -10.88
C25 NS5 FA . 4.97 17.85 -11.78
C26 NS5 FA . 5.59 17.84 -12.99
C27 NS5 FA . 6.10 16.59 -13.66
C28 NS5 FA . 5.70 19.13 -13.71
C29 NS5 FA . 6.21 19.26 -14.94
C30 NS5 FA . 6.29 20.59 -15.54
C31 NS5 FA . 6.93 20.87 -16.70
C32 NS5 FA . 7.61 19.86 -17.58
C33 NS5 FA . 6.95 22.31 -17.18
C34 NS5 FA . 6.27 22.41 -18.53
C35 NS5 FA . 5.71 23.81 -18.79
C36 NS5 FA . 6.78 24.78 -19.30
CM3 NS5 FA . 6.98 24.64 -20.81
CM4 NS5 FA . 6.45 26.23 -18.91
S SO4 GA . 28.95 13.07 -14.88
O1 SO4 GA . 30.42 13.12 -14.76
O2 SO4 GA . 28.38 12.92 -13.54
O3 SO4 GA . 28.41 14.29 -15.49
O4 SO4 GA . 28.62 11.91 -15.72
S SO4 HA . 20.03 -24.84 11.40
O1 SO4 HA . 19.97 -26.14 12.10
O2 SO4 HA . 21.25 -24.12 11.78
O3 SO4 HA . 20.01 -25.06 9.94
O4 SO4 HA . 18.85 -24.02 11.79
S SO4 IA . 20.80 -7.85 -21.59
O1 SO4 IA . 20.68 -8.44 -20.24
O2 SO4 IA . 22.01 -7.01 -21.62
O3 SO4 IA . 20.87 -8.98 -22.51
O4 SO4 IA . 19.66 -6.98 -21.91
S SO4 JA . 28.97 3.63 15.23
O1 SO4 JA . 30.42 3.41 14.96
O2 SO4 JA . 28.75 3.63 16.70
O3 SO4 JA . 28.56 4.92 14.62
O4 SO4 JA . 28.18 2.53 14.64
S SO4 KA . 19.34 -3.19 -21.73
O1 SO4 KA . 18.80 -3.93 -20.57
O2 SO4 KA . 20.08 -1.99 -21.25
O3 SO4 KA . 18.21 -2.78 -22.59
O4 SO4 KA . 20.28 -4.06 -22.46
S SO4 LA . 0.25 37.50 -10.45
O1 SO4 LA . 0.79 38.85 -10.73
O2 SO4 LA . 0.77 37.04 -9.13
O3 SO4 LA . -1.23 37.58 -10.40
O4 SO4 LA . 0.65 36.58 -11.54
S SO4 MA . 24.58 -15.28 18.88
O1 SO4 MA . 25.77 -14.97 18.05
O2 SO4 MA . 25.02 -15.75 20.21
O3 SO4 MA . 23.74 -14.05 19.00
O4 SO4 MA . 23.76 -16.32 18.23
S SO4 NA . 40.35 3.31 4.79
O1 SO4 NA . 41.32 3.66 3.73
O2 SO4 NA . 40.86 3.73 6.10
O3 SO4 NA . 39.05 3.98 4.53
O4 SO4 NA . 40.13 1.84 4.79
N1 LDA OA . 29.44 13.33 -19.47
O1 LDA OA . 29.15 12.68 -18.45
CM1 LDA OA . 30.91 13.30 -19.63
CM2 LDA OA . 28.81 12.71 -20.65
C1 LDA OA . 29.01 14.75 -19.33
C2 LDA OA . 27.50 14.96 -19.11
C3 LDA OA . 27.20 16.39 -18.67
C4 LDA OA . 25.70 16.62 -18.58
C5 LDA OA . 25.32 17.99 -18.02
C6 LDA OA . 23.92 17.97 -17.41
C7 LDA OA . 23.20 19.32 -17.47
C8 LDA OA . 22.04 19.34 -18.47
C9 LDA OA . 20.78 18.69 -17.90
C10 LDA OA . 19.64 18.62 -18.92
C11 LDA OA . 18.75 17.40 -18.69
C12 LDA OA . 17.48 17.45 -19.51
N1 LDA PA . 24.26 -7.91 19.19
O1 LDA PA . 23.91 -9.10 19.38
CM1 LDA PA . 25.73 -7.84 19.19
CM2 LDA PA . 23.75 -7.07 20.29
C1 LDA PA . 23.73 -7.43 17.88
C2 LDA PA . 22.31 -7.92 17.53
C3 LDA PA . 21.67 -7.03 16.46
C4 LDA PA . 20.43 -7.67 15.86
C5 LDA PA . 19.85 -6.83 14.71
C6 LDA PA . 18.86 -7.63 13.87
C7 LDA PA . 18.11 -6.75 12.86
C8 LDA PA . 17.15 -7.55 11.96
C9 LDA PA . 17.43 -7.35 10.47
C10 LDA PA . 17.05 -5.95 9.94
C11 LDA PA . 17.58 -5.68 8.53
C12 LDA PA . 17.39 -4.24 8.10
N1 LDA QA . 2.47 -24.60 -13.55
O1 LDA QA . 2.91 -25.41 -12.69
CM1 LDA QA . 2.18 -25.35 -14.79
CM2 LDA QA . 3.52 -23.61 -13.77
C1 LDA QA . 1.25 -23.96 -12.98
C2 LDA QA . 0.48 -23.02 -13.92
C3 LDA QA . -0.18 -21.87 -13.16
C4 LDA QA . 0.60 -20.55 -13.22
C5 LDA QA . -0.12 -19.46 -14.00
C6 LDA QA . -0.25 -18.11 -13.27
C7 LDA QA . -1.56 -17.36 -13.60
C8 LDA QA . -1.35 -15.91 -14.05
C9 LDA QA . -2.66 -15.16 -14.30
C10 LDA QA . -3.43 -15.67 -15.52
C11 LDA QA . -4.49 -14.69 -16.03
C12 LDA QA . -5.14 -15.19 -17.30
#